data_7SG2
#
_entry.id   7SG2
#
_cell.length_a   137.245
_cell.length_b   75.108
_cell.length_c   216.431
_cell.angle_alpha   90.000
_cell.angle_beta   103.160
_cell.angle_gamma   90.000
#
_symmetry.space_group_name_H-M   'C 1 2 1'
#
loop_
_entity.id
_entity.type
_entity.pdbx_description
1 polymer 'HLA class II histocompatibility antigen, DQ alpha 1 chain'
2 polymer 'MHC class II HLA-DQ-beta-1'
3 polymer 'T-cell receptor, xpa5, alpha chain'
4 polymer 'T-cell receptor, xpa5, beta chain'
5 polymer 'DQ2-glia-omega1 peptide'
6 non-polymer 2-acetamido-2-deoxy-beta-D-glucopyranose
7 non-polymer 1,2-ETHANEDIOL
8 non-polymer 'ACETATE ION'
9 non-polymer 'CALCIUM ION'
10 water water
#
loop_
_entity_poly.entity_id
_entity_poly.type
_entity_poly.pdbx_seq_one_letter_code
_entity_poly.pdbx_strand_id
1 'polypeptide(L)'
;EDIVADHVASYGVNLYQSYGPSGQYTHEFDGDEQFYVDLGRKETVWCLPVLRQFRFDPQFALTNIAVLKHNLNSLIKRSN
STAATNEVPEVTVFSKSPVTLGQPNILICLVDNIFPPVVNITWLSNGHSVTEGVSETSFLSKSDHSFFKISYLTLLPSAE
ESYDCKVEHWGLDKPLLKHWEPE
;
A,F
2 'polypeptide(L)'
;GGSIEGRGGSGASRDSPEDFVYQFKGMCYFTNGTERVRLVSRSIYNREEIVRFDSDVGEFRAVTLLGLPAAEYWNSQKDI
LERKRAAVDRVCRHNYQLELRTTLQRRVEPTVTISPSRTEALNHHNLLVCSVTDFYPAQIKVRWFRNDQEETAGVVSTPL
IRNGDWTFQILVMLEMTPQRGDVYTCHVEHPSLQSPITVEWRAQS
;
B,G
3 'polypeptide(L)'
;HMKTTQPISMDSYEGQEVNITCSHNNIATNDYITWYQQFPSQGPRFIIQGYKTKVTNEVASLFIPADRKSSTLSLPRVSL
SDTAVYYCLVGGLARDMRFGAGTRLTVKPNIQNPDPAVYQLRDSKSSDKSVCLFTDFDSQTNVSQSKDSDVYITDKCVLD
MRSMDFKSNSAVAWSNKSDFACANAFNNSIIPEDTFFPSPESS
;
D,I
4 'polypeptide(L)'
;HMAVISQKPSRDICQRGTSLTIQCQVDSQVTMMFWYRQQPGQSLTLIATANQGSEATYESGFVIDKFPISRPNLTFSTLT
VSNMSPEDSSIYLCSVALGSDTGELFFGEGSRLTVLEDLKNVFPPEVAVFEPSEAEISHTQKATLVCLATGFFPDHVELS
WWVNGKEVHSGVCTDPQPLKEQPALNDSRYALSSRLRVSATFWQNPRNHFRCQVQFYGLSENDEWTQDRAKPVTQIVSAE
AWGRAD
;
E,J
5 'polypeptide(L)' QPFPQPEQPFPGS C,H
#
# COMPACT_ATOMS: atom_id res chain seq x y z
N VAL A 4 -11.09 -1.60 3.07
CA VAL A 4 -11.38 -2.75 2.23
C VAL A 4 -12.87 -2.78 1.88
N ALA A 5 -13.17 -3.20 0.66
CA ALA A 5 -14.56 -3.27 0.20
C ALA A 5 -14.71 -4.42 -0.77
N ASP A 6 -15.95 -4.90 -0.91
CA ASP A 6 -16.23 -5.99 -1.83
C ASP A 6 -16.02 -5.56 -3.28
N HIS A 7 -16.41 -4.34 -3.62
CA HIS A 7 -16.26 -3.81 -4.96
C HIS A 7 -15.74 -2.38 -4.88
N VAL A 8 -14.90 -2.02 -5.85
CA VAL A 8 -14.33 -0.68 -5.93
C VAL A 8 -14.48 -0.17 -7.36
N ALA A 9 -14.86 1.09 -7.48
CA ALA A 9 -15.07 1.71 -8.77
C ALA A 9 -14.61 3.16 -8.70
N SER A 10 -13.94 3.61 -9.76
CA SER A 10 -13.52 5.00 -9.91
C SER A 10 -14.40 5.60 -11.00
N TYR A 11 -15.52 6.20 -10.57
CA TYR A 11 -16.43 6.89 -11.50
C TYR A 11 -15.85 8.27 -11.79
N GLY A 12 -14.69 8.24 -12.46
CA GLY A 12 -13.96 9.45 -12.77
C GLY A 12 -12.49 9.32 -12.46
N VAL A 13 -11.70 8.84 -13.42
CA VAL A 13 -10.25 8.86 -13.34
C VAL A 13 -9.80 10.01 -14.23
N ASN A 14 -9.50 11.14 -13.62
CA ASN A 14 -9.14 12.35 -14.35
C ASN A 14 -7.64 12.54 -14.32
N LEU A 15 -7.05 12.73 -15.49
CA LEU A 15 -5.60 12.85 -15.62
C LEU A 15 -5.28 14.01 -16.56
N TYR A 16 -4.39 14.90 -16.11
CA TYR A 16 -3.90 15.99 -16.95
C TYR A 16 -2.46 16.27 -16.55
N GLN A 17 -1.55 16.18 -17.51
CA GLN A 17 -0.14 16.42 -17.27
C GLN A 17 0.36 17.57 -18.13
N SER A 18 1.57 18.03 -17.80
CA SER A 18 2.16 19.20 -18.45
C SER A 18 3.01 18.84 -19.67
N TYR A 19 3.43 17.58 -19.78
CA TYR A 19 4.18 17.08 -20.97
C TYR A 19 3.20 17.25 -22.14
N GLY A 20 3.06 18.46 -22.65
CA GLY A 20 2.09 18.72 -23.74
C GLY A 20 0.68 18.41 -23.26
N PRO A 21 -0.09 19.39 -22.76
CA PRO A 21 -1.42 19.14 -22.19
C PRO A 21 -1.99 17.77 -22.57
N SER A 22 -1.55 16.72 -21.88
CA SER A 22 -2.04 15.34 -22.16
C SER A 22 -3.17 15.02 -21.17
N GLY A 23 -4.37 14.74 -21.68
CA GLY A 23 -5.52 14.52 -20.78
C GLY A 23 -6.12 13.13 -20.98
N GLN A 24 -6.71 12.56 -19.93
CA GLN A 24 -7.39 11.27 -20.02
C GLN A 24 -8.55 11.25 -19.04
N TYR A 25 -9.72 10.83 -19.52
CA TYR A 25 -10.88 10.62 -18.66
C TYR A 25 -11.38 9.20 -18.87
N THR A 26 -11.42 8.42 -17.80
CA THR A 26 -11.88 7.04 -17.85
C THR A 26 -12.74 6.75 -16.64
N HIS A 27 -13.51 5.66 -16.75
CA HIS A 27 -14.24 5.09 -15.62
C HIS A 27 -13.77 3.65 -15.43
N GLU A 28 -13.52 3.28 -14.19
CA GLU A 28 -13.01 1.96 -13.86
C GLU A 28 -13.92 1.29 -12.84
N PHE A 29 -14.11 -0.02 -13.00
CA PHE A 29 -14.87 -0.83 -12.06
C PHE A 29 -14.07 -2.09 -11.76
N ASP A 30 -13.73 -2.29 -10.49
CA ASP A 30 -12.95 -3.46 -10.04
C ASP A 30 -11.62 -3.57 -10.79
N GLY A 31 -11.03 -2.43 -11.14
CA GLY A 31 -9.73 -2.41 -11.77
C GLY A 31 -9.74 -2.48 -13.28
N ASP A 32 -10.90 -2.70 -13.89
CA ASP A 32 -11.02 -2.79 -15.34
C ASP A 32 -11.61 -1.51 -15.92
N GLU A 33 -11.32 -1.27 -17.19
CA GLU A 33 -11.73 -0.05 -17.88
C GLU A 33 -13.14 -0.23 -18.43
N GLN A 34 -14.07 0.60 -17.97
CA GLN A 34 -15.43 0.57 -18.50
C GLN A 34 -15.52 1.34 -19.81
N PHE A 35 -15.06 2.59 -19.82
CA PHE A 35 -15.04 3.39 -21.04
C PHE A 35 -13.99 4.48 -20.89
N TYR A 36 -13.69 5.14 -22.01
CA TYR A 36 -12.83 6.31 -22.03
C TYR A 36 -13.38 7.31 -23.03
N VAL A 37 -13.19 8.60 -22.73
CA VAL A 37 -13.65 9.67 -23.59
C VAL A 37 -12.47 10.18 -24.39
N ASP A 38 -12.58 10.12 -25.72
CA ASP A 38 -11.57 10.67 -26.62
C ASP A 38 -11.71 12.19 -26.63
N LEU A 39 -10.77 12.89 -25.98
CA LEU A 39 -10.85 14.34 -25.88
C LEU A 39 -10.71 15.03 -27.23
N GLY A 40 -10.12 14.36 -28.23
CA GLY A 40 -10.00 14.94 -29.55
C GLY A 40 -11.27 14.84 -30.37
N ARG A 41 -11.76 13.61 -30.55
CA ARG A 41 -12.97 13.39 -31.32
C ARG A 41 -14.24 13.66 -30.54
N LYS A 42 -14.14 13.93 -29.24
CA LYS A 42 -15.29 14.21 -28.39
C LYS A 42 -16.31 13.06 -28.43
N GLU A 43 -15.80 11.84 -28.26
CA GLU A 43 -16.62 10.64 -28.33
C GLU A 43 -16.30 9.71 -27.17
N THR A 44 -17.32 9.00 -26.69
CA THR A 44 -17.18 8.03 -25.62
C THR A 44 -17.04 6.64 -26.24
N VAL A 45 -15.96 5.95 -25.87
CA VAL A 45 -15.66 4.61 -26.38
C VAL A 45 -15.77 3.62 -25.24
N TRP A 46 -16.73 2.71 -25.33
CA TRP A 46 -16.96 1.71 -24.31
C TRP A 46 -16.13 0.47 -24.58
N CYS A 47 -15.47 -0.04 -23.54
CA CYS A 47 -14.61 -1.21 -23.67
C CYS A 47 -15.33 -2.51 -23.38
N LEU A 48 -16.45 -2.47 -22.65
CA LEU A 48 -17.25 -3.65 -22.41
C LEU A 48 -18.50 -3.59 -23.28
N PRO A 49 -18.75 -4.60 -24.12
CA PRO A 49 -19.89 -4.50 -25.06
C PRO A 49 -21.23 -4.32 -24.39
N VAL A 50 -21.45 -4.93 -23.21
CA VAL A 50 -22.73 -4.79 -22.53
C VAL A 50 -22.96 -3.37 -22.04
N LEU A 51 -21.89 -2.59 -21.85
CA LEU A 51 -22.01 -1.23 -21.37
C LEU A 51 -22.31 -0.22 -22.47
N ARG A 52 -22.43 -0.68 -23.71
CA ARG A 52 -22.62 0.26 -24.82
C ARG A 52 -24.06 0.79 -24.78
N GLN A 53 -24.95 0.12 -24.03
CA GLN A 53 -26.34 0.58 -23.96
C GLN A 53 -26.45 1.94 -23.28
N PHE A 54 -25.55 2.26 -22.37
CA PHE A 54 -25.60 3.52 -21.66
C PHE A 54 -25.06 4.65 -22.54
N ARG A 55 -25.23 5.88 -22.06
CA ARG A 55 -24.74 7.07 -22.75
C ARG A 55 -24.08 8.00 -21.75
N PHE A 56 -22.90 8.50 -22.11
CA PHE A 56 -22.14 9.41 -21.26
C PHE A 56 -21.66 10.58 -22.12
N ASP A 57 -22.04 11.79 -21.74
CA ASP A 57 -21.74 12.96 -22.54
C ASP A 57 -20.24 13.23 -22.55
N PRO A 58 -19.59 13.21 -23.72
CA PRO A 58 -18.14 13.52 -23.76
C PRO A 58 -17.81 14.94 -23.34
N GLN A 59 -18.79 15.85 -23.33
CA GLN A 59 -18.51 17.24 -22.96
C GLN A 59 -18.13 17.37 -21.49
N PHE A 60 -18.63 16.47 -20.63
CA PHE A 60 -18.25 16.52 -19.22
C PHE A 60 -16.76 16.31 -19.05
N ALA A 61 -16.19 15.36 -19.80
CA ALA A 61 -14.76 15.11 -19.71
C ALA A 61 -13.94 16.34 -20.09
N LEU A 62 -14.35 17.02 -21.17
CA LEU A 62 -13.61 18.18 -21.64
C LEU A 62 -13.62 19.31 -20.61
N THR A 63 -14.80 19.58 -20.02
CA THR A 63 -14.89 20.65 -19.04
C THR A 63 -14.19 20.28 -17.74
N ASN A 64 -14.25 19.00 -17.36
CA ASN A 64 -13.59 18.57 -16.13
C ASN A 64 -12.07 18.62 -16.27
N ILE A 65 -11.54 18.21 -17.42
CA ILE A 65 -10.10 18.30 -17.66
C ILE A 65 -9.64 19.76 -17.62
N ALA A 66 -10.49 20.68 -18.09
CA ALA A 66 -10.13 22.10 -18.01
C ALA A 66 -9.98 22.57 -16.58
N VAL A 67 -10.69 21.94 -15.64
CA VAL A 67 -10.52 22.28 -14.23
C VAL A 67 -9.16 21.81 -13.73
N LEU A 68 -8.76 20.61 -14.15
CA LEU A 68 -7.45 20.10 -13.75
C LEU A 68 -6.38 21.01 -14.34
N LYS A 69 -6.54 21.47 -15.58
CA LYS A 69 -5.60 22.38 -16.21
C LYS A 69 -5.39 23.62 -15.35
N HIS A 70 -6.45 24.11 -14.73
CA HIS A 70 -6.31 25.30 -13.87
C HIS A 70 -5.64 24.87 -12.59
N ASN A 71 -6.05 23.71 -12.10
CA ASN A 71 -5.50 23.24 -10.84
C ASN A 71 -4.01 22.95 -10.95
N LEU A 72 -3.61 22.27 -12.03
CA LEU A 72 -2.21 21.92 -12.22
C LEU A 72 -1.34 23.18 -12.27
N ASN A 73 -1.78 24.20 -13.00
CA ASN A 73 -1.01 25.44 -13.09
C ASN A 73 -0.95 26.15 -11.75
N SER A 74 -1.98 25.99 -10.92
CA SER A 74 -1.95 26.56 -9.58
C SER A 74 -0.93 25.85 -8.71
N LEU A 75 -0.90 24.52 -8.75
CA LEU A 75 0.03 23.75 -7.95
C LEU A 75 1.48 23.91 -8.43
N ILE A 76 1.69 24.30 -9.68
CA ILE A 76 3.04 24.55 -10.16
C ILE A 76 3.61 25.80 -9.50
N LYS A 77 2.81 26.85 -9.38
CA LYS A 77 3.28 28.07 -8.70
C LYS A 77 3.42 27.85 -7.20
N ARG A 78 2.54 27.06 -6.60
CA ARG A 78 2.56 26.89 -5.16
C ARG A 78 3.72 26.01 -4.71
N SER A 79 4.01 24.95 -5.45
CA SER A 79 5.05 24.00 -5.09
C SER A 79 6.42 24.37 -5.65
N ASN A 80 6.58 25.61 -6.13
CA ASN A 80 7.85 26.09 -6.69
C ASN A 80 8.33 25.16 -7.80
N SER A 81 7.39 24.71 -8.63
CA SER A 81 7.68 23.85 -9.77
C SER A 81 8.35 22.55 -9.33
N THR A 82 7.62 21.76 -8.56
CA THR A 82 8.06 20.44 -8.13
C THR A 82 7.61 19.42 -9.16
N ALA A 83 8.55 18.92 -9.96
CA ALA A 83 8.23 18.03 -11.06
C ALA A 83 7.96 16.62 -10.56
N ALA A 84 7.55 15.74 -11.47
CA ALA A 84 7.29 14.35 -11.15
C ALA A 84 8.60 13.56 -11.04
N THR A 85 8.50 12.38 -10.44
CA THR A 85 9.63 11.49 -10.28
C THR A 85 9.42 10.28 -11.19
N ASN A 86 10.35 10.09 -12.14
CA ASN A 86 10.22 9.02 -13.13
C ASN A 86 10.54 7.70 -12.47
N GLU A 87 9.50 6.91 -12.22
CA GLU A 87 9.69 5.57 -11.68
C GLU A 87 10.14 4.63 -12.79
N VAL A 88 10.67 3.48 -12.39
CA VAL A 88 11.18 2.48 -13.33
C VAL A 88 10.04 1.51 -13.65
N PRO A 89 9.69 1.31 -14.92
CA PRO A 89 8.58 0.41 -15.25
C PRO A 89 8.94 -1.05 -15.08
N GLU A 90 7.92 -1.86 -14.81
CA GLU A 90 8.06 -3.31 -14.69
C GLU A 90 7.26 -3.94 -15.83
N VAL A 91 7.96 -4.56 -16.79
CA VAL A 91 7.35 -5.09 -17.99
C VAL A 91 7.35 -6.62 -17.92
N THR A 92 6.25 -7.23 -18.33
CA THR A 92 6.11 -8.68 -18.42
C THR A 92 5.26 -9.01 -19.64
N VAL A 93 5.68 -10.05 -20.37
CA VAL A 93 5.00 -10.47 -21.59
C VAL A 93 4.48 -11.90 -21.38
N PHE A 94 3.23 -12.13 -21.79
CA PHE A 94 2.61 -13.44 -21.67
C PHE A 94 1.48 -13.53 -22.69
N SER A 95 0.95 -14.73 -22.85
CA SER A 95 -0.14 -15.00 -23.76
C SER A 95 -1.45 -15.13 -23.00
N LYS A 96 -2.55 -14.91 -23.72
CA LYS A 96 -3.87 -14.95 -23.09
C LYS A 96 -4.34 -16.38 -22.89
N SER A 97 -4.15 -17.24 -23.87
CA SER A 97 -4.53 -18.64 -23.84
C SER A 97 -3.30 -19.52 -23.93
N PRO A 98 -3.40 -20.80 -23.57
CA PRO A 98 -2.23 -21.68 -23.68
C PRO A 98 -1.74 -21.76 -25.12
N VAL A 99 -0.42 -21.73 -25.28
CA VAL A 99 0.19 -21.58 -26.59
C VAL A 99 0.04 -22.89 -27.35
N THR A 100 -0.77 -22.86 -28.41
CA THR A 100 -0.86 -23.96 -29.37
C THR A 100 -0.50 -23.40 -30.74
N LEU A 101 0.50 -24.01 -31.37
CA LEU A 101 1.08 -23.44 -32.61
C LEU A 101 0.08 -23.32 -33.75
N GLY A 102 -1.08 -23.92 -33.63
CA GLY A 102 -2.05 -23.69 -34.71
C GLY A 102 -3.08 -22.69 -34.27
N GLN A 103 -3.71 -22.93 -33.13
CA GLN A 103 -4.80 -22.06 -32.71
C GLN A 103 -4.31 -20.62 -32.56
N PRO A 104 -5.22 -19.60 -32.59
CA PRO A 104 -4.80 -18.24 -32.34
C PRO A 104 -4.76 -17.85 -30.87
N ASN A 105 -3.94 -16.85 -30.54
CA ASN A 105 -3.76 -16.38 -29.14
C ASN A 105 -3.48 -14.90 -29.22
N ILE A 106 -3.58 -14.20 -28.09
CA ILE A 106 -3.22 -12.76 -28.06
C ILE A 106 -2.02 -12.63 -27.14
N LEU A 107 -0.96 -11.96 -27.59
CA LEU A 107 0.17 -11.70 -26.68
C LEU A 107 -0.18 -10.46 -25.84
N ILE A 108 0.19 -10.46 -24.57
CA ILE A 108 -0.16 -9.41 -23.63
C ILE A 108 1.13 -8.87 -23.03
N CYS A 109 1.43 -7.61 -23.30
CA CYS A 109 2.61 -6.93 -22.76
C CYS A 109 2.14 -5.94 -21.70
N LEU A 110 2.24 -6.35 -20.44
CA LEU A 110 1.81 -5.53 -19.32
C LEU A 110 2.98 -4.68 -18.84
N VAL A 111 2.80 -3.36 -18.86
CA VAL A 111 3.77 -2.42 -18.33
C VAL A 111 3.18 -1.85 -17.05
N ASP A 112 3.86 -2.02 -15.92
CA ASP A 112 3.36 -1.54 -14.60
C ASP A 112 4.35 -0.52 -14.02
N ASN A 113 3.99 0.13 -12.92
CA ASN A 113 4.82 1.21 -12.31
C ASN A 113 5.11 2.29 -13.35
N ILE A 114 4.08 2.72 -14.03
CA ILE A 114 4.26 3.81 -15.02
C ILE A 114 3.97 5.16 -14.40
N PHE A 115 5.00 5.89 -14.01
CA PHE A 115 4.83 7.27 -13.62
C PHE A 115 6.09 8.00 -14.05
N PRO A 116 5.98 9.11 -14.78
CA PRO A 116 4.73 9.76 -15.21
C PRO A 116 4.01 8.99 -16.33
N PRO A 117 2.73 9.29 -16.56
CA PRO A 117 1.99 8.56 -17.61
C PRO A 117 2.39 8.97 -19.02
N VAL A 118 3.65 8.68 -19.39
CA VAL A 118 4.16 8.91 -20.74
C VAL A 118 5.00 7.70 -21.10
N VAL A 119 4.60 6.98 -22.15
CA VAL A 119 5.25 5.71 -22.49
C VAL A 119 5.00 5.40 -23.95
N ASN A 120 5.92 4.63 -24.55
CA ASN A 120 5.80 4.17 -25.93
C ASN A 120 5.92 2.65 -25.91
N ILE A 121 4.87 1.95 -26.33
CA ILE A 121 4.84 0.49 -26.33
C ILE A 121 4.76 0.01 -27.77
N THR A 122 5.83 -0.60 -28.25
CA THR A 122 5.90 -1.01 -29.67
C THR A 122 6.24 -2.50 -29.74
N TRP A 123 5.42 -3.31 -30.41
CA TRP A 123 5.75 -4.75 -30.59
C TRP A 123 6.78 -4.92 -31.70
N LEU A 124 7.69 -5.89 -31.58
CA LEU A 124 8.72 -6.19 -32.63
C LEU A 124 8.74 -7.69 -32.95
N SER A 125 9.07 -8.08 -34.19
CA SER A 125 9.15 -9.47 -34.63
C SER A 125 10.36 -9.62 -35.54
N ASN A 126 11.40 -10.28 -35.03
CA ASN A 126 12.66 -10.47 -35.75
C ASN A 126 13.23 -9.14 -36.24
N GLY A 127 13.32 -8.19 -35.33
CA GLY A 127 13.93 -6.90 -35.60
C GLY A 127 13.10 -5.93 -36.41
N HIS A 128 11.93 -6.34 -36.90
CA HIS A 128 11.06 -5.49 -37.70
C HIS A 128 9.82 -5.11 -36.90
N SER A 129 9.41 -3.86 -37.03
CA SER A 129 8.28 -3.34 -36.25
C SER A 129 6.95 -3.86 -36.79
N VAL A 130 6.09 -4.29 -35.89
CA VAL A 130 4.77 -4.83 -36.22
C VAL A 130 3.71 -3.81 -35.83
N THR A 131 2.86 -3.45 -36.79
CA THR A 131 1.76 -2.52 -36.54
C THR A 131 0.38 -3.14 -36.72
N GLU A 132 0.26 -4.24 -37.45
CA GLU A 132 -1.03 -4.85 -37.71
C GLU A 132 -1.48 -5.70 -36.53
N GLY A 133 -2.73 -5.51 -36.10
CA GLY A 133 -3.30 -6.33 -35.05
C GLY A 133 -2.83 -5.98 -33.66
N VAL A 134 -2.51 -4.72 -33.40
CA VAL A 134 -2.09 -4.27 -32.09
C VAL A 134 -3.14 -3.31 -31.54
N SER A 135 -3.29 -3.33 -30.22
CA SER A 135 -4.20 -2.43 -29.54
C SER A 135 -3.74 -2.25 -28.10
N GLU A 136 -3.95 -1.06 -27.56
CA GLU A 136 -3.52 -0.73 -26.21
C GLU A 136 -4.71 -0.29 -25.38
N THR A 137 -4.55 -0.39 -24.06
CA THR A 137 -5.55 0.09 -23.12
C THR A 137 -5.16 1.45 -22.57
N SER A 138 -6.12 2.13 -21.95
CA SER A 138 -5.85 3.41 -21.34
C SER A 138 -4.98 3.24 -20.09
N PHE A 139 -4.40 4.35 -19.64
CA PHE A 139 -3.68 4.36 -18.38
C PHE A 139 -4.62 4.00 -17.24
N LEU A 140 -4.43 2.82 -16.66
CA LEU A 140 -5.29 2.35 -15.59
C LEU A 140 -4.69 2.71 -14.24
N SER A 141 -5.50 3.30 -13.36
CA SER A 141 -5.01 3.84 -12.10
C SER A 141 -4.64 2.73 -11.13
N LYS A 142 -3.85 3.09 -10.14
CA LYS A 142 -3.41 2.20 -9.08
C LYS A 142 -3.55 2.89 -7.73
N SER A 143 -3.48 2.08 -6.66
CA SER A 143 -3.66 2.62 -5.32
C SER A 143 -2.57 3.62 -4.98
N ASP A 144 -1.33 3.35 -5.40
CA ASP A 144 -0.21 4.25 -5.16
C ASP A 144 -0.18 5.43 -6.13
N HIS A 145 -1.30 5.69 -6.82
CA HIS A 145 -1.45 6.82 -7.73
C HIS A 145 -0.46 6.77 -8.90
N SER A 146 0.01 5.58 -9.24
CA SER A 146 0.75 5.36 -10.47
C SER A 146 -0.19 4.75 -11.51
N PHE A 147 0.36 4.27 -12.62
CA PHE A 147 -0.46 3.73 -13.69
C PHE A 147 0.20 2.47 -14.24
N PHE A 148 -0.61 1.70 -14.98
CA PHE A 148 -0.13 0.57 -15.75
C PHE A 148 -0.89 0.50 -17.06
N LYS A 149 -0.20 0.04 -18.10
CA LYS A 149 -0.75 0.01 -19.44
C LYS A 149 -0.53 -1.37 -20.05
N ILE A 150 -1.51 -1.84 -20.82
CA ILE A 150 -1.48 -3.17 -21.41
C ILE A 150 -1.64 -3.02 -22.92
N SER A 151 -0.72 -3.62 -23.67
CA SER A 151 -0.78 -3.65 -25.13
C SER A 151 -1.00 -5.08 -25.59
N TYR A 152 -1.78 -5.22 -26.65
CA TYR A 152 -2.17 -6.54 -27.17
C TYR A 152 -1.62 -6.73 -28.59
N LEU A 153 -1.45 -7.99 -28.95
CA LEU A 153 -1.04 -8.36 -30.30
C LEU A 153 -1.64 -9.72 -30.61
N THR A 154 -2.60 -9.76 -31.53
CA THR A 154 -3.21 -11.01 -31.94
C THR A 154 -2.34 -11.71 -32.98
N LEU A 155 -2.16 -13.00 -32.73
CA LEU A 155 -1.35 -13.81 -33.65
C LEU A 155 -1.71 -15.28 -33.52
N LEU A 156 -1.43 -16.05 -34.57
CA LEU A 156 -1.57 -17.52 -34.46
C LEU A 156 -0.12 -17.92 -34.21
N PRO A 157 0.24 -18.51 -33.05
CA PRO A 157 1.63 -18.76 -32.75
C PRO A 157 2.24 -19.73 -33.73
N SER A 158 3.56 -19.69 -33.89
CA SER A 158 4.25 -20.68 -34.75
C SER A 158 5.71 -20.80 -34.31
N ALA A 159 6.41 -21.84 -34.75
CA ALA A 159 7.80 -22.08 -34.30
C ALA A 159 8.73 -20.93 -34.68
N GLU A 160 8.64 -20.40 -35.91
CA GLU A 160 9.62 -19.35 -36.30
C GLU A 160 9.06 -18.00 -35.90
N GLU A 161 7.85 -17.98 -35.36
CA GLU A 161 7.26 -16.72 -34.84
C GLU A 161 7.40 -16.73 -33.33
N TYR A 163 8.54 -12.78 -30.84
CA TYR A 163 8.10 -11.40 -30.67
C TYR A 163 8.73 -10.76 -29.45
N ASP A 164 8.92 -9.45 -29.53
CA ASP A 164 9.45 -8.65 -28.43
C ASP A 164 8.52 -7.46 -28.20
N CYS A 165 8.60 -6.90 -26.99
CA CYS A 165 7.80 -5.74 -26.60
C CYS A 165 8.75 -4.62 -26.22
N LYS A 166 8.79 -3.56 -27.03
CA LYS A 166 9.65 -2.42 -26.78
C LYS A 166 8.89 -1.40 -25.95
N VAL A 167 9.46 -1.02 -24.80
CA VAL A 167 8.85 -0.05 -23.90
C VAL A 167 9.83 1.10 -23.71
N GLU A 168 9.40 2.32 -24.03
CA GLU A 168 10.22 3.52 -23.88
C GLU A 168 9.62 4.39 -22.79
N HIS A 169 10.38 4.62 -21.73
CA HIS A 169 9.91 5.41 -20.60
C HIS A 169 11.09 6.20 -20.05
N TRP A 170 10.78 7.36 -19.46
CA TRP A 170 11.83 8.23 -18.94
C TRP A 170 12.55 7.62 -17.75
N GLY A 171 11.94 6.64 -17.07
CA GLY A 171 12.59 5.98 -15.95
C GLY A 171 13.52 4.86 -16.39
N LEU A 172 13.87 4.84 -17.68
CA LEU A 172 14.73 3.81 -18.25
C LEU A 172 15.92 4.47 -18.94
N ASP A 173 17.10 3.90 -18.72
CA ASP A 173 18.30 4.42 -19.39
C ASP A 173 18.30 4.10 -20.88
N LYS A 174 17.79 2.92 -21.24
CA LYS A 174 17.70 2.48 -22.63
C LYS A 174 16.36 1.80 -22.82
N PRO A 175 15.88 1.73 -24.06
CA PRO A 175 14.60 1.03 -24.33
C PRO A 175 14.65 -0.41 -23.86
N LEU A 176 13.62 -0.82 -23.13
CA LEU A 176 13.54 -2.17 -22.59
C LEU A 176 12.77 -3.07 -23.53
N LEU A 177 13.29 -4.27 -23.76
CA LEU A 177 12.68 -5.26 -24.64
C LEU A 177 12.48 -6.56 -23.86
N LYS A 178 11.25 -7.05 -23.82
CA LYS A 178 10.92 -8.34 -23.22
C LYS A 178 10.57 -9.32 -24.33
N HIS A 179 11.30 -10.42 -24.37
CA HIS A 179 11.19 -11.39 -25.46
C HIS A 179 10.18 -12.47 -25.13
N TRP A 180 9.46 -12.93 -26.16
CA TRP A 180 8.50 -14.01 -26.03
C TRP A 180 8.70 -15.02 -27.15
N GLU A 181 8.67 -16.31 -26.80
CA GLU A 181 8.83 -17.39 -27.74
C GLU A 181 7.95 -18.56 -27.33
N PRO A 182 7.50 -19.37 -28.28
CA PRO A 182 6.71 -20.58 -28.00
C PRO A 182 7.56 -21.69 -27.39
N SER B 16 15.00 13.49 -20.63
CA SER B 16 13.85 13.41 -19.73
C SER B 16 13.39 14.80 -19.33
N PRO B 17 12.40 15.33 -20.04
CA PRO B 17 11.89 16.67 -19.71
C PRO B 17 11.07 16.67 -18.43
N GLU B 18 10.89 17.86 -17.88
CA GLU B 18 10.09 18.02 -16.68
C GLU B 18 8.62 17.77 -16.99
N ASP B 19 7.97 16.96 -16.16
CA ASP B 19 6.55 16.65 -16.32
C ASP B 19 5.83 16.93 -15.02
N PHE B 20 4.71 17.64 -15.11
CA PHE B 20 3.86 17.94 -13.96
C PHE B 20 2.51 17.25 -14.16
N VAL B 21 2.17 16.35 -13.24
CA VAL B 21 0.98 15.51 -13.35
C VAL B 21 -0.04 15.94 -12.31
N TYR B 22 -1.31 15.94 -12.70
CA TYR B 22 -2.42 16.18 -11.80
C TYR B 22 -3.49 15.12 -12.02
N GLN B 23 -4.02 14.57 -10.92
CA GLN B 23 -5.01 13.51 -10.99
C GLN B 23 -6.19 13.84 -10.09
N PHE B 24 -7.38 13.43 -10.53
CA PHE B 24 -8.58 13.44 -9.71
C PHE B 24 -9.28 12.10 -9.86
N LYS B 25 -9.45 11.38 -8.76
CA LYS B 25 -10.07 10.07 -8.73
C LYS B 25 -11.38 10.17 -7.95
N GLY B 26 -12.50 10.08 -8.65
CA GLY B 26 -13.79 10.00 -7.98
C GLY B 26 -14.18 8.57 -7.73
N MET B 27 -13.75 8.01 -6.61
CA MET B 27 -13.85 6.58 -6.36
C MET B 27 -15.02 6.25 -5.44
N CYS B 28 -15.57 5.06 -5.64
CA CYS B 28 -16.67 4.55 -4.84
C CYS B 28 -16.30 3.19 -4.28
N TYR B 29 -16.69 2.92 -3.03
CA TYR B 29 -16.40 1.67 -2.36
C TYR B 29 -17.72 1.02 -1.94
N PHE B 30 -17.89 -0.26 -2.28
CA PHE B 30 -19.12 -0.98 -2.00
C PHE B 30 -18.81 -2.25 -1.21
N THR B 31 -19.63 -2.50 -0.18
CA THR B 31 -19.51 -3.68 0.65
C THR B 31 -20.91 -4.21 0.96
N ASN B 32 -21.06 -5.53 0.91
CA ASN B 32 -22.34 -6.20 1.15
C ASN B 32 -23.40 -5.71 0.16
N GLY B 33 -22.98 -5.44 -1.08
CA GLY B 33 -23.88 -4.92 -2.08
C GLY B 33 -24.07 -3.43 -1.96
N THR B 34 -25.24 -3.01 -1.47
CA THR B 34 -25.54 -1.60 -1.25
C THR B 34 -25.62 -1.25 0.22
N GLU B 35 -25.33 -2.19 1.11
CA GLU B 35 -25.47 -1.94 2.55
C GLU B 35 -24.41 -0.95 3.04
N ARG B 36 -23.18 -1.12 2.61
CA ARG B 36 -22.07 -0.26 3.01
C ARG B 36 -21.50 0.39 1.76
N VAL B 37 -21.69 1.71 1.62
CA VAL B 37 -21.20 2.47 0.48
C VAL B 37 -20.41 3.65 1.00
N ARG B 38 -19.16 3.79 0.52
CA ARG B 38 -18.27 4.86 0.96
C ARG B 38 -17.78 5.63 -0.25
N LEU B 39 -17.85 6.95 -0.17
CA LEU B 39 -17.44 7.85 -1.25
C LEU B 39 -16.13 8.53 -0.87
N VAL B 40 -15.12 8.38 -1.72
CA VAL B 40 -13.82 9.02 -1.52
C VAL B 40 -13.38 9.61 -2.85
N SER B 41 -13.22 10.94 -2.89
CA SER B 41 -12.71 11.64 -4.06
C SER B 41 -11.34 12.19 -3.72
N ARG B 42 -10.34 11.85 -4.54
CA ARG B 42 -8.95 12.18 -4.27
C ARG B 42 -8.42 13.10 -5.36
N SER B 43 -7.91 14.26 -4.95
CA SER B 43 -7.22 15.18 -5.85
C SER B 43 -5.72 15.04 -5.61
N ILE B 44 -4.97 14.76 -6.69
CA ILE B 44 -3.60 14.31 -6.59
C ILE B 44 -2.71 15.20 -7.44
N TYR B 45 -1.59 15.63 -6.86
CA TYR B 45 -0.56 16.38 -7.56
C TYR B 45 0.65 15.46 -7.67
N ASN B 46 1.03 15.14 -8.90
CA ASN B 46 2.06 14.14 -9.18
C ASN B 46 1.48 12.97 -8.41
N ARG B 47 2.28 12.31 -7.57
CA ARG B 47 1.81 11.19 -6.77
C ARG B 47 1.35 11.41 -5.34
N GLU B 48 1.13 12.65 -4.93
CA GLU B 48 0.81 13.00 -3.56
C GLU B 48 -0.60 13.54 -3.48
N GLU B 49 -1.49 12.79 -2.85
CA GLU B 49 -2.86 13.25 -2.63
C GLU B 49 -2.85 14.43 -1.68
N ILE B 50 -3.40 15.55 -2.11
CA ILE B 50 -3.31 16.80 -1.36
C ILE B 50 -4.61 17.14 -0.64
N VAL B 51 -5.76 16.88 -1.27
CA VAL B 51 -7.05 17.15 -0.65
C VAL B 51 -8.01 16.05 -1.05
N ARG B 52 -8.87 15.64 -0.11
CA ARG B 52 -9.80 14.55 -0.34
C ARG B 52 -11.14 14.88 0.30
N PHE B 53 -12.16 14.13 -0.08
CA PHE B 53 -13.48 14.20 0.55
C PHE B 53 -13.96 12.78 0.80
N ASP B 54 -14.03 12.40 2.08
CA ASP B 54 -14.56 11.10 2.47
C ASP B 54 -16.00 11.24 2.91
N SER B 55 -16.85 10.31 2.47
CA SER B 55 -18.25 10.35 2.87
C SER B 55 -18.43 10.05 4.35
N ASP B 56 -17.42 9.45 4.99
CA ASP B 56 -17.49 9.14 6.42
C ASP B 56 -17.05 10.31 7.29
N VAL B 57 -16.47 11.36 6.71
CA VAL B 57 -16.17 12.58 7.44
C VAL B 57 -17.06 13.75 7.03
N GLY B 58 -17.59 13.74 5.81
CA GLY B 58 -18.58 14.72 5.40
C GLY B 58 -18.05 16.11 5.11
N GLU B 59 -16.74 16.28 4.97
CA GLU B 59 -16.20 17.61 4.67
C GLU B 59 -14.84 17.46 4.00
N PHE B 60 -14.51 18.45 3.17
CA PHE B 60 -13.20 18.47 2.53
C PHE B 60 -12.11 18.69 3.57
N ARG B 61 -11.13 17.78 3.57
CA ARG B 61 -9.98 17.90 4.48
C ARG B 61 -8.69 17.77 3.67
N ALA B 62 -7.71 18.63 3.94
CA ALA B 62 -6.42 18.58 3.27
C ALA B 62 -5.59 17.42 3.79
N VAL B 63 -4.84 16.78 2.89
CA VAL B 63 -3.93 15.71 3.26
C VAL B 63 -2.54 16.32 3.45
N THR B 64 -2.23 17.33 2.65
CA THR B 64 -0.99 18.09 2.76
C THR B 64 -1.32 19.58 2.76
N LEU B 65 -0.28 20.41 2.93
CA LEU B 65 -0.49 21.85 2.95
C LEU B 65 -0.95 22.38 1.59
N LEU B 66 -0.57 21.72 0.50
CA LEU B 66 -0.97 22.19 -0.83
C LEU B 66 -2.47 22.16 -1.01
N GLY B 67 -3.15 21.23 -0.35
CA GLY B 67 -4.60 21.13 -0.42
C GLY B 67 -5.34 21.93 0.62
N LEU B 68 -4.62 22.61 1.52
CA LEU B 68 -5.29 23.39 2.56
C LEU B 68 -6.07 24.57 2.00
N PRO B 69 -5.54 25.37 1.06
CA PRO B 69 -6.38 26.45 0.50
C PRO B 69 -7.61 25.94 -0.22
N ALA B 70 -7.50 24.80 -0.91
CA ALA B 70 -8.64 24.25 -1.62
C ALA B 70 -9.70 23.72 -0.66
N ALA B 71 -9.26 23.02 0.39
CA ALA B 71 -10.22 22.44 1.34
C ALA B 71 -10.98 23.54 2.08
N GLU B 72 -10.31 24.65 2.40
CA GLU B 72 -11.00 25.75 3.07
C GLU B 72 -11.96 26.46 2.13
N TYR B 73 -11.55 26.65 0.87
CA TYR B 73 -12.40 27.33 -0.09
C TYR B 73 -13.63 26.49 -0.45
N TRP B 74 -13.45 25.18 -0.59
CA TRP B 74 -14.56 24.31 -0.94
C TRP B 74 -15.53 24.14 0.23
N ASN B 75 -15.01 24.06 1.45
CA ASN B 75 -15.87 24.00 2.62
C ASN B 75 -16.62 25.31 2.84
N SER B 76 -16.07 26.42 2.34
CA SER B 76 -16.74 27.71 2.48
C SER B 76 -17.99 27.79 1.61
N GLN B 77 -17.97 27.14 0.45
CA GLN B 77 -19.12 27.15 -0.46
C GLN B 77 -20.08 26.06 -0.02
N LYS B 78 -21.13 26.47 0.71
CA LYS B 78 -22.10 25.51 1.22
C LYS B 78 -22.90 24.84 0.11
N ASP B 79 -22.89 25.39 -1.10
CA ASP B 79 -23.58 24.74 -2.21
C ASP B 79 -22.80 23.51 -2.68
N ILE B 80 -21.48 23.63 -2.78
CA ILE B 80 -20.67 22.48 -3.17
C ILE B 80 -20.70 21.41 -2.08
N LEU B 81 -20.72 21.83 -0.81
CA LEU B 81 -20.81 20.88 0.28
C LEU B 81 -22.10 20.08 0.23
N GLU B 82 -23.23 20.78 0.03
CA GLU B 82 -24.52 20.10 -0.01
C GLU B 82 -24.59 19.07 -1.12
N ARG B 83 -24.05 19.41 -2.29
CA ARG B 83 -24.11 18.51 -3.43
C ARG B 83 -23.06 17.41 -3.39
N LYS B 84 -21.98 17.61 -2.64
CA LYS B 84 -20.98 16.57 -2.51
C LYS B 84 -21.35 15.54 -1.46
N ARG B 85 -22.08 15.96 -0.41
CA ARG B 85 -22.61 15.00 0.55
C ARG B 85 -23.66 14.11 -0.09
N ALA B 86 -24.42 14.63 -1.05
CA ALA B 86 -25.43 13.84 -1.76
C ALA B 86 -24.83 12.98 -2.86
N ALA B 87 -23.55 13.16 -3.20
CA ALA B 87 -22.93 12.38 -4.26
C ALA B 87 -22.81 10.91 -3.90
N VAL B 88 -22.89 10.56 -2.61
CA VAL B 88 -22.82 9.16 -2.21
C VAL B 88 -23.99 8.38 -2.80
N ASP B 89 -25.16 9.01 -2.89
CA ASP B 89 -26.34 8.39 -3.49
C ASP B 89 -26.43 8.66 -4.98
N ARG B 90 -26.15 9.90 -5.40
CA ARG B 90 -26.29 10.28 -6.80
C ARG B 90 -25.21 9.68 -7.69
N VAL B 91 -24.06 9.33 -7.13
CA VAL B 91 -22.97 8.74 -7.92
C VAL B 91 -22.84 7.27 -7.59
N CYS B 92 -22.35 6.97 -6.38
CA CYS B 92 -21.98 5.59 -6.04
C CYS B 92 -23.20 4.67 -6.04
N ARG B 93 -24.22 5.01 -5.25
CA ARG B 93 -25.40 4.16 -5.18
C ARG B 93 -26.19 4.15 -6.48
N HIS B 94 -26.21 5.27 -7.20
CA HIS B 94 -26.92 5.33 -8.47
C HIS B 94 -26.25 4.46 -9.52
N ASN B 95 -24.95 4.64 -9.71
CA ASN B 95 -24.23 3.87 -10.72
C ASN B 95 -24.13 2.40 -10.37
N TYR B 96 -24.21 2.05 -9.09
CA TYR B 96 -24.19 0.64 -8.69
C TYR B 96 -25.42 -0.09 -9.21
N GLN B 97 -26.57 0.59 -9.29
CA GLN B 97 -27.75 -0.02 -9.87
C GLN B 97 -27.56 -0.29 -11.37
N LEU B 98 -26.69 0.48 -12.02
CA LEU B 98 -26.33 0.18 -13.40
C LEU B 98 -25.35 -0.98 -13.50
N GLU B 99 -24.49 -1.15 -12.49
CA GLU B 99 -23.56 -2.27 -12.49
C GLU B 99 -24.27 -3.59 -12.24
N LEU B 100 -25.33 -3.58 -11.43
CA LEU B 100 -26.07 -4.80 -11.13
C LEU B 100 -26.71 -5.40 -12.38
N ARG B 101 -26.97 -4.59 -13.40
CA ARG B 101 -27.60 -5.06 -14.63
C ARG B 101 -26.61 -5.30 -15.76
N THR B 102 -25.33 -5.01 -15.54
CA THR B 102 -24.33 -5.15 -16.60
C THR B 102 -23.08 -5.87 -16.13
N THR B 103 -22.18 -5.14 -15.44
CA THR B 103 -20.88 -5.72 -15.09
C THR B 103 -21.01 -6.80 -14.03
N LEU B 104 -21.86 -6.58 -13.03
CA LEU B 104 -22.02 -7.57 -11.97
C LEU B 104 -22.78 -8.80 -12.43
N GLN B 105 -23.30 -8.82 -13.65
CA GLN B 105 -23.91 -10.00 -14.23
C GLN B 105 -22.99 -10.73 -15.19
N ARG B 106 -21.83 -10.15 -15.51
CA ARG B 106 -20.87 -10.80 -16.40
C ARG B 106 -20.28 -12.02 -15.73
N ARG B 107 -20.45 -13.20 -16.34
CA ARG B 107 -19.92 -14.44 -15.83
C ARG B 107 -19.30 -15.22 -16.98
N VAL B 108 -17.99 -15.43 -16.93
CA VAL B 108 -17.26 -16.17 -17.94
C VAL B 108 -16.74 -17.46 -17.31
N GLU B 109 -17.08 -18.59 -17.92
CA GLU B 109 -16.60 -19.87 -17.39
C GLU B 109 -15.13 -20.07 -17.76
N PRO B 110 -14.31 -20.53 -16.83
CA PRO B 110 -12.88 -20.67 -17.10
C PRO B 110 -12.57 -21.88 -17.98
N THR B 111 -11.41 -21.81 -18.62
CA THR B 111 -10.91 -22.88 -19.48
C THR B 111 -9.69 -23.49 -18.81
N VAL B 112 -9.81 -24.74 -18.39
CA VAL B 112 -8.77 -25.44 -17.64
C VAL B 112 -8.13 -26.47 -18.54
N THR B 113 -6.83 -26.30 -18.82
CA THR B 113 -6.05 -27.24 -19.60
C THR B 113 -4.78 -27.59 -18.84
N ILE B 114 -4.37 -28.84 -18.93
CA ILE B 114 -3.17 -29.34 -18.28
C ILE B 114 -2.16 -29.71 -19.35
N SER B 115 -0.92 -29.22 -19.18
CA SER B 115 0.16 -29.54 -20.10
C SER B 115 1.47 -29.57 -19.34
N PRO B 116 2.35 -30.53 -19.62
CA PRO B 116 3.64 -30.57 -18.93
C PRO B 116 4.60 -29.53 -19.45
N SER B 117 5.47 -29.06 -18.56
CA SER B 117 6.54 -28.14 -18.93
C SER B 117 7.89 -28.65 -18.44
N ASN B 126 8.78 -33.18 -15.32
CA ASN B 126 8.93 -32.99 -13.88
C ASN B 126 7.90 -32.01 -13.34
N LEU B 127 7.34 -31.19 -14.22
CA LEU B 127 6.45 -30.10 -13.85
C LEU B 127 5.11 -30.26 -14.56
N LEU B 128 4.02 -30.02 -13.83
CA LEU B 128 2.68 -30.07 -14.36
C LEU B 128 2.01 -28.73 -14.16
N VAL B 129 1.46 -28.17 -15.25
CA VAL B 129 0.93 -26.81 -15.25
C VAL B 129 -0.55 -26.88 -15.61
N CYS B 130 -1.40 -26.46 -14.67
CA CYS B 130 -2.83 -26.33 -14.90
C CYS B 130 -3.15 -24.87 -15.19
N SER B 131 -3.63 -24.58 -16.39
CA SER B 131 -3.83 -23.22 -16.86
C SER B 131 -5.31 -22.87 -16.84
N VAL B 132 -5.67 -21.89 -16.02
CA VAL B 132 -7.01 -21.32 -15.96
C VAL B 132 -6.93 -19.96 -16.63
N THR B 133 -7.64 -19.78 -17.73
CA THR B 133 -7.33 -18.71 -18.68
C THR B 133 -8.36 -17.60 -18.78
N ASP B 134 -9.65 -17.92 -18.91
CA ASP B 134 -10.66 -16.89 -19.22
C ASP B 134 -11.82 -17.00 -18.24
N PHE B 135 -11.78 -16.19 -17.18
CA PHE B 135 -12.87 -16.20 -16.20
C PHE B 135 -13.06 -14.82 -15.61
N TYR B 136 -14.33 -14.45 -15.41
CA TYR B 136 -14.73 -13.25 -14.70
C TYR B 136 -15.94 -13.70 -13.89
N PRO B 137 -15.99 -13.43 -12.57
CA PRO B 137 -15.10 -12.57 -11.77
C PRO B 137 -13.77 -13.25 -11.39
N ALA B 138 -13.07 -12.62 -10.44
CA ALA B 138 -11.72 -13.04 -10.06
C ALA B 138 -11.69 -14.13 -8.99
N GLN B 139 -12.83 -14.45 -8.37
CA GLN B 139 -12.85 -15.42 -7.29
C GLN B 139 -12.59 -16.82 -7.83
N ILE B 140 -11.52 -17.47 -7.36
CA ILE B 140 -11.17 -18.83 -7.77
C ILE B 140 -10.51 -19.56 -6.62
N LYS B 141 -10.47 -20.89 -6.76
CA LYS B 141 -9.76 -21.76 -5.77
C LYS B 141 -9.32 -23.00 -6.56
N VAL B 142 -8.04 -23.08 -6.88
CA VAL B 142 -7.51 -24.24 -7.66
C VAL B 142 -6.76 -25.17 -6.73
N ARG B 143 -7.09 -26.46 -6.75
CA ARG B 143 -6.44 -27.50 -5.96
C ARG B 143 -5.85 -28.57 -6.87
N TRP B 144 -4.74 -29.15 -6.42
CA TRP B 144 -4.09 -30.25 -7.10
C TRP B 144 -4.30 -31.54 -6.30
N PHE B 145 -4.70 -32.61 -6.99
CA PHE B 145 -4.94 -33.90 -6.35
C PHE B 145 -4.09 -34.99 -7.01
N ARG B 146 -3.54 -35.86 -6.18
CA ARG B 146 -2.77 -37.01 -6.62
C ARG B 146 -3.43 -38.27 -6.05
N ASN B 147 -4.24 -38.92 -6.86
CA ASN B 147 -4.98 -40.14 -6.48
C ASN B 147 -5.91 -39.79 -5.31
N ASP B 148 -6.82 -38.87 -5.58
CA ASP B 148 -7.88 -38.46 -4.65
C ASP B 148 -7.35 -38.04 -3.27
N GLN B 149 -6.13 -37.52 -3.21
CA GLN B 149 -5.54 -37.02 -1.97
C GLN B 149 -4.93 -35.69 -2.36
N GLU B 150 -5.36 -34.62 -1.69
CA GLU B 150 -4.89 -33.28 -2.03
C GLU B 150 -3.42 -33.06 -1.71
N GLU B 151 -2.70 -32.46 -2.65
CA GLU B 151 -1.28 -32.15 -2.49
C GLU B 151 -1.06 -30.75 -1.92
N THR B 152 -0.71 -30.69 -0.63
CA THR B 152 -0.56 -29.41 0.04
C THR B 152 0.78 -28.76 -0.32
N ALA B 153 1.89 -29.48 -0.11
CA ALA B 153 3.20 -28.94 -0.39
C ALA B 153 3.62 -29.21 -1.83
N GLY B 154 4.65 -28.48 -2.27
CA GLY B 154 5.19 -28.66 -3.59
C GLY B 154 4.36 -28.10 -4.73
N VAL B 155 3.43 -27.19 -4.43
CA VAL B 155 2.61 -26.54 -5.44
C VAL B 155 2.93 -25.05 -5.44
N VAL B 156 3.12 -24.48 -6.62
CA VAL B 156 3.43 -23.07 -6.79
C VAL B 156 2.48 -22.49 -7.84
N SER B 157 1.84 -21.38 -7.51
CA SER B 157 0.86 -20.74 -8.38
C SER B 157 1.27 -19.30 -8.66
N THR B 158 1.07 -18.88 -9.90
CA THR B 158 1.30 -17.49 -10.26
C THR B 158 0.25 -16.60 -9.60
N PRO B 159 0.53 -15.31 -9.46
CA PRO B 159 -0.50 -14.40 -8.94
C PRO B 159 -1.67 -14.28 -9.92
N LEU B 160 -2.72 -13.63 -9.46
CA LEU B 160 -3.90 -13.40 -10.29
C LEU B 160 -3.52 -12.47 -11.44
N ILE B 161 -3.56 -13.00 -12.66
CA ILE B 161 -3.12 -12.26 -13.84
C ILE B 161 -4.32 -11.55 -14.45
N ARG B 162 -4.28 -10.21 -14.44
CA ARG B 162 -5.32 -9.40 -15.05
C ARG B 162 -4.98 -9.17 -16.51
N ASN B 163 -5.83 -9.69 -17.41
CA ASN B 163 -5.57 -9.55 -18.83
C ASN B 163 -5.91 -8.16 -19.35
N GLY B 164 -6.78 -7.42 -18.66
CA GLY B 164 -7.15 -6.08 -19.05
C GLY B 164 -8.43 -5.99 -19.86
N ASP B 165 -8.87 -7.08 -20.48
CA ASP B 165 -10.11 -7.13 -21.25
C ASP B 165 -11.24 -7.77 -20.47
N TRP B 166 -11.33 -7.47 -19.17
CA TRP B 166 -12.38 -7.99 -18.29
C TRP B 166 -12.33 -9.53 -18.21
N THR B 167 -11.12 -10.07 -18.23
CA THR B 167 -10.89 -11.50 -18.00
C THR B 167 -9.65 -11.66 -17.14
N PHE B 168 -9.63 -12.72 -16.33
CA PHE B 168 -8.51 -13.05 -15.47
C PHE B 168 -7.98 -14.43 -15.83
N GLN B 169 -6.71 -14.67 -15.52
CA GLN B 169 -6.12 -15.98 -15.68
C GLN B 169 -5.17 -16.25 -14.53
N ILE B 170 -4.87 -17.54 -14.33
CA ILE B 170 -3.94 -17.98 -13.29
C ILE B 170 -3.27 -19.26 -13.77
N LEU B 171 -2.03 -19.45 -13.33
CA LEU B 171 -1.27 -20.66 -13.65
C LEU B 171 -0.86 -21.32 -12.33
N VAL B 172 -1.41 -22.50 -12.06
CA VAL B 172 -1.09 -23.26 -10.87
C VAL B 172 -0.23 -24.44 -11.31
N MET B 173 1.02 -24.45 -10.88
CA MET B 173 2.01 -25.41 -11.34
C MET B 173 2.33 -26.41 -10.23
N LEU B 174 2.78 -27.59 -10.63
CA LEU B 174 3.03 -28.67 -9.69
C LEU B 174 4.20 -29.50 -10.18
N GLU B 175 5.18 -29.73 -9.30
CA GLU B 175 6.31 -30.59 -9.61
C GLU B 175 6.03 -32.02 -9.16
N MET B 176 6.45 -32.98 -9.98
CA MET B 176 6.13 -34.38 -9.77
C MET B 176 7.32 -35.28 -10.09
N ASP B 182 -0.42 -42.01 -10.11
CA ASP B 182 -1.01 -42.51 -11.35
C ASP B 182 -1.74 -41.40 -12.10
N VAL B 183 -2.90 -41.00 -11.58
CA VAL B 183 -3.73 -39.97 -12.18
C VAL B 183 -3.61 -38.70 -11.36
N TYR B 184 -3.44 -37.57 -12.03
CA TYR B 184 -3.35 -36.26 -11.40
C TYR B 184 -4.52 -35.40 -11.87
N THR B 185 -5.19 -34.75 -10.94
CA THR B 185 -6.41 -34.00 -11.22
C THR B 185 -6.26 -32.54 -10.78
N CYS B 186 -6.75 -31.63 -11.61
CA CYS B 186 -6.76 -30.21 -11.31
C CYS B 186 -8.18 -29.82 -10.88
N HIS B 187 -8.34 -29.42 -9.61
CA HIS B 187 -9.63 -29.10 -9.03
C HIS B 187 -9.80 -27.59 -9.02
N VAL B 188 -10.81 -27.10 -9.73
CA VAL B 188 -11.00 -25.66 -9.93
C VAL B 188 -12.44 -25.29 -9.59
N GLU B 189 -12.61 -24.42 -8.61
CA GLU B 189 -13.92 -23.90 -8.23
C GLU B 189 -14.04 -22.44 -8.66
N HIS B 190 -15.25 -22.04 -9.03
CA HIS B 190 -15.50 -20.70 -9.55
C HIS B 190 -16.96 -20.37 -9.35
N PRO B 191 -17.30 -19.10 -9.07
CA PRO B 191 -18.72 -18.75 -8.88
C PRO B 191 -19.58 -19.00 -10.11
N SER B 192 -19.03 -18.88 -11.31
CA SER B 192 -19.81 -19.17 -12.51
C SER B 192 -20.07 -20.65 -12.69
N LEU B 193 -19.33 -21.51 -11.99
CA LEU B 193 -19.46 -22.95 -12.11
C LEU B 193 -20.37 -23.48 -11.00
N GLN B 194 -21.30 -24.35 -11.37
CA GLN B 194 -22.14 -25.01 -10.36
C GLN B 194 -21.35 -26.04 -9.58
N SER B 195 -20.55 -26.84 -10.28
CA SER B 195 -19.70 -27.85 -9.68
C SER B 195 -18.29 -27.68 -10.24
N PRO B 196 -17.27 -27.89 -9.43
CA PRO B 196 -15.90 -27.66 -9.89
C PRO B 196 -15.55 -28.55 -11.07
N ILE B 197 -14.64 -28.06 -11.91
CA ILE B 197 -14.17 -28.81 -13.06
C ILE B 197 -12.97 -29.64 -12.63
N THR B 198 -12.89 -30.87 -13.12
CA THR B 198 -11.78 -31.72 -12.65
C THR B 198 -11.02 -32.23 -13.87
N VAL B 199 -10.24 -31.38 -14.52
CA VAL B 199 -9.42 -31.92 -15.64
C VAL B 199 -8.37 -32.83 -15.01
N GLU B 200 -7.97 -33.91 -15.69
CA GLU B 200 -7.03 -34.92 -15.14
C GLU B 200 -5.90 -35.14 -16.14
N TRP B 201 -4.72 -35.51 -15.66
CA TRP B 201 -3.58 -35.83 -16.55
C TRP B 201 -2.95 -37.14 -16.08
N ARG B 202 -2.52 -37.98 -17.04
CA ARG B 202 -1.83 -39.24 -16.67
C ARG B 202 -0.74 -39.60 -17.69
N ALA B 203 0.38 -40.20 -17.25
CA ALA B 203 1.48 -40.69 -18.13
C ALA B 203 2.24 -39.59 -18.87
N ALA C 5 -1.08 -7.87 14.23
CA ALA C 5 -1.66 -6.56 14.04
C ALA C 5 -1.17 -5.57 15.09
N ASP C 6 -1.22 -5.99 16.35
CA ASP C 6 -0.77 -5.12 17.43
C ASP C 6 0.75 -4.89 17.37
N HIS C 7 1.51 -5.95 17.12
CA HIS C 7 2.97 -5.83 17.05
C HIS C 7 3.52 -6.69 15.92
N VAL C 8 4.59 -6.19 15.29
CA VAL C 8 5.30 -6.90 14.24
C VAL C 8 6.79 -6.81 14.54
N ALA C 9 7.49 -7.94 14.41
CA ALA C 9 8.91 -8.00 14.72
C ALA C 9 9.62 -8.93 13.74
N SER C 10 10.81 -8.53 13.33
CA SER C 10 11.67 -9.34 12.48
C SER C 10 12.86 -9.79 13.34
N TYR C 11 12.71 -10.96 13.97
CA TYR C 11 13.80 -11.56 14.75
C TYR C 11 14.77 -12.25 13.79
N GLY C 12 15.42 -11.42 12.99
CA GLY C 12 16.33 -11.89 11.97
C GLY C 12 16.12 -11.21 10.63
N VAL C 13 16.81 -10.09 10.42
CA VAL C 13 16.85 -9.43 9.11
C VAL C 13 18.21 -9.75 8.52
N ASN C 14 18.24 -10.73 7.62
CA ASN C 14 19.47 -11.20 7.00
C ASN C 14 19.58 -10.62 5.60
N LEU C 15 20.72 -9.98 5.32
CA LEU C 15 20.93 -9.30 4.05
C LEU C 15 22.31 -9.63 3.52
N TYR C 16 22.39 -10.05 2.26
CA TYR C 16 23.66 -10.29 1.61
C TYR C 16 23.51 -9.96 0.13
N GLN C 17 24.34 -9.04 -0.35
CA GLN C 17 24.34 -8.63 -1.75
C GLN C 17 25.70 -8.92 -2.37
N SER C 18 25.76 -8.83 -3.70
CA SER C 18 26.96 -9.18 -4.43
C SER C 18 27.91 -8.00 -4.68
N TYR C 19 27.35 -6.78 -4.64
CA TYR C 19 28.19 -5.57 -4.82
C TYR C 19 29.16 -5.50 -3.63
N GLY C 20 30.41 -5.92 -3.83
CA GLY C 20 31.34 -5.99 -2.68
C GLY C 20 30.72 -6.84 -1.60
N PRO C 21 30.65 -8.18 -1.75
CA PRO C 21 29.96 -9.06 -0.79
C PRO C 21 29.56 -8.32 0.49
N SER C 22 28.43 -7.60 0.45
CA SER C 22 27.98 -6.83 1.63
C SER C 22 27.05 -7.68 2.49
N GLY C 23 27.18 -7.59 3.80
CA GLY C 23 26.34 -8.39 4.73
C GLY C 23 25.78 -7.54 5.86
N GLN C 24 24.54 -7.81 6.30
CA GLN C 24 23.95 -7.13 7.43
C GLN C 24 23.03 -8.09 8.16
N TYR C 25 23.18 -8.15 9.49
CA TYR C 25 22.29 -8.92 10.34
C TYR C 25 21.76 -8.00 11.44
N THR C 26 20.44 -7.85 11.50
CA THR C 26 19.80 -6.99 12.49
C THR C 26 18.55 -7.68 13.03
N HIS C 27 18.08 -7.19 14.17
CA HIS C 27 16.79 -7.55 14.73
C HIS C 27 15.95 -6.29 14.86
N GLU C 28 14.71 -6.35 14.43
CA GLU C 28 13.81 -5.20 14.46
C GLU C 28 12.55 -5.55 15.23
N PHE C 29 12.04 -4.58 16.00
CA PHE C 29 10.78 -4.69 16.70
C PHE C 29 9.98 -3.42 16.47
N ASP C 30 8.79 -3.56 15.87
CA ASP C 30 7.91 -2.44 15.56
C ASP C 30 8.61 -1.40 14.67
N GLY C 31 9.49 -1.86 13.78
CA GLY C 31 10.13 -0.99 12.83
C GLY C 31 11.42 -0.34 13.27
N ASP C 32 11.81 -0.49 14.53
CA ASP C 32 13.04 0.09 15.04
C ASP C 32 14.12 -0.97 15.18
N GLU C 33 15.37 -0.52 15.15
CA GLU C 33 16.52 -1.41 15.19
C GLU C 33 16.87 -1.74 16.64
N GLN C 34 16.80 -3.01 16.99
CA GLN C 34 17.18 -3.45 18.33
C GLN C 34 18.69 -3.57 18.46
N PHE C 35 19.33 -4.29 17.54
CA PHE C 35 20.78 -4.40 17.53
C PHE C 35 21.23 -4.76 16.12
N TYR C 36 22.54 -4.66 15.91
CA TYR C 36 23.16 -5.11 14.67
C TYR C 36 24.48 -5.79 15.01
N VAL C 37 24.84 -6.79 14.22
CA VAL C 37 26.08 -7.54 14.41
C VAL C 37 27.09 -7.03 13.39
N ASP C 38 28.22 -6.53 13.89
CA ASP C 38 29.32 -6.14 13.02
C ASP C 38 30.01 -7.39 12.52
N LEU C 39 29.80 -7.72 11.25
CA LEU C 39 30.36 -8.94 10.70
C LEU C 39 31.88 -8.90 10.63
N GLY C 40 32.48 -7.72 10.65
CA GLY C 40 33.92 -7.60 10.64
C GLY C 40 34.54 -7.81 12.01
N ARG C 41 34.09 -7.03 12.99
CA ARG C 41 34.61 -7.12 14.35
C ARG C 41 34.03 -8.28 15.14
N LYS C 42 33.03 -8.98 14.60
CA LYS C 42 32.38 -10.10 15.27
C LYS C 42 31.85 -9.69 16.64
N GLU C 43 31.14 -8.55 16.67
CA GLU C 43 30.60 -8.01 17.91
C GLU C 43 29.16 -7.58 17.69
N THR C 44 28.36 -7.72 18.74
CA THR C 44 26.95 -7.31 18.71
C THR C 44 26.83 -5.91 19.31
N VAL C 45 26.24 -5.00 18.55
CA VAL C 45 26.07 -3.61 18.96
C VAL C 45 24.58 -3.35 19.14
N TRP C 46 24.17 -3.04 20.37
CA TRP C 46 22.78 -2.80 20.68
C TRP C 46 22.44 -1.32 20.49
N CYS C 47 21.30 -1.06 19.86
CA CYS C 47 20.88 0.30 19.59
C CYS C 47 19.97 0.87 20.68
N LEU C 48 19.33 0.02 21.48
CA LEU C 48 18.53 0.45 22.60
C LEU C 48 19.29 0.14 23.90
N PRO C 49 19.53 1.13 24.75
CA PRO C 49 20.37 0.87 25.94
C PRO C 49 19.82 -0.19 26.87
N VAL C 50 18.50 -0.30 27.00
CA VAL C 50 17.92 -1.29 27.90
C VAL C 50 18.17 -2.71 27.41
N LEU C 51 18.43 -2.90 26.11
CA LEU C 51 18.65 -4.22 25.56
C LEU C 51 20.08 -4.71 25.74
N ARG C 52 20.97 -3.87 26.29
CA ARG C 52 22.35 -4.26 26.51
C ARG C 52 22.49 -5.35 27.57
N GLN C 53 21.44 -5.60 28.35
CA GLN C 53 21.50 -6.66 29.35
C GLN C 53 21.55 -8.04 28.71
N PHE C 54 20.96 -8.19 27.52
CA PHE C 54 20.95 -9.48 26.84
C PHE C 54 22.30 -9.75 26.18
N ARG C 55 22.46 -10.97 25.69
CA ARG C 55 23.66 -11.39 24.97
C ARG C 55 23.24 -12.15 23.73
N PHE C 56 23.86 -11.82 22.59
CA PHE C 56 23.55 -12.46 21.32
C PHE C 56 24.87 -12.81 20.64
N ASP C 57 25.05 -14.08 20.33
CA ASP C 57 26.31 -14.56 19.78
C ASP C 57 26.51 -14.00 18.37
N PRO C 58 27.57 -13.22 18.13
CA PRO C 58 27.82 -12.73 16.76
C PRO C 58 28.12 -13.84 15.77
N GLN C 59 28.51 -15.02 16.25
CA GLN C 59 28.87 -16.10 15.34
C GLN C 59 27.66 -16.61 14.57
N PHE C 60 26.46 -16.49 15.13
CA PHE C 60 25.25 -16.88 14.41
C PHE C 60 25.09 -16.07 13.13
N ALA C 61 25.34 -14.76 13.21
CA ALA C 61 25.22 -13.91 12.03
C ALA C 61 26.18 -14.34 10.93
N LEU C 62 27.44 -14.65 11.31
CA LEU C 62 28.42 -15.04 10.31
C LEU C 62 28.04 -16.34 9.61
N THR C 63 27.60 -17.33 10.37
CA THR C 63 27.22 -18.60 9.76
C THR C 63 25.93 -18.48 8.96
N ASN C 64 24.99 -17.66 9.44
CA ASN C 64 23.73 -17.48 8.72
C ASN C 64 23.94 -16.70 7.43
N ILE C 65 24.79 -15.66 7.49
CA ILE C 65 25.10 -14.90 6.27
C ILE C 65 25.79 -15.79 5.26
N ALA C 66 26.60 -16.74 5.72
CA ALA C 66 27.24 -17.69 4.81
C ALA C 66 26.22 -18.53 4.05
N VAL C 67 25.05 -18.76 4.66
CA VAL C 67 23.99 -19.48 3.97
C VAL C 67 23.42 -18.64 2.83
N LEU C 68 23.21 -17.34 3.09
CA LEU C 68 22.74 -16.45 2.02
C LEU C 68 23.75 -16.37 0.89
N LYS C 69 25.05 -16.37 1.23
CA LYS C 69 26.10 -16.38 0.22
C LYS C 69 25.93 -17.57 -0.72
N HIS C 70 25.67 -18.75 -0.17
CA HIS C 70 25.42 -19.92 -1.01
C HIS C 70 24.09 -19.81 -1.72
N ASN C 71 23.07 -19.25 -1.05
CA ASN C 71 21.76 -19.13 -1.67
C ASN C 71 21.77 -18.11 -2.81
N LEU C 72 22.39 -16.95 -2.57
CA LEU C 72 22.43 -15.91 -3.59
C LEU C 72 23.09 -16.40 -4.87
N ASN C 73 24.22 -17.12 -4.75
CA ASN C 73 24.90 -17.63 -5.93
C ASN C 73 24.08 -18.68 -6.66
N SER C 74 23.25 -19.44 -5.94
CA SER C 74 22.38 -20.40 -6.60
C SER C 74 21.28 -19.69 -7.40
N LEU C 75 20.67 -18.66 -6.82
CA LEU C 75 19.62 -17.94 -7.54
C LEU C 75 20.16 -17.13 -8.70
N ILE C 76 21.45 -16.80 -8.71
CA ILE C 76 22.05 -16.11 -9.84
C ILE C 76 22.11 -17.03 -11.06
N LYS C 77 22.49 -18.29 -10.85
CA LYS C 77 22.52 -19.24 -11.95
C LYS C 77 21.13 -19.63 -12.41
N ARG C 78 20.17 -19.70 -11.49
CA ARG C 78 18.83 -20.16 -11.84
C ARG C 78 18.06 -19.10 -12.62
N SER C 79 18.19 -17.83 -12.23
CA SER C 79 17.45 -16.75 -12.86
C SER C 79 18.17 -16.15 -14.07
N ASN C 80 19.19 -16.85 -14.59
CA ASN C 80 19.94 -16.39 -15.76
C ASN C 80 20.50 -14.99 -15.54
N SER C 81 20.99 -14.74 -14.33
CA SER C 81 21.60 -13.46 -13.96
C SER C 81 20.62 -12.29 -14.14
N THR C 82 19.55 -12.33 -13.36
CA THR C 82 18.57 -11.23 -13.33
C THR C 82 19.01 -10.23 -12.26
N ALA C 83 19.51 -9.08 -12.69
CA ALA C 83 20.08 -8.11 -11.77
C ALA C 83 18.98 -7.35 -11.05
N ALA C 84 19.39 -6.51 -10.09
CA ALA C 84 18.46 -5.71 -9.32
C ALA C 84 17.96 -4.51 -10.12
N THR C 85 16.87 -3.92 -9.65
CA THR C 85 16.28 -2.74 -10.26
C THR C 85 16.46 -1.56 -9.31
N ASN C 86 17.19 -0.54 -9.77
CA ASN C 86 17.51 0.62 -8.94
C ASN C 86 16.28 1.51 -8.72
N GLU C 87 15.79 1.56 -7.50
CA GLU C 87 14.61 2.41 -7.23
C GLU C 87 15.05 3.83 -6.96
N VAL C 88 14.17 4.81 -7.09
CA VAL C 88 14.53 6.25 -6.90
C VAL C 88 14.37 6.49 -5.39
N PRO C 89 15.40 6.94 -4.64
CA PRO C 89 15.22 7.22 -3.20
C PRO C 89 14.40 8.48 -2.97
N GLU C 90 13.71 8.50 -1.83
CA GLU C 90 12.93 9.65 -1.38
C GLU C 90 13.59 10.20 -0.13
N VAL C 91 14.17 11.40 -0.23
CA VAL C 91 14.96 11.99 0.84
C VAL C 91 14.17 13.14 1.47
N THR C 92 14.21 13.21 2.80
CA THR C 92 13.60 14.31 3.55
C THR C 92 14.47 14.62 4.75
N VAL C 93 14.65 15.91 5.02
CA VAL C 93 15.48 16.39 6.12
C VAL C 93 14.61 17.18 7.09
N PHE C 94 14.80 16.92 8.38
CA PHE C 94 14.06 17.61 9.43
C PHE C 94 14.86 17.52 10.72
N SER C 95 14.43 18.28 11.72
CA SER C 95 15.09 18.31 13.02
C SER C 95 14.31 17.48 14.03
N LYS C 96 14.99 17.03 15.08
CA LYS C 96 14.35 16.14 16.09
C LYS C 96 13.53 16.94 17.09
N SER C 97 14.06 18.07 17.54
CA SER C 97 13.37 18.92 18.51
C SER C 97 13.04 20.26 17.88
N PRO C 98 12.11 21.03 18.47
CA PRO C 98 11.82 22.36 17.92
C PRO C 98 13.07 23.24 17.90
N VAL C 99 13.23 23.97 16.80
CA VAL C 99 14.47 24.68 16.54
C VAL C 99 14.56 25.89 17.47
N THR C 100 15.53 25.89 18.39
CA THR C 100 15.84 27.09 19.23
C THR C 100 17.27 27.39 18.83
N LEU C 101 17.64 28.63 18.59
CA LEU C 101 18.95 28.92 17.95
C LEU C 101 20.18 28.50 18.72
N GLY C 102 20.30 28.76 20.00
CA GLY C 102 21.57 28.36 20.63
C GLY C 102 21.50 27.01 21.30
N GLN C 103 20.39 26.31 21.15
CA GLN C 103 20.21 25.07 21.91
C GLN C 103 20.56 23.88 21.04
N PRO C 104 21.19 22.85 21.63
CA PRO C 104 21.61 21.72 20.86
C PRO C 104 20.45 20.95 20.23
N ASN C 105 20.63 20.52 18.98
CA ASN C 105 19.58 19.78 18.24
C ASN C 105 20.24 18.76 17.32
N ILE C 106 19.43 17.96 16.65
CA ILE C 106 19.91 16.93 15.75
C ILE C 106 19.12 17.00 14.45
N LEU C 107 19.82 17.07 13.33
CA LEU C 107 19.20 17.00 12.02
C LEU C 107 19.03 15.54 11.60
N ILE C 108 17.87 15.23 11.03
CA ILE C 108 17.52 13.87 10.64
C ILE C 108 17.27 13.85 9.14
N CYS C 109 18.12 13.12 8.41
CA CYS C 109 18.00 12.97 6.97
C CYS C 109 17.56 11.55 6.67
N LEU C 110 16.25 11.39 6.42
CA LEU C 110 15.67 10.08 6.15
C LEU C 110 15.70 9.80 4.66
N VAL C 111 16.34 8.70 4.27
CA VAL C 111 16.37 8.23 2.89
C VAL C 111 15.51 6.99 2.80
N ASP C 112 14.48 7.02 1.95
CA ASP C 112 13.53 5.94 1.82
C ASP C 112 13.55 5.40 0.39
N ASN C 113 12.93 4.22 0.21
CA ASN C 113 12.90 3.52 -1.08
C ASN C 113 14.31 3.25 -1.60
N ILE C 114 15.11 2.59 -0.78
CA ILE C 114 16.50 2.27 -1.10
C ILE C 114 16.55 0.83 -1.58
N PHE C 115 16.72 0.63 -2.89
CA PHE C 115 17.04 -0.67 -3.44
C PHE C 115 17.86 -0.46 -4.70
N PRO C 116 19.03 -1.11 -4.83
CA PRO C 116 19.62 -2.03 -3.85
C PRO C 116 20.17 -1.32 -2.62
N PRO C 117 20.42 -2.06 -1.52
CA PRO C 117 20.90 -1.41 -0.29
C PRO C 117 22.36 -0.97 -0.39
N VAL C 118 22.62 0.02 -1.25
CA VAL C 118 23.99 0.57 -1.49
C VAL C 118 23.81 2.06 -1.74
N VAL C 119 23.94 2.90 -0.72
CA VAL C 119 23.67 4.37 -0.84
C VAL C 119 24.65 5.17 0.02
N ASN C 120 25.08 6.36 -0.44
CA ASN C 120 25.94 7.27 0.36
C ASN C 120 25.03 8.31 1.01
N ILE C 121 25.40 8.83 2.17
CA ILE C 121 24.62 9.91 2.86
C ILE C 121 25.64 10.87 3.48
N THR C 122 25.92 12.01 2.83
CA THR C 122 26.91 12.97 3.29
C THR C 122 26.21 14.30 3.59
N TRP C 123 26.65 14.96 4.66
CA TRP C 123 26.14 16.27 5.04
C TRP C 123 27.04 17.37 4.49
N LEU C 124 26.42 18.46 4.04
CA LEU C 124 27.14 19.61 3.51
C LEU C 124 26.70 20.87 4.25
N SER C 125 27.66 21.72 4.56
CA SER C 125 27.39 23.01 5.21
C SER C 125 28.16 24.09 4.46
N ASN C 126 27.43 24.91 3.70
CA ASN C 126 28.02 26.00 2.92
C ASN C 126 29.13 25.50 2.02
N GLY C 127 28.85 24.44 1.27
CA GLY C 127 29.78 23.91 0.30
C GLY C 127 30.91 23.08 0.88
N HIS C 128 31.01 22.98 2.21
CA HIS C 128 32.07 22.22 2.85
C HIS C 128 31.46 20.97 3.49
N SER C 129 32.18 19.85 3.36
CA SER C 129 31.70 18.58 3.89
C SER C 129 31.89 18.54 5.40
N VAL C 130 30.86 18.07 6.11
CA VAL C 130 30.86 17.99 7.56
C VAL C 130 31.03 16.53 7.95
N THR C 131 32.02 16.26 8.79
CA THR C 131 32.28 14.91 9.30
C THR C 131 32.08 14.77 10.80
N GLU C 132 32.12 15.87 11.56
CA GLU C 132 31.97 15.81 13.01
C GLU C 132 30.51 15.71 13.39
N GLY C 133 30.20 14.76 14.28
CA GLY C 133 28.85 14.64 14.80
C GLY C 133 27.84 13.99 13.89
N VAL C 134 28.28 13.08 13.02
CA VAL C 134 27.37 12.37 12.13
C VAL C 134 27.32 10.90 12.52
N SER C 135 26.14 10.31 12.34
CA SER C 135 25.94 8.89 12.58
C SER C 135 24.74 8.42 11.78
N GLU C 136 24.80 7.17 11.32
CA GLU C 136 23.75 6.59 10.50
C GLU C 136 23.22 5.33 11.16
N THR C 137 22.02 4.94 10.75
CA THR C 137 21.40 3.69 11.20
C THR C 137 21.60 2.61 10.15
N SER C 138 21.36 1.37 10.55
CA SER C 138 21.44 0.26 9.61
C SER C 138 20.29 0.34 8.60
N PHE C 139 20.45 -0.40 7.51
CA PHE C 139 19.37 -0.53 6.54
C PHE C 139 18.16 -1.17 7.20
N LEU C 140 17.09 -0.40 7.39
CA LEU C 140 15.89 -0.89 8.05
C LEU C 140 14.91 -1.42 7.00
N SER C 141 14.41 -2.62 7.24
CA SER C 141 13.60 -3.31 6.25
C SER C 141 12.21 -2.67 6.11
N LYS C 142 11.56 -2.95 4.99
CA LYS C 142 10.22 -2.49 4.70
C LYS C 142 9.39 -3.64 4.16
N SER C 143 8.06 -3.44 4.14
CA SER C 143 7.17 -4.50 3.69
C SER C 143 7.41 -4.85 2.23
N ASP C 144 7.69 -3.86 1.39
CA ASP C 144 7.97 -4.07 -0.03
C ASP C 144 9.39 -4.57 -0.28
N HIS C 145 10.07 -5.06 0.76
CA HIS C 145 11.41 -5.64 0.68
C HIS C 145 12.45 -4.64 0.17
N SER C 146 12.19 -3.36 0.35
CA SER C 146 13.18 -2.31 0.16
C SER C 146 13.72 -1.91 1.54
N PHE C 147 14.49 -0.83 1.58
CA PHE C 147 15.12 -0.40 2.83
C PHE C 147 15.02 1.11 2.95
N PHE C 148 15.23 1.60 4.18
CA PHE C 148 15.38 3.02 4.42
C PHE C 148 16.46 3.23 5.48
N LYS C 149 17.17 4.34 5.35
CA LYS C 149 18.32 4.65 6.19
C LYS C 149 18.20 6.07 6.70
N ILE C 150 18.62 6.30 7.94
CA ILE C 150 18.51 7.59 8.60
C ILE C 150 19.90 8.04 9.05
N SER C 151 20.27 9.26 8.68
CA SER C 151 21.54 9.86 9.08
C SER C 151 21.26 11.05 10.00
N TYR C 152 22.13 11.22 11.00
CA TYR C 152 21.97 12.26 12.01
C TYR C 152 23.11 13.25 11.96
N LEU C 153 22.85 14.46 12.45
CA LEU C 153 23.88 15.50 12.52
C LEU C 153 23.58 16.39 13.72
N THR C 154 24.45 16.37 14.72
CA THR C 154 24.32 17.24 15.88
C THR C 154 24.90 18.60 15.56
N LEU C 155 24.21 19.66 15.98
CA LEU C 155 24.64 21.00 15.66
C LEU C 155 24.02 22.01 16.63
N LEU C 156 24.59 23.21 16.65
CA LEU C 156 23.98 24.36 17.28
C LEU C 156 23.42 25.26 16.18
N PRO C 157 22.10 25.37 16.04
CA PRO C 157 21.54 26.16 14.94
C PRO C 157 21.95 27.63 15.02
N SER C 158 21.88 28.31 13.88
CA SER C 158 22.15 29.73 13.82
C SER C 158 21.57 30.27 12.52
N ALA C 159 21.45 31.60 12.45
CA ALA C 159 20.84 32.24 11.28
C ALA C 159 21.70 32.07 10.03
N GLU C 160 23.03 32.15 10.17
CA GLU C 160 23.92 32.12 9.02
C GLU C 160 24.35 30.71 8.62
N GLU C 161 24.02 29.69 9.41
CA GLU C 161 24.41 28.31 9.11
C GLU C 161 23.25 27.57 8.47
N SER C 162 23.49 27.02 7.28
CA SER C 162 22.51 26.21 6.56
C SER C 162 23.18 24.90 6.16
N TYR C 163 22.42 23.82 6.18
CA TYR C 163 22.96 22.48 5.98
C TYR C 163 22.18 21.76 4.89
N ASP C 164 22.87 20.87 4.18
CA ASP C 164 22.27 20.05 3.14
C ASP C 164 22.64 18.59 3.37
N CYS C 165 21.84 17.69 2.81
CA CYS C 165 22.05 16.25 2.90
C CYS C 165 22.23 15.70 1.50
N LYS C 166 23.44 15.28 1.16
CA LYS C 166 23.74 14.73 -0.15
C LYS C 166 23.55 13.21 -0.12
N VAL C 167 22.76 12.70 -1.06
CA VAL C 167 22.46 11.29 -1.17
C VAL C 167 22.90 10.81 -2.55
N GLU C 168 23.80 9.83 -2.58
CA GLU C 168 24.30 9.27 -3.83
C GLU C 168 23.80 7.83 -3.96
N HIS C 169 23.02 7.57 -5.00
CA HIS C 169 22.42 6.26 -5.23
C HIS C 169 22.36 6.01 -6.72
N TRP C 170 22.40 4.73 -7.10
CA TRP C 170 22.40 4.37 -8.52
C TRP C 170 21.07 4.69 -9.19
N GLY C 171 19.99 4.86 -8.43
CA GLY C 171 18.70 5.21 -9.00
C GLY C 171 18.55 6.70 -9.19
N LEU C 172 19.66 7.43 -9.17
CA LEU C 172 19.66 8.88 -9.31
C LEU C 172 20.59 9.28 -10.45
N ASP C 173 20.13 10.23 -11.27
CA ASP C 173 20.95 10.73 -12.36
C ASP C 173 22.10 11.59 -11.83
N LYS C 174 21.85 12.35 -10.79
CA LYS C 174 22.84 13.20 -10.16
C LYS C 174 22.66 13.10 -8.65
N PRO C 175 23.71 13.40 -7.88
CA PRO C 175 23.56 13.39 -6.41
C PRO C 175 22.48 14.34 -5.96
N LEU C 176 21.60 13.86 -5.08
CA LEU C 176 20.48 14.64 -4.61
C LEU C 176 20.83 15.35 -3.32
N LEU C 177 20.45 16.62 -3.23
CA LEU C 177 20.71 17.46 -2.07
C LEU C 177 19.39 18.01 -1.55
N LYS C 178 19.10 17.76 -0.27
CA LYS C 178 17.94 18.31 0.40
C LYS C 178 18.42 19.37 1.39
N HIS C 179 17.90 20.59 1.25
CA HIS C 179 18.39 21.73 2.02
C HIS C 179 17.61 21.88 3.31
N TRP C 180 18.32 22.25 4.38
CA TRP C 180 17.70 22.57 5.65
C TRP C 180 18.35 23.82 6.22
N GLU C 181 17.52 24.76 6.68
CA GLU C 181 18.01 25.97 7.32
C GLU C 181 16.98 26.39 8.36
N PRO C 182 17.41 27.10 9.42
CA PRO C 182 16.48 27.57 10.44
C PRO C 182 15.59 28.71 9.93
N SER D 16 26.71 2.33 -12.79
CA SER D 16 25.83 1.46 -12.01
C SER D 16 26.13 -0.01 -12.28
N PRO D 17 26.95 -0.62 -11.43
CA PRO D 17 27.29 -2.03 -11.63
C PRO D 17 26.11 -2.94 -11.29
N GLU D 18 26.25 -4.18 -11.74
CA GLU D 18 25.20 -5.16 -11.46
C GLU D 18 25.25 -5.46 -9.97
N ASP D 19 24.10 -5.59 -9.35
CA ASP D 19 24.02 -5.99 -7.95
C ASP D 19 22.96 -7.07 -7.82
N PHE D 20 23.30 -8.15 -7.11
CA PHE D 20 22.39 -9.24 -6.83
C PHE D 20 22.17 -9.28 -5.32
N VAL D 21 20.93 -9.09 -4.90
CA VAL D 21 20.57 -8.97 -3.49
C VAL D 21 19.80 -10.21 -3.06
N TYR D 22 20.09 -10.69 -1.85
CA TYR D 22 19.35 -11.78 -1.23
C TYR D 22 19.00 -11.38 0.20
N GLN D 23 17.75 -11.65 0.58
CA GLN D 23 17.25 -11.29 1.90
C GLN D 23 16.55 -12.49 2.53
N PHE D 24 16.69 -12.61 3.85
CA PHE D 24 15.89 -13.54 4.63
C PHE D 24 15.35 -12.81 5.84
N LYS D 25 14.03 -12.75 5.97
CA LYS D 25 13.37 -12.05 7.06
C LYS D 25 12.65 -13.07 7.92
N GLY D 26 13.15 -13.31 9.13
CA GLY D 26 12.48 -14.16 10.08
C GLY D 26 11.55 -13.35 10.96
N MET D 27 10.32 -13.16 10.50
CA MET D 27 9.41 -12.20 11.10
C MET D 27 8.40 -12.87 12.01
N CYS D 28 7.95 -12.12 13.02
CA CYS D 28 6.95 -12.58 13.97
C CYS D 28 5.82 -11.56 14.01
N TYR D 29 4.59 -12.06 14.12
CA TYR D 29 3.41 -11.22 14.19
C TYR D 29 2.65 -11.50 15.48
N PHE D 30 2.33 -10.45 16.22
CA PHE D 30 1.66 -10.55 17.50
C PHE D 30 0.39 -9.71 17.48
N THR D 31 -0.69 -10.27 18.03
CA THR D 31 -1.96 -9.57 18.13
C THR D 31 -2.55 -9.83 19.52
N ASN D 32 -3.05 -8.77 20.15
CA ASN D 32 -3.61 -8.85 21.51
C ASN D 32 -2.59 -9.42 22.48
N GLY D 33 -1.32 -9.09 22.28
CA GLY D 33 -0.24 -9.61 23.11
C GLY D 33 0.25 -10.98 22.62
N THR D 34 -0.09 -12.02 23.38
CA THR D 34 0.31 -13.38 23.05
C THR D 34 -0.86 -14.27 22.63
N GLU D 35 -2.07 -13.70 22.47
CA GLU D 35 -3.23 -14.53 22.17
C GLU D 35 -3.13 -15.13 20.78
N ARG D 36 -2.77 -14.32 19.77
CA ARG D 36 -2.61 -14.77 18.40
C ARG D 36 -1.19 -14.44 17.95
N VAL D 37 -0.40 -15.47 17.68
CA VAL D 37 0.99 -15.32 17.25
C VAL D 37 1.16 -16.09 15.95
N ARG D 38 1.68 -15.40 14.93
CA ARG D 38 1.86 -15.98 13.61
C ARG D 38 3.31 -15.81 13.19
N LEU D 39 3.91 -16.91 12.71
CA LEU D 39 5.30 -16.92 12.30
C LEU D 39 5.38 -16.98 10.78
N VAL D 40 6.09 -16.02 10.19
CA VAL D 40 6.30 -15.98 8.74
C VAL D 40 7.77 -15.67 8.50
N SER D 41 8.47 -16.59 7.85
CA SER D 41 9.86 -16.42 7.45
C SER D 41 9.92 -16.32 5.93
N ARG D 42 10.50 -15.23 5.43
CA ARG D 42 10.51 -14.93 4.00
C ARG D 42 11.94 -14.89 3.51
N SER D 43 12.27 -15.70 2.51
CA SER D 43 13.54 -15.65 1.81
C SER D 43 13.31 -14.98 0.46
N ILE D 44 14.06 -13.92 0.18
CA ILE D 44 13.75 -12.99 -0.89
C ILE D 44 14.95 -12.84 -1.80
N TYR D 45 14.72 -12.93 -3.12
CA TYR D 45 15.74 -12.67 -4.13
C TYR D 45 15.36 -11.43 -4.92
N ASN D 46 16.10 -10.35 -4.73
CA ASN D 46 15.87 -9.06 -5.41
C ASN D 46 14.40 -8.61 -5.25
N ARG D 47 14.06 -8.27 -4.01
CA ARG D 47 12.72 -7.81 -3.63
C ARG D 47 11.62 -8.81 -3.97
N GLU D 48 11.97 -10.02 -4.40
CA GLU D 48 10.99 -11.01 -4.82
C GLU D 48 11.08 -12.20 -3.88
N GLU D 49 10.06 -12.36 -3.05
CA GLU D 49 9.96 -13.52 -2.16
C GLU D 49 9.73 -14.78 -2.98
N ILE D 50 10.61 -15.77 -2.83
CA ILE D 50 10.58 -16.97 -3.66
C ILE D 50 10.00 -18.17 -2.91
N VAL D 51 10.35 -18.33 -1.64
CA VAL D 51 9.83 -19.41 -0.81
C VAL D 51 9.64 -18.88 0.61
N ARG D 52 8.57 -19.30 1.27
CA ARG D 52 8.23 -18.83 2.60
C ARG D 52 7.76 -19.98 3.46
N PHE D 53 7.67 -19.72 4.76
CA PHE D 53 7.09 -20.66 5.72
C PHE D 53 6.17 -19.88 6.65
N ASP D 54 4.87 -20.12 6.53
CA ASP D 54 3.88 -19.53 7.41
C ASP D 54 3.49 -20.52 8.49
N SER D 55 3.38 -20.04 9.72
CA SER D 55 2.98 -20.91 10.82
C SER D 55 1.54 -21.39 10.69
N ASP D 56 0.73 -20.71 9.89
CA ASP D 56 -0.66 -21.10 9.68
C ASP D 56 -0.82 -22.14 8.57
N VAL D 57 0.23 -22.42 7.81
CA VAL D 57 0.21 -23.52 6.85
C VAL D 57 1.09 -24.68 7.28
N GLY D 58 2.11 -24.46 8.10
CA GLY D 58 2.89 -25.53 8.68
C GLY D 58 3.86 -26.22 7.75
N GLU D 59 4.14 -25.65 6.59
CA GLU D 59 5.08 -26.29 5.66
C GLU D 59 5.65 -25.23 4.74
N PHE D 60 6.88 -25.48 4.28
CA PHE D 60 7.51 -24.59 3.32
C PHE D 60 6.77 -24.66 1.99
N ARG D 61 6.39 -23.49 1.47
CA ARG D 61 5.73 -23.40 0.18
C ARG D 61 6.42 -22.35 -0.67
N ALA D 62 6.61 -22.66 -1.95
CA ALA D 62 7.25 -21.74 -2.87
C ALA D 62 6.29 -20.62 -3.28
N VAL D 63 6.81 -19.41 -3.42
CA VAL D 63 6.04 -18.27 -3.87
C VAL D 63 6.22 -18.10 -5.37
N THR D 64 7.43 -18.42 -5.85
CA THR D 64 7.76 -18.39 -7.27
C THR D 64 8.41 -19.70 -7.66
N LEU D 65 8.71 -19.84 -8.96
CA LEU D 65 9.35 -21.05 -9.44
C LEU D 65 10.76 -21.21 -8.90
N LEU D 66 11.44 -20.09 -8.61
CA LEU D 66 12.80 -20.15 -8.08
C LEU D 66 12.85 -20.84 -6.72
N GLY D 67 11.78 -20.71 -5.94
CA GLY D 67 11.71 -21.33 -4.63
C GLY D 67 11.13 -22.72 -4.60
N LEU D 68 10.73 -23.27 -5.75
CA LEU D 68 10.16 -24.61 -5.76
C LEU D 68 11.16 -25.69 -5.36
N PRO D 69 12.40 -25.71 -5.85
CA PRO D 69 13.35 -26.73 -5.35
C PRO D 69 13.62 -26.61 -3.86
N ALA D 70 13.67 -25.39 -3.32
CA ALA D 70 13.97 -25.22 -1.91
C ALA D 70 12.83 -25.69 -1.03
N ALA D 71 11.58 -25.39 -1.42
CA ALA D 71 10.43 -25.77 -0.60
C ALA D 71 10.29 -27.29 -0.54
N GLU D 72 10.54 -27.98 -1.65
CA GLU D 72 10.44 -29.43 -1.66
C GLU D 72 11.59 -30.08 -0.87
N TYR D 73 12.80 -29.54 -1.01
CA TYR D 73 13.94 -30.09 -0.30
C TYR D 73 13.81 -29.87 1.20
N TRP D 74 13.31 -28.71 1.61
CA TRP D 74 13.15 -28.45 3.04
C TRP D 74 12.00 -29.26 3.61
N ASN D 75 10.91 -29.42 2.85
CA ASN D 75 9.82 -30.28 3.29
C ASN D 75 10.22 -31.75 3.30
N SER D 76 11.22 -32.13 2.50
CA SER D 76 11.68 -33.52 2.50
C SER D 76 12.39 -33.86 3.81
N GLN D 77 13.08 -32.90 4.41
CA GLN D 77 13.81 -33.12 5.65
C GLN D 77 12.83 -32.95 6.82
N LYS D 78 12.36 -34.06 7.37
CA LYS D 78 11.41 -34.02 8.47
C LYS D 78 12.00 -33.43 9.73
N ASP D 79 13.34 -33.33 9.82
CA ASP D 79 13.95 -32.71 10.98
C ASP D 79 13.76 -31.20 10.96
N ILE D 80 13.90 -30.58 9.79
CA ILE D 80 13.70 -29.13 9.67
C ILE D 80 12.24 -28.79 9.93
N LEU D 81 11.31 -29.63 9.48
CA LEU D 81 9.89 -29.38 9.71
C LEU D 81 9.57 -29.37 11.21
N GLU D 82 10.05 -30.38 11.94
CA GLU D 82 9.74 -30.47 13.36
C GLU D 82 10.24 -29.25 14.13
N ARG D 83 11.40 -28.75 13.75
CA ARG D 83 11.98 -27.66 14.55
C ARG D 83 11.51 -26.30 14.02
N LYS D 84 11.00 -26.24 12.79
CA LYS D 84 10.45 -24.99 12.29
C LYS D 84 9.00 -24.79 12.73
N ARG D 85 8.24 -25.89 12.88
CA ARG D 85 6.90 -25.78 13.44
C ARG D 85 6.96 -25.33 14.90
N ALA D 86 8.00 -25.73 15.63
CA ALA D 86 8.17 -25.30 17.01
C ALA D 86 8.78 -23.91 17.12
N ALA D 87 9.25 -23.34 16.01
CA ALA D 87 9.85 -22.01 16.04
C ALA D 87 8.84 -20.93 16.39
N VAL D 88 7.54 -21.20 16.23
CA VAL D 88 6.53 -20.22 16.60
C VAL D 88 6.58 -19.92 18.09
N ASP D 89 6.88 -20.94 18.90
CA ASP D 89 7.04 -20.77 20.33
C ASP D 89 8.47 -20.47 20.73
N ARG D 90 9.43 -21.10 20.07
CA ARG D 90 10.84 -20.95 20.50
C ARG D 90 11.43 -19.63 20.04
N VAL D 91 10.82 -18.99 19.04
CA VAL D 91 11.29 -17.69 18.58
C VAL D 91 10.32 -16.60 18.99
N CYS D 92 9.13 -16.61 18.37
CA CYS D 92 8.19 -15.50 18.53
C CYS D 92 7.70 -15.38 19.96
N ARG D 93 7.13 -16.46 20.50
CA ARG D 93 6.60 -16.40 21.85
C ARG D 93 7.71 -16.25 22.89
N HIS D 94 8.88 -16.84 22.64
CA HIS D 94 9.98 -16.72 23.60
C HIS D 94 10.51 -15.29 23.65
N ASN D 95 10.81 -14.71 22.49
CA ASN D 95 11.35 -13.35 22.46
C ASN D 95 10.33 -12.31 22.88
N TYR D 96 9.03 -12.60 22.74
CA TYR D 96 8.03 -11.65 23.18
C TYR D 96 8.05 -11.47 24.69
N GLN D 97 8.39 -12.54 25.43
CA GLN D 97 8.54 -12.41 26.88
C GLN D 97 9.73 -11.53 27.24
N LEU D 98 10.72 -11.43 26.35
CA LEU D 98 11.81 -10.49 26.56
C LEU D 98 11.41 -9.07 26.20
N GLU D 99 10.48 -8.91 25.25
CA GLU D 99 10.01 -7.57 24.91
C GLU D 99 9.12 -6.99 26.00
N LEU D 100 8.36 -7.83 26.70
CA LEU D 100 7.50 -7.35 27.77
C LEU D 100 8.29 -6.72 28.92
N ARG D 101 9.55 -7.09 29.08
CA ARG D 101 10.38 -6.58 30.15
C ARG D 101 11.33 -5.48 29.69
N THR D 102 11.36 -5.17 28.39
CA THR D 102 12.27 -4.17 27.86
C THR D 102 11.57 -3.18 26.94
N THR D 103 11.35 -3.57 25.69
CA THR D 103 10.81 -2.63 24.71
C THR D 103 9.37 -2.25 25.00
N LEU D 104 8.55 -3.23 25.40
CA LEU D 104 7.14 -2.95 25.63
C LEU D 104 6.89 -2.15 26.91
N GLN D 105 7.91 -1.91 27.72
CA GLN D 105 7.80 -1.01 28.87
C GLN D 105 8.38 0.37 28.60
N ARG D 106 9.03 0.58 27.46
CA ARG D 106 9.60 1.89 27.13
C ARG D 106 8.46 2.89 26.91
N ARG D 107 8.46 3.95 27.70
CA ARG D 107 7.44 5.00 27.60
C ARG D 107 8.13 6.34 27.69
N VAL D 108 8.04 7.13 26.62
CA VAL D 108 8.65 8.46 26.56
C VAL D 108 7.51 9.48 26.46
N GLU D 109 7.49 10.43 27.40
CA GLU D 109 6.46 11.46 27.38
C GLU D 109 6.80 12.51 26.31
N PRO D 110 5.82 12.94 25.53
CA PRO D 110 6.08 13.88 24.44
C PRO D 110 6.27 15.31 24.94
N THR D 111 6.94 16.10 24.10
CA THR D 111 7.15 17.52 24.33
C THR D 111 6.33 18.28 23.30
N VAL D 112 5.30 19.00 23.76
CA VAL D 112 4.35 19.67 22.88
C VAL D 112 4.58 21.18 22.97
N THR D 113 4.95 21.78 21.83
CA THR D 113 5.16 23.21 21.73
C THR D 113 4.37 23.76 20.55
N ILE D 114 3.83 24.97 20.71
CA ILE D 114 3.06 25.64 19.67
C ILE D 114 3.84 26.85 19.19
N SER D 115 4.00 26.98 17.87
CA SER D 115 4.68 28.12 17.27
C SER D 115 4.09 28.40 15.90
N PRO D 116 3.89 29.67 15.55
CA PRO D 116 3.37 29.99 14.21
C PRO D 116 4.43 29.85 13.15
N SER D 117 3.98 29.48 11.95
CA SER D 117 4.87 29.41 10.79
C SER D 117 4.30 30.20 9.62
N ASN D 126 -2.81 32.51 7.80
CA ASN D 126 -1.94 32.32 8.95
C ASN D 126 -2.01 30.88 9.44
N LEU D 127 -0.87 30.35 9.87
CA LEU D 127 -0.74 28.93 10.21
C LEU D 127 -0.25 28.77 11.64
N LEU D 128 -0.82 27.78 12.34
CA LEU D 128 -0.43 27.43 13.70
C LEU D 128 0.04 25.99 13.72
N VAL D 129 1.23 25.75 14.26
CA VAL D 129 1.89 24.45 14.21
C VAL D 129 2.10 23.95 15.63
N CYS D 130 1.45 22.83 15.97
CA CYS D 130 1.67 22.15 17.24
C CYS D 130 2.62 20.98 16.98
N SER D 131 3.80 21.03 17.60
CA SER D 131 4.86 20.05 17.37
C SER D 131 4.91 19.10 18.56
N VAL D 132 4.64 17.83 18.31
CA VAL D 132 4.73 16.77 19.31
C VAL D 132 5.97 15.96 19.00
N THR D 133 6.96 16.02 19.89
CA THR D 133 8.31 15.53 19.60
C THR D 133 8.65 14.33 20.48
N ASP D 134 9.76 13.67 20.19
CA ASP D 134 10.27 12.53 20.99
C ASP D 134 9.21 11.82 21.80
N PHE D 135 8.60 10.75 21.27
CA PHE D 135 7.73 9.98 22.14
C PHE D 135 7.69 8.54 21.66
N TYR D 136 7.64 7.61 22.62
CA TYR D 136 7.48 6.18 22.36
C TYR D 136 6.52 5.67 23.43
N PRO D 137 5.48 4.90 23.05
CA PRO D 137 5.21 4.32 21.73
C PRO D 137 4.59 5.30 20.74
N ALA D 138 4.08 4.76 19.63
CA ALA D 138 3.60 5.57 18.51
C ALA D 138 2.14 6.01 18.58
N GLN D 139 1.33 5.42 19.46
CA GLN D 139 -0.09 5.77 19.53
C GLN D 139 -0.23 7.15 20.14
N ILE D 140 -0.91 8.06 19.42
CA ILE D 140 -1.13 9.42 19.89
C ILE D 140 -2.48 9.86 19.32
N LYS D 141 -3.01 10.95 19.88
CA LYS D 141 -4.21 11.58 19.35
C LYS D 141 -4.11 13.07 19.66
N VAL D 142 -3.90 13.88 18.63
CA VAL D 142 -3.72 15.32 18.77
C VAL D 142 -4.98 16.01 18.26
N ARG D 143 -5.55 16.89 19.08
CA ARG D 143 -6.73 17.66 18.72
C ARG D 143 -6.44 19.15 18.83
N TRP D 144 -7.08 19.92 17.97
CA TRP D 144 -6.99 21.38 17.99
C TRP D 144 -8.32 21.94 18.48
N PHE D 145 -8.24 22.89 19.42
CA PHE D 145 -9.40 23.53 20.00
C PHE D 145 -9.31 25.04 19.81
N ARG D 146 -10.43 25.65 19.45
CA ARG D 146 -10.53 27.10 19.30
C ARG D 146 -11.64 27.58 20.25
N ASN D 147 -11.24 28.05 21.43
CA ASN D 147 -12.17 28.53 22.45
C ASN D 147 -13.16 27.44 22.84
N ASP D 148 -12.63 26.37 23.42
CA ASP D 148 -13.40 25.23 23.94
C ASP D 148 -14.25 24.57 22.86
N GLN D 149 -13.89 24.74 21.60
CA GLN D 149 -14.59 24.11 20.49
C GLN D 149 -13.58 23.43 19.59
N GLU D 150 -13.74 22.13 19.38
CA GLU D 150 -12.79 21.36 18.60
C GLU D 150 -12.87 21.76 17.12
N GLU D 151 -11.70 21.93 16.52
CA GLU D 151 -11.61 22.32 15.10
C GLU D 151 -11.27 21.08 14.25
N THR D 152 -12.28 20.44 13.68
CA THR D 152 -12.09 19.25 12.81
C THR D 152 -11.42 19.58 11.47
N ALA D 153 -11.80 20.68 10.83
CA ALA D 153 -11.29 20.97 9.47
C ALA D 153 -10.35 22.13 9.53
N GLY D 154 -9.52 22.29 8.50
CA GLY D 154 -8.51 23.34 8.59
C GLY D 154 -7.29 22.81 9.32
N VAL D 155 -7.35 21.53 9.70
CA VAL D 155 -6.20 20.91 10.40
C VAL D 155 -5.52 19.96 9.41
N VAL D 156 -4.23 20.16 9.21
CA VAL D 156 -3.44 19.26 8.34
C VAL D 156 -2.35 18.73 9.24
N SER D 157 -2.19 17.42 9.30
CA SER D 157 -1.14 16.83 10.12
C SER D 157 -0.19 16.02 9.25
N THR D 158 1.10 16.10 9.58
CA THR D 158 2.09 15.29 8.91
C THR D 158 1.91 13.82 9.32
N PRO D 159 2.44 12.89 8.53
CA PRO D 159 2.40 11.48 8.94
C PRO D 159 3.24 11.26 10.19
N LEU D 160 3.13 10.06 10.75
CA LEU D 160 3.92 9.69 11.91
C LEU D 160 5.39 9.63 11.51
N ILE D 161 6.19 10.53 12.06
CA ILE D 161 7.60 10.66 11.67
C ILE D 161 8.44 9.79 12.60
N ARG D 162 9.07 8.77 12.03
CA ARG D 162 9.97 7.88 12.77
C ARG D 162 11.37 8.47 12.75
N ASN D 163 11.87 8.84 13.93
CA ASN D 163 13.20 9.44 14.03
C ASN D 163 14.32 8.41 13.91
N GLY D 164 14.03 7.14 14.20
CA GLY D 164 15.01 6.08 14.09
C GLY D 164 15.70 5.72 15.39
N ASP D 165 15.68 6.60 16.38
CA ASP D 165 16.29 6.35 17.69
C ASP D 165 15.25 5.97 18.72
N TRP D 166 14.25 5.17 18.32
CA TRP D 166 13.17 4.72 19.22
C TRP D 166 12.38 5.89 19.77
N THR D 167 12.20 6.92 18.93
CA THR D 167 11.33 8.05 19.25
C THR D 167 10.55 8.44 18.00
N PHE D 168 9.35 8.96 18.21
CA PHE D 168 8.49 9.42 17.14
C PHE D 168 8.16 10.90 17.33
N GLN D 169 7.81 11.56 16.23
CA GLN D 169 7.34 12.94 16.28
C GLN D 169 6.23 13.12 15.26
N ILE D 170 5.43 14.17 15.46
CA ILE D 170 4.34 14.51 14.56
C ILE D 170 4.14 16.01 14.59
N LEU D 171 3.67 16.56 13.47
CA LEU D 171 3.39 17.99 13.34
C LEU D 171 1.93 18.14 12.93
N VAL D 172 1.11 18.71 13.81
CA VAL D 172 -0.30 18.95 13.55
C VAL D 172 -0.47 20.45 13.36
N MET D 173 -0.86 20.84 12.15
CA MET D 173 -0.92 22.24 11.75
C MET D 173 -2.37 22.67 11.59
N LEU D 174 -2.60 23.98 11.73
CA LEU D 174 -3.97 24.50 11.75
C LEU D 174 -4.02 25.87 11.10
N GLU D 175 -5.01 26.05 10.22
CA GLU D 175 -5.27 27.35 9.60
C GLU D 175 -6.26 28.12 10.46
N MET D 176 -5.99 29.42 10.64
CA MET D 176 -6.78 30.23 11.55
C MET D 176 -6.96 31.63 11.00
N THR D 177 -8.02 32.29 11.46
CA THR D 177 -8.23 33.72 11.28
C THR D 177 -8.32 34.33 12.68
N PRO D 178 -7.19 34.69 13.27
CA PRO D 178 -7.18 35.05 14.70
C PRO D 178 -7.98 36.32 14.97
N GLN D 179 -8.90 36.24 15.91
CA GLN D 179 -9.65 37.39 16.41
C GLN D 179 -9.13 37.76 17.79
N ARG D 180 -9.64 38.89 18.30
CA ARG D 180 -9.18 39.42 19.57
C ARG D 180 -9.62 38.51 20.71
N GLY D 181 -8.69 38.22 21.61
CA GLY D 181 -8.99 37.39 22.76
C GLY D 181 -9.27 35.93 22.46
N ASP D 182 -8.94 35.46 21.26
CA ASP D 182 -9.16 34.06 20.91
C ASP D 182 -8.00 33.21 21.41
N VAL D 183 -8.33 32.14 22.12
CA VAL D 183 -7.34 31.22 22.67
C VAL D 183 -7.37 29.93 21.85
N TYR D 184 -6.19 29.44 21.49
CA TYR D 184 -6.04 28.19 20.75
C TYR D 184 -5.27 27.20 21.61
N THR D 185 -5.80 25.98 21.72
CA THR D 185 -5.25 24.95 22.59
C THR D 185 -4.95 23.70 21.78
N CYS D 186 -3.80 23.08 22.05
CA CYS D 186 -3.41 21.82 21.43
C CYS D 186 -3.60 20.70 22.45
N HIS D 187 -4.53 19.79 22.14
CA HIS D 187 -4.90 18.70 23.04
C HIS D 187 -4.20 17.42 22.57
N VAL D 188 -3.36 16.85 23.43
CA VAL D 188 -2.51 15.73 23.06
C VAL D 188 -2.68 14.62 24.10
N GLU D 189 -3.11 13.45 23.65
CA GLU D 189 -3.23 12.27 24.49
C GLU D 189 -2.16 11.24 24.10
N HIS D 190 -1.67 10.51 25.10
CA HIS D 190 -0.58 9.57 24.90
C HIS D 190 -0.63 8.53 26.01
N PRO D 191 -0.28 7.26 25.72
CA PRO D 191 -0.31 6.24 26.79
C PRO D 191 0.63 6.52 27.94
N SER D 192 1.75 7.19 27.67
CA SER D 192 2.72 7.56 28.73
C SER D 192 2.11 8.66 29.58
N LEU D 193 1.02 9.25 29.12
CA LEU D 193 0.49 10.42 29.84
C LEU D 193 -0.76 10.03 30.62
N GLN D 194 -0.74 10.25 31.93
CA GLN D 194 -1.91 9.96 32.80
C GLN D 194 -3.06 10.90 32.41
N SER D 195 -2.74 12.16 32.13
CA SER D 195 -3.76 13.17 31.77
C SER D 195 -3.30 13.96 30.54
N PRO D 196 -4.14 14.29 29.54
CA PRO D 196 -3.66 14.98 28.34
C PRO D 196 -3.03 16.32 28.68
N ILE D 197 -2.07 16.69 27.82
CA ILE D 197 -1.34 17.96 28.00
C ILE D 197 -2.05 19.01 27.19
N THR D 198 -2.28 20.17 27.79
CA THR D 198 -2.89 21.28 27.06
C THR D 198 -1.83 22.37 26.94
N VAL D 199 -1.45 22.71 25.73
CA VAL D 199 -0.50 23.83 25.52
C VAL D 199 -1.36 24.91 24.89
N GLU D 200 -1.25 26.15 25.37
CA GLU D 200 -2.19 27.17 24.90
C GLU D 200 -1.49 28.27 24.11
N TRP D 201 -2.14 28.79 23.09
CA TRP D 201 -1.62 29.93 22.34
C TRP D 201 -2.73 30.95 22.19
N ARG D 202 -2.40 32.22 22.44
CA ARG D 202 -3.41 33.28 22.36
C ARG D 202 -2.76 34.55 21.85
N ALA D 203 -3.55 35.33 21.11
CA ALA D 203 -3.09 36.60 20.56
C ALA D 203 -4.28 37.39 20.01
N LYS E 3 -39.26 20.50 -19.78
CA LYS E 3 -38.94 19.56 -18.71
C LYS E 3 -39.78 19.82 -17.48
N THR E 4 -40.15 21.09 -17.27
CA THR E 4 -40.95 21.49 -16.13
C THR E 4 -42.14 22.31 -16.62
N THR E 5 -43.28 22.13 -15.95
CA THR E 5 -44.48 22.91 -16.21
C THR E 5 -44.92 23.58 -14.92
N GLN E 6 -45.03 24.89 -14.95
CA GLN E 6 -45.42 25.70 -13.82
C GLN E 6 -46.49 26.71 -14.25
N PRO E 7 -47.28 27.22 -13.30
CA PRO E 7 -48.33 28.19 -13.67
C PRO E 7 -47.77 29.40 -14.39
N ILE E 8 -48.59 29.97 -15.26
CA ILE E 8 -48.14 31.10 -16.08
C ILE E 8 -48.04 32.37 -15.24
N SER E 9 -49.03 32.61 -14.38
CA SER E 9 -49.05 33.81 -13.55
C SER E 9 -49.86 33.54 -12.29
N MET E 10 -49.63 34.37 -11.27
CA MET E 10 -50.36 34.27 -10.02
C MET E 10 -50.60 35.68 -9.47
N ASP E 11 -51.57 35.78 -8.57
CA ASP E 11 -51.89 37.01 -7.87
C ASP E 11 -51.96 36.74 -6.37
N SER E 12 -51.58 37.75 -5.59
CA SER E 12 -51.58 37.61 -4.14
C SER E 12 -51.51 38.98 -3.50
N TYR E 13 -52.00 39.07 -2.27
CA TYR E 13 -51.90 40.26 -1.45
C TYR E 13 -50.73 40.13 -0.47
N GLU E 14 -50.26 41.27 0.01
CA GLU E 14 -49.13 41.27 0.93
C GLU E 14 -49.50 40.60 2.25
N GLY E 15 -48.53 39.90 2.83
CA GLY E 15 -48.76 39.17 4.06
C GLY E 15 -49.43 37.83 3.90
N GLN E 16 -49.43 37.27 2.70
CA GLN E 16 -50.06 35.99 2.42
C GLN E 16 -49.00 34.98 2.00
N GLU E 17 -49.16 33.74 2.47
CA GLU E 17 -48.28 32.66 2.02
C GLU E 17 -48.61 32.26 0.60
N VAL E 18 -47.61 32.27 -0.27
CA VAL E 18 -47.75 31.96 -1.68
C VAL E 18 -47.06 30.64 -1.96
N ASN E 19 -47.79 29.68 -2.53
CA ASN E 19 -47.28 28.35 -2.83
C ASN E 19 -47.31 28.16 -4.35
N ILE E 20 -46.13 28.23 -4.98
CA ILE E 20 -46.00 27.97 -6.40
C ILE E 20 -45.60 26.50 -6.57
N THR E 21 -46.45 25.74 -7.26
CA THR E 21 -46.26 24.31 -7.44
C THR E 21 -45.69 24.04 -8.82
N CYS E 22 -44.59 23.30 -8.87
CA CYS E 22 -43.93 22.94 -10.12
C CYS E 22 -44.27 21.50 -10.48
N SER E 23 -44.62 21.30 -11.74
CA SER E 23 -44.89 19.92 -12.21
C SER E 23 -43.64 19.40 -12.88
N HIS E 24 -43.01 18.40 -12.28
CA HIS E 24 -41.81 17.79 -12.92
C HIS E 24 -42.01 16.27 -12.97
N ASN E 25 -42.88 15.82 -13.87
CA ASN E 25 -43.02 14.35 -14.08
C ASN E 25 -41.84 13.97 -14.96
N ASN E 26 -41.59 12.69 -15.16
CA ASN E 26 -40.40 12.26 -15.94
C ASN E 26 -39.15 12.87 -15.32
N ILE E 27 -39.08 12.90 -13.99
CA ILE E 27 -37.86 13.39 -13.30
C ILE E 27 -36.97 12.20 -12.99
N ALA E 28 -35.69 12.29 -13.32
CA ALA E 28 -34.69 11.28 -13.02
C ALA E 28 -34.43 11.19 -11.52
N THR E 29 -33.88 10.05 -11.10
CA THR E 29 -33.60 9.84 -9.69
C THR E 29 -32.50 10.78 -9.19
N ASN E 30 -31.46 10.98 -9.99
CA ASN E 30 -30.35 11.85 -9.62
C ASN E 30 -30.60 13.30 -9.94
N ASP E 31 -31.75 13.63 -10.53
CA ASP E 31 -32.06 15.02 -10.86
C ASP E 31 -32.27 15.85 -9.61
N TYR E 32 -31.87 17.12 -9.70
CA TYR E 32 -31.94 18.06 -8.60
C TYR E 32 -32.96 19.15 -8.90
N ILE E 33 -33.60 19.66 -7.86
CA ILE E 33 -34.64 20.68 -7.99
C ILE E 33 -34.05 22.03 -7.58
N THR E 34 -34.29 23.05 -8.41
CA THR E 34 -33.75 24.37 -8.18
C THR E 34 -34.80 25.41 -8.54
N TRP E 35 -34.76 26.55 -7.84
CA TRP E 35 -35.69 27.65 -8.05
C TRP E 35 -34.90 28.95 -8.19
N TYR E 36 -35.40 29.83 -9.06
CA TYR E 36 -34.77 31.12 -9.31
C TYR E 36 -35.82 32.23 -9.24
N GLN E 37 -35.34 33.44 -8.91
CA GLN E 37 -36.19 34.62 -8.77
C GLN E 37 -35.55 35.75 -9.57
N GLN E 38 -36.23 36.19 -10.64
CA GLN E 38 -35.73 37.24 -11.50
C GLN E 38 -36.60 38.47 -11.37
N PHE E 39 -36.02 39.56 -10.88
CA PHE E 39 -36.70 40.85 -10.87
C PHE E 39 -36.55 41.50 -12.25
N PRO E 40 -37.45 42.40 -12.61
CA PRO E 40 -37.42 42.98 -13.96
C PRO E 40 -36.09 43.67 -14.26
N SER E 41 -35.68 43.58 -15.52
CA SER E 41 -34.45 44.18 -16.04
C SER E 41 -33.17 43.57 -15.45
N GLN E 42 -33.31 42.72 -14.43
CA GLN E 42 -32.16 42.07 -13.82
C GLN E 42 -32.09 40.62 -14.27
N GLY E 43 -31.07 39.91 -13.79
CA GLY E 43 -30.95 38.50 -14.07
C GLY E 43 -31.55 37.65 -12.96
N PRO E 44 -31.71 36.35 -13.23
CA PRO E 44 -32.28 35.45 -12.22
C PRO E 44 -31.35 35.31 -11.02
N ARG E 45 -31.99 35.16 -9.86
CA ARG E 45 -31.23 34.99 -8.61
C ARG E 45 -31.62 33.67 -7.99
N PHE E 46 -30.64 32.86 -7.57
CA PHE E 46 -30.87 31.59 -6.91
C PHE E 46 -31.44 31.82 -5.51
N ILE E 47 -32.51 31.11 -5.18
CA ILE E 47 -33.18 31.23 -3.88
C ILE E 47 -33.01 29.97 -3.04
N ILE E 48 -33.51 28.83 -3.53
CA ILE E 48 -33.53 27.59 -2.75
C ILE E 48 -33.17 26.41 -3.63
N GLN E 49 -32.67 25.35 -2.99
CA GLN E 49 -32.23 24.14 -3.66
C GLN E 49 -32.70 22.93 -2.87
N GLY E 50 -33.25 21.94 -3.57
CA GLY E 50 -33.78 20.73 -2.90
C GLY E 50 -33.60 19.48 -3.75
N TYR E 51 -33.69 18.30 -3.13
CA TYR E 51 -33.48 17.03 -3.86
C TYR E 51 -34.10 15.88 -3.06
N LYS E 52 -35.29 15.44 -3.46
CA LYS E 52 -35.98 14.31 -2.75
C LYS E 52 -36.09 14.66 -1.26
N THR E 53 -35.94 15.93 -0.91
CA THR E 53 -35.94 16.34 0.52
C THR E 53 -36.48 17.76 0.65
N LYS E 54 -37.65 17.92 1.29
CA LYS E 54 -38.16 19.29 1.54
C LYS E 54 -37.09 20.08 2.29
N VAL E 55 -36.74 21.28 1.81
CA VAL E 55 -35.66 22.09 2.44
C VAL E 55 -36.28 23.42 2.89
N THR E 56 -35.84 23.99 4.01
CA THR E 56 -36.37 25.31 4.37
C THR E 56 -35.18 26.24 4.56
N ASN E 57 -35.23 27.43 3.94
CA ASN E 57 -34.17 28.46 4.03
C ASN E 57 -34.74 29.77 4.59
N GLU E 58 -34.00 30.87 4.45
CA GLU E 58 -34.45 32.20 4.91
C GLU E 58 -35.46 32.94 4.05
N VAL E 59 -35.20 33.05 2.75
CA VAL E 59 -36.17 33.68 1.81
C VAL E 59 -37.37 32.75 1.70
N ALA E 60 -37.16 31.44 1.71
CA ALA E 60 -38.30 30.53 1.45
C ALA E 60 -38.02 29.10 1.88
N SER E 61 -39.02 28.23 1.67
CA SER E 61 -38.99 26.78 1.94
C SER E 61 -39.44 25.99 0.72
N LEU E 62 -38.81 24.84 0.46
CA LEU E 62 -39.16 23.99 -0.69
C LEU E 62 -39.67 22.65 -0.16
N PHE E 63 -40.82 22.22 -0.64
CA PHE E 63 -41.45 20.98 -0.22
C PHE E 63 -41.31 19.95 -1.33
N ILE E 64 -40.82 18.76 -0.99
CA ILE E 64 -40.60 17.77 -2.07
C ILE E 64 -41.40 16.51 -1.73
N PRO E 65 -42.47 16.22 -2.48
CA PRO E 65 -43.23 15.00 -2.28
C PRO E 65 -42.34 13.79 -2.60
N ALA E 66 -42.60 12.65 -1.96
CA ALA E 66 -41.80 11.43 -2.19
C ALA E 66 -41.89 11.03 -3.66
N ASP E 67 -43.05 11.20 -4.28
CA ASP E 67 -43.16 10.72 -5.68
C ASP E 67 -42.12 11.48 -6.48
N ARG E 68 -41.89 12.73 -6.12
CA ARG E 68 -40.91 13.60 -6.82
C ARG E 68 -41.51 13.94 -8.19
N LYS E 69 -42.80 13.70 -8.36
CA LYS E 69 -43.48 14.01 -9.63
C LYS E 69 -43.89 15.49 -9.60
N SER E 70 -43.75 16.11 -8.44
CA SER E 70 -44.09 17.54 -8.30
C SER E 70 -43.25 18.18 -7.21
N SER E 71 -43.23 19.50 -7.13
CA SER E 71 -42.56 20.25 -6.09
C SER E 71 -43.26 21.59 -5.92
N THR E 72 -43.11 22.18 -4.73
CA THR E 72 -43.82 23.40 -4.39
C THR E 72 -42.90 24.35 -3.63
N LEU E 73 -42.80 25.58 -4.10
CA LEU E 73 -42.07 26.63 -3.42
C LEU E 73 -43.03 27.47 -2.60
N SER E 74 -42.70 27.69 -1.33
CA SER E 74 -43.57 28.41 -0.40
C SER E 74 -42.86 29.66 0.09
N LEU E 75 -43.46 30.82 -0.18
CA LEU E 75 -42.94 32.09 0.31
C LEU E 75 -43.83 32.59 1.44
N PRO E 76 -43.32 32.75 2.66
CA PRO E 76 -44.16 33.22 3.76
C PRO E 76 -44.11 34.74 3.91
N ARG E 77 -45.26 35.31 4.25
CA ARG E 77 -45.42 36.75 4.43
C ARG E 77 -44.82 37.52 3.25
N VAL E 78 -45.42 37.31 2.09
CA VAL E 78 -44.93 37.92 0.86
C VAL E 78 -45.11 39.43 0.92
N SER E 79 -44.07 40.16 0.52
CA SER E 79 -44.06 41.61 0.54
C SER E 79 -44.14 42.17 -0.87
N LEU E 80 -44.31 43.49 -0.97
CA LEU E 80 -44.38 44.16 -2.26
C LEU E 80 -43.12 43.92 -3.08
N SER E 81 -41.97 43.80 -2.42
CA SER E 81 -40.71 43.60 -3.12
C SER E 81 -40.55 42.19 -3.67
N ASP E 82 -41.48 41.28 -3.40
CA ASP E 82 -41.41 39.92 -3.91
C ASP E 82 -42.05 39.76 -5.28
N THR E 83 -42.51 40.85 -5.89
CA THR E 83 -43.08 40.79 -7.24
C THR E 83 -41.97 40.48 -8.23
N ALA E 84 -41.96 39.26 -8.76
CA ALA E 84 -40.92 38.83 -9.69
C ALA E 84 -41.42 37.61 -10.44
N VAL E 85 -40.59 37.13 -11.36
CA VAL E 85 -40.86 35.90 -12.12
C VAL E 85 -40.07 34.77 -11.46
N TYR E 86 -40.75 33.69 -11.12
CA TYR E 86 -40.16 32.56 -10.42
C TYR E 86 -40.05 31.38 -11.36
N TYR E 87 -38.82 30.88 -11.55
CA TYR E 87 -38.54 29.79 -12.46
C TYR E 87 -38.28 28.50 -11.69
N CYS E 88 -38.71 27.39 -12.26
CA CYS E 88 -38.50 26.06 -11.70
C CYS E 88 -37.56 25.29 -12.61
N LEU E 89 -36.39 24.92 -12.09
CA LEU E 89 -35.37 24.23 -12.86
C LEU E 89 -35.11 22.87 -12.24
N VAL E 90 -35.07 21.83 -13.09
CA VAL E 90 -34.79 20.46 -12.67
C VAL E 90 -33.75 19.86 -13.60
N GLY E 91 -32.66 19.37 -13.02
CA GLY E 91 -31.62 18.75 -13.81
C GLY E 91 -30.58 18.12 -12.91
N GLY E 92 -29.64 17.43 -13.55
CA GLY E 92 -28.57 16.76 -12.82
C GLY E 92 -27.35 17.65 -12.61
N LEU E 93 -26.77 18.11 -13.72
CA LEU E 93 -25.60 18.98 -13.68
C LEU E 93 -26.01 20.40 -14.07
N ALA E 94 -25.02 21.29 -14.13
CA ALA E 94 -25.29 22.68 -14.51
C ALA E 94 -25.71 22.79 -15.96
N ARG E 95 -25.24 21.88 -16.82
CA ARG E 95 -25.62 21.88 -18.23
C ARG E 95 -27.09 21.55 -18.44
N ASP E 96 -27.73 20.90 -17.47
CA ASP E 96 -29.12 20.47 -17.57
C ASP E 96 -30.11 21.55 -17.13
N MET E 97 -29.64 22.75 -16.82
CA MET E 97 -30.47 23.84 -16.28
C MET E 97 -31.02 24.69 -17.42
N ARG E 98 -32.24 24.37 -17.86
CA ARG E 98 -32.94 25.14 -18.88
C ARG E 98 -34.09 25.91 -18.27
N PHE E 99 -34.25 27.17 -18.69
CA PHE E 99 -35.24 28.08 -18.13
C PHE E 99 -36.55 28.04 -18.92
N GLY E 100 -37.66 28.22 -18.21
CA GLY E 100 -38.97 28.21 -18.80
C GLY E 100 -39.64 29.58 -18.74
N ALA E 101 -40.97 29.56 -18.92
CA ALA E 101 -41.74 30.80 -18.90
C ALA E 101 -41.83 31.39 -17.51
N GLY E 102 -41.76 30.56 -16.47
CA GLY E 102 -41.85 31.04 -15.10
C GLY E 102 -43.27 31.40 -14.70
N THR E 103 -43.38 31.82 -13.44
CA THR E 103 -44.66 32.23 -12.86
C THR E 103 -44.54 33.70 -12.45
N ARG E 104 -45.30 34.56 -13.12
CA ARG E 104 -45.28 36.00 -12.82
C ARG E 104 -46.17 36.25 -11.59
N LEU E 105 -45.55 36.60 -10.47
CA LEU E 105 -46.24 36.82 -9.22
C LEU E 105 -46.36 38.31 -8.96
N THR E 106 -47.59 38.78 -8.76
CA THR E 106 -47.86 40.17 -8.42
C THR E 106 -48.33 40.25 -6.97
N VAL E 107 -47.78 41.19 -6.22
CA VAL E 107 -48.10 41.36 -4.80
C VAL E 107 -48.83 42.68 -4.63
N LYS E 108 -50.11 42.61 -4.33
CA LYS E 108 -50.92 43.81 -4.14
C LYS E 108 -50.83 44.28 -2.69
N PRO E 109 -50.92 45.59 -2.46
CA PRO E 109 -50.94 46.09 -1.09
C PRO E 109 -52.33 46.05 -0.47
N ASN E 110 -52.35 45.86 0.85
CA ASN E 110 -53.59 45.83 1.62
C ASN E 110 -53.83 47.22 2.20
N ILE E 111 -54.76 47.96 1.62
CA ILE E 111 -55.11 49.31 2.05
C ILE E 111 -56.32 49.21 2.96
N GLN E 112 -56.15 49.57 4.24
CA GLN E 112 -57.23 49.45 5.20
C GLN E 112 -58.29 50.52 5.00
N ASN E 113 -57.86 51.75 4.65
CA ASN E 113 -58.77 52.88 4.46
C ASN E 113 -58.67 53.37 3.03
N PRO E 114 -59.54 52.87 2.13
CA PRO E 114 -59.54 53.37 0.76
C PRO E 114 -60.32 54.66 0.63
N ASP E 115 -59.95 55.45 -0.37
CA ASP E 115 -60.60 56.73 -0.63
C ASP E 115 -60.35 57.15 -2.07
N PRO E 116 -60.99 56.52 -3.05
CA PRO E 116 -60.70 56.85 -4.46
C PRO E 116 -61.01 58.30 -4.78
N ALA E 117 -60.14 58.90 -5.58
CA ALA E 117 -60.29 60.30 -5.98
C ALA E 117 -59.45 60.55 -7.22
N VAL E 118 -59.77 61.64 -7.92
CA VAL E 118 -59.07 62.05 -9.12
C VAL E 118 -58.75 63.54 -9.00
N TYR E 119 -57.48 63.87 -9.02
CA TYR E 119 -57.02 65.25 -8.90
C TYR E 119 -56.38 65.71 -10.19
N GLN E 120 -56.23 67.03 -10.32
CA GLN E 120 -55.62 67.62 -11.51
C GLN E 120 -54.37 68.38 -11.09
N LEU E 121 -53.25 68.04 -11.73
CA LEU E 121 -51.95 68.64 -11.45
C LEU E 121 -51.54 69.51 -12.63
N ARG E 122 -50.90 70.64 -12.33
CA ARG E 122 -50.51 71.57 -13.36
C ARG E 122 -48.99 71.75 -13.37
N ASP E 123 -48.45 71.95 -14.56
CA ASP E 123 -47.00 72.03 -14.73
C ASP E 123 -46.44 73.26 -14.06
N SER E 124 -45.25 73.11 -13.46
CA SER E 124 -44.59 74.24 -12.83
C SER E 124 -43.96 75.17 -13.85
N LYS E 125 -43.61 74.65 -15.02
CA LYS E 125 -43.04 75.48 -16.08
C LYS E 125 -44.11 76.34 -16.73
N SER E 126 -45.16 75.72 -17.25
CA SER E 126 -46.23 76.41 -17.95
C SER E 126 -47.59 75.92 -17.46
N SER E 127 -48.53 76.84 -17.31
CA SER E 127 -49.87 76.50 -16.86
C SER E 127 -50.74 75.88 -17.95
N ASP E 128 -50.17 75.63 -19.14
CA ASP E 128 -50.98 75.16 -20.26
C ASP E 128 -51.35 73.68 -20.09
N LYS E 129 -50.34 72.87 -19.77
CA LYS E 129 -50.55 71.41 -19.69
C LYS E 129 -51.00 71.02 -18.29
N SER E 130 -51.69 69.88 -18.19
CA SER E 130 -52.15 69.38 -16.90
C SER E 130 -52.09 67.86 -16.91
N VAL E 131 -52.16 67.29 -15.70
CA VAL E 131 -52.10 65.84 -15.50
C VAL E 131 -53.17 65.42 -14.51
N CYS E 132 -53.85 64.32 -14.81
CA CYS E 132 -54.88 63.77 -13.93
C CYS E 132 -54.28 62.64 -13.10
N LEU E 133 -54.58 62.64 -11.80
CA LEU E 133 -54.03 61.66 -10.87
C LEU E 133 -55.17 60.93 -10.18
N PHE E 134 -55.32 59.65 -10.48
CA PHE E 134 -56.31 58.78 -9.83
C PHE E 134 -55.58 57.93 -8.80
N THR E 135 -55.75 58.25 -7.53
CA THR E 135 -54.97 57.66 -6.46
C THR E 135 -55.87 57.19 -5.33
N ASP E 136 -55.25 56.51 -4.35
CA ASP E 136 -55.90 56.15 -3.10
C ASP E 136 -57.08 55.20 -3.31
N PHE E 137 -56.95 54.31 -4.28
CA PHE E 137 -57.96 53.30 -4.56
C PHE E 137 -57.47 51.93 -4.08
N ASP E 138 -58.42 51.02 -3.89
CA ASP E 138 -58.09 49.70 -3.38
C ASP E 138 -57.35 48.89 -4.43
N SER E 139 -56.72 47.79 -3.96
CA SER E 139 -55.88 46.98 -4.82
C SER E 139 -56.66 46.13 -5.80
N GLN E 140 -57.97 45.93 -5.59
CA GLN E 140 -58.73 45.06 -6.47
C GLN E 140 -59.16 45.75 -7.77
N THR E 141 -59.28 47.07 -7.77
CA THR E 141 -59.65 47.78 -8.99
C THR E 141 -58.46 47.82 -9.95
N ASN E 142 -58.77 47.71 -11.24
CA ASN E 142 -57.75 47.69 -12.29
C ASN E 142 -57.93 48.89 -13.20
N VAL E 143 -56.88 49.20 -13.96
CA VAL E 143 -56.91 50.34 -14.86
C VAL E 143 -56.70 49.88 -16.30
N ASP E 150 -54.95 59.60 -28.54
CA ASP E 150 -54.45 60.89 -28.07
C ASP E 150 -54.53 61.03 -26.56
N VAL E 151 -54.98 59.95 -25.89
CA VAL E 151 -55.09 59.92 -24.44
C VAL E 151 -54.15 58.84 -23.92
N TYR E 152 -53.30 59.21 -22.97
CA TYR E 152 -52.30 58.32 -22.40
C TYR E 152 -52.69 57.97 -20.97
N ILE E 153 -52.59 56.68 -20.63
CA ILE E 153 -52.91 56.19 -19.29
C ILE E 153 -51.84 55.18 -18.90
N THR E 154 -51.32 55.31 -17.68
CA THR E 154 -50.27 54.43 -17.18
C THR E 154 -50.85 53.35 -16.29
N ASP E 155 -50.11 52.26 -16.16
CA ASP E 155 -50.53 51.18 -15.28
C ASP E 155 -50.42 51.62 -13.82
N LYS E 156 -51.11 50.89 -12.95
CA LYS E 156 -51.11 51.21 -11.53
C LYS E 156 -49.81 50.79 -10.87
N CYS E 157 -49.17 51.74 -10.18
CA CYS E 157 -48.01 51.48 -9.35
C CYS E 157 -48.36 51.76 -7.91
N VAL E 158 -47.64 51.12 -6.99
CA VAL E 158 -47.88 51.26 -5.56
C VAL E 158 -46.67 51.91 -4.92
N LEU E 159 -46.89 53.01 -4.20
CA LEU E 159 -45.84 53.73 -3.51
C LEU E 159 -45.95 53.50 -2.00
N ASP E 160 -44.80 53.53 -1.34
CA ASP E 160 -44.71 53.23 0.09
C ASP E 160 -44.01 54.37 0.81
N MET E 161 -44.65 54.86 1.87
CA MET E 161 -44.09 55.88 2.74
C MET E 161 -43.82 55.21 4.09
N ARG E 162 -42.57 54.75 4.27
CA ARG E 162 -42.23 53.96 5.44
C ARG E 162 -42.20 54.77 6.73
N SER E 163 -42.20 56.09 6.64
CA SER E 163 -42.25 56.91 7.86
C SER E 163 -43.59 56.84 8.56
N MET E 164 -44.66 56.49 7.83
CA MET E 164 -45.99 56.39 8.43
C MET E 164 -46.66 55.04 8.17
N ASP E 165 -45.94 54.09 7.57
CA ASP E 165 -46.48 52.77 7.24
C ASP E 165 -47.73 52.89 6.38
N PHE E 166 -47.73 53.85 5.46
CA PHE E 166 -48.86 54.14 4.59
C PHE E 166 -48.50 53.78 3.16
N LYS E 167 -49.36 53.03 2.50
CA LYS E 167 -49.20 52.66 1.10
C LYS E 167 -50.47 53.01 0.34
N SER E 168 -50.30 53.34 -0.94
CA SER E 168 -51.44 53.74 -1.76
C SER E 168 -51.12 53.47 -3.22
N ASN E 169 -52.15 53.17 -3.99
CA ASN E 169 -52.03 53.00 -5.42
C ASN E 169 -52.31 54.33 -6.13
N SER E 170 -51.95 54.39 -7.41
CA SER E 170 -52.08 55.62 -8.16
C SER E 170 -51.92 55.32 -9.64
N ALA E 171 -52.47 56.23 -10.46
CA ALA E 171 -52.38 56.13 -11.90
C ALA E 171 -52.32 57.55 -12.46
N VAL E 172 -51.61 57.70 -13.58
CA VAL E 172 -51.38 59.00 -14.19
C VAL E 172 -51.95 59.00 -15.60
N ALA E 173 -52.64 60.08 -15.95
CA ALA E 173 -53.18 60.28 -17.28
C ALA E 173 -52.99 61.75 -17.65
N TRP E 174 -52.48 61.95 -18.86
CA TRP E 174 -52.25 63.28 -19.46
C TRP E 174 -53.02 63.25 -20.78
N SER E 175 -52.98 64.30 -21.60
CA SER E 175 -53.85 64.37 -22.80
C SER E 175 -53.26 65.13 -24.00
N ASN E 176 -52.87 66.39 -23.84
CA ASN E 176 -52.39 67.24 -24.96
C ASN E 176 -53.62 67.91 -25.56
N LYS E 177 -54.76 67.80 -24.86
CA LYS E 177 -56.02 68.44 -25.31
C LYS E 177 -56.40 67.94 -26.70
N PHE E 180 -59.69 68.21 -22.57
CA PHE E 180 -59.60 66.93 -21.84
C PHE E 180 -59.88 67.22 -20.38
N ALA E 181 -60.73 66.40 -19.79
CA ALA E 181 -61.11 66.67 -18.41
C ALA E 181 -60.80 65.45 -17.56
N CYS E 182 -60.37 65.67 -16.32
CA CYS E 182 -60.04 64.57 -15.44
C CYS E 182 -61.26 63.77 -15.02
N ALA E 183 -62.47 64.29 -15.26
CA ALA E 183 -63.68 63.54 -14.97
C ALA E 183 -63.78 62.31 -15.87
N ASN E 184 -63.59 62.50 -17.17
CA ASN E 184 -63.63 61.41 -18.15
C ASN E 184 -62.24 60.91 -18.52
N ALA E 185 -61.24 61.22 -17.70
CA ALA E 185 -59.89 60.72 -17.95
C ALA E 185 -59.85 59.20 -17.83
N PHE E 186 -60.29 58.68 -16.69
CA PHE E 186 -60.33 57.24 -16.42
C PHE E 186 -61.75 56.69 -16.58
N ASN E 187 -62.46 57.11 -17.62
CA ASN E 187 -63.82 56.66 -17.87
C ASN E 187 -63.88 55.27 -18.49
N ASN E 188 -62.77 54.77 -19.02
CA ASN E 188 -62.69 53.40 -19.51
C ASN E 188 -62.36 52.40 -18.41
N SER E 189 -61.91 52.87 -17.25
CA SER E 189 -61.68 52.02 -16.10
C SER E 189 -62.94 51.93 -15.26
N ILE E 190 -63.07 50.83 -14.52
CA ILE E 190 -64.21 50.68 -13.62
C ILE E 190 -63.96 51.47 -12.35
N ILE E 191 -63.95 52.80 -12.47
CA ILE E 191 -63.73 53.66 -11.31
C ILE E 191 -64.91 53.53 -10.36
N PRO E 192 -64.69 53.30 -9.07
CA PRO E 192 -65.81 53.12 -8.14
C PRO E 192 -66.68 54.37 -8.06
N GLU E 193 -67.92 54.15 -7.62
CA GLU E 193 -68.83 55.27 -7.41
C GLU E 193 -68.33 56.17 -6.29
N ASP E 194 -67.79 55.60 -5.22
CA ASP E 194 -67.17 56.35 -4.13
C ASP E 194 -65.86 56.93 -4.65
N THR E 195 -65.96 58.03 -5.38
CA THR E 195 -64.79 58.69 -5.95
C THR E 195 -64.98 60.19 -5.84
N PHE E 196 -63.96 60.87 -5.31
CA PHE E 196 -64.05 62.34 -5.10
C PHE E 196 -63.52 63.03 -6.34
N PHE E 197 -64.00 64.24 -6.62
CA PHE E 197 -63.47 65.04 -7.74
C PHE E 197 -63.52 66.50 -7.26
N PRO E 198 -62.73 67.44 -7.79
CA PRO E 198 -62.85 68.85 -7.42
C PRO E 198 -63.41 69.70 -8.56
N ALA F 3 -18.59 34.42 -7.98
CA ALA F 3 -19.86 34.87 -7.42
C ALA F 3 -20.27 36.20 -8.04
N VAL F 4 -19.37 37.18 -7.99
CA VAL F 4 -19.64 38.51 -8.52
C VAL F 4 -19.20 38.56 -9.97
N ILE F 5 -20.11 38.96 -10.86
CA ILE F 5 -19.86 39.04 -12.29
C ILE F 5 -20.00 40.49 -12.74
N SER F 6 -19.06 40.93 -13.58
CA SER F 6 -19.09 42.26 -14.16
C SER F 6 -19.16 42.14 -15.67
N GLN F 7 -20.21 42.72 -16.26
CA GLN F 7 -20.32 42.82 -17.72
C GLN F 7 -19.98 44.25 -18.10
N LYS F 8 -19.05 44.40 -19.05
CA LYS F 8 -18.60 45.74 -19.53
C LYS F 8 -19.75 46.50 -20.20
N PRO F 9 -20.43 45.98 -21.25
CA PRO F 9 -21.45 46.74 -21.99
C PRO F 9 -22.82 46.90 -21.29
N SER F 10 -22.84 47.42 -20.07
CA SER F 10 -24.09 47.65 -19.29
C SER F 10 -25.19 48.20 -20.23
N ARG F 11 -24.83 49.02 -21.22
CA ARG F 11 -25.79 49.59 -22.20
C ARG F 11 -25.01 50.07 -23.43
N ASP F 12 -25.64 50.08 -24.61
CA ASP F 12 -24.98 50.51 -25.88
C ASP F 12 -26.03 50.57 -27.00
N ILE F 13 -25.89 51.51 -27.95
CA ILE F 13 -26.81 51.59 -29.09
C ILE F 13 -25.96 51.55 -30.35
N CYS F 14 -26.19 50.54 -31.18
CA CYS F 14 -25.38 50.31 -32.37
C CYS F 14 -26.24 50.35 -33.63
N GLN F 15 -25.58 50.68 -34.73
CA GLN F 15 -26.22 50.74 -36.04
C GLN F 15 -26.13 49.37 -36.72
N ARG F 16 -26.97 49.17 -37.73
CA ARG F 16 -26.99 47.91 -38.44
C ARG F 16 -25.66 47.66 -39.15
N GLY F 17 -25.24 46.41 -39.16
CA GLY F 17 -24.00 46.01 -39.81
C GLY F 17 -22.76 46.14 -38.95
N THR F 18 -22.89 46.65 -37.72
CA THR F 18 -21.75 46.75 -36.83
C THR F 18 -21.63 45.50 -35.97
N SER F 19 -20.49 45.37 -35.28
CA SER F 19 -20.22 44.25 -34.40
C SER F 19 -19.82 44.77 -33.03
N LEU F 20 -20.39 44.19 -31.99
CA LEU F 20 -20.09 44.56 -30.61
C LEU F 20 -19.65 43.34 -29.83
N THR F 21 -18.63 43.53 -29.00
CA THR F 21 -18.08 42.46 -28.16
C THR F 21 -18.44 42.72 -26.71
N ILE F 22 -19.07 41.72 -26.07
CA ILE F 22 -19.46 41.81 -24.67
C ILE F 22 -18.46 41.01 -23.83
N GLN F 23 -18.13 41.53 -22.66
CA GLN F 23 -17.19 40.89 -21.76
C GLN F 23 -17.91 40.41 -20.50
N CYS F 24 -17.41 39.30 -19.95
CA CYS F 24 -17.97 38.69 -18.74
C CYS F 24 -16.80 38.29 -17.84
N GLN F 25 -16.55 39.09 -16.80
CA GLN F 25 -15.45 38.87 -15.88
C GLN F 25 -16.00 38.42 -14.53
N VAL F 26 -15.39 37.37 -13.97
CA VAL F 26 -15.83 36.80 -12.70
C VAL F 26 -14.73 37.03 -11.66
N ASP F 27 -15.13 37.25 -10.42
CA ASP F 27 -14.16 37.49 -9.36
C ASP F 27 -13.46 36.21 -8.91
N SER F 28 -14.14 35.07 -8.96
CA SER F 28 -13.60 33.80 -8.51
C SER F 28 -13.49 32.83 -9.68
N GLN F 29 -12.74 31.75 -9.45
CA GLN F 29 -12.53 30.72 -10.46
C GLN F 29 -13.73 29.79 -10.51
N VAL F 30 -14.29 29.62 -11.71
CA VAL F 30 -15.56 28.91 -11.90
C VAL F 30 -15.42 27.91 -13.03
N THR F 31 -16.16 26.79 -12.91
CA THR F 31 -16.12 25.74 -13.92
C THR F 31 -16.91 26.12 -15.16
N MET F 32 -18.16 26.54 -14.97
CA MET F 32 -19.10 26.70 -16.07
C MET F 32 -19.40 28.18 -16.28
N MET F 33 -19.57 28.56 -17.55
CA MET F 33 -19.86 29.95 -17.91
C MET F 33 -20.75 29.94 -19.13
N PHE F 34 -21.96 30.49 -18.99
CA PHE F 34 -22.98 30.45 -20.03
C PHE F 34 -23.24 31.85 -20.55
N TRP F 35 -23.88 31.91 -21.72
CA TRP F 35 -24.30 33.16 -22.34
C TRP F 35 -25.79 33.08 -22.65
N TYR F 36 -26.56 33.99 -22.06
CA TYR F 36 -28.01 34.02 -22.25
C TYR F 36 -28.42 35.26 -23.04
N ARG F 37 -29.70 35.31 -23.38
CA ARG F 37 -30.27 36.37 -24.19
C ARG F 37 -31.74 36.47 -23.86
N GLN F 38 -32.22 37.68 -23.58
CA GLN F 38 -33.63 37.90 -23.25
C GLN F 38 -34.13 39.10 -24.04
N GLN F 39 -35.07 38.86 -24.95
CA GLN F 39 -35.70 39.86 -25.78
C GLN F 39 -36.71 40.67 -24.96
N PRO F 40 -37.14 41.83 -25.48
CA PRO F 40 -38.00 42.73 -24.67
C PRO F 40 -39.17 42.05 -23.95
N GLY F 41 -39.94 41.23 -24.65
CA GLY F 41 -40.98 40.47 -23.98
C GLY F 41 -40.95 39.01 -24.36
N GLN F 42 -39.97 38.27 -23.82
CA GLN F 42 -39.76 36.88 -24.20
C GLN F 42 -39.10 36.15 -23.04
N SER F 43 -38.89 34.85 -23.24
CA SER F 43 -38.24 33.99 -22.28
C SER F 43 -36.72 34.11 -22.41
N LEU F 44 -36.03 33.72 -21.34
CA LEU F 44 -34.57 33.76 -21.31
C LEU F 44 -34.04 32.59 -22.13
N THR F 45 -33.51 32.87 -23.31
CA THR F 45 -33.01 31.86 -24.23
C THR F 45 -31.50 31.70 -24.06
N LEU F 46 -31.07 30.45 -23.91
CA LEU F 46 -29.65 30.13 -23.81
C LEU F 46 -29.00 30.17 -25.19
N ILE F 47 -27.90 30.91 -25.30
CA ILE F 47 -27.20 31.04 -26.57
C ILE F 47 -26.21 29.89 -26.72
N ALA F 48 -25.22 29.85 -25.84
CA ALA F 48 -24.17 28.83 -25.93
C ALA F 48 -23.50 28.69 -24.58
N THR F 49 -22.68 27.64 -24.47
CA THR F 49 -21.87 27.39 -23.28
C THR F 49 -20.41 27.67 -23.62
N ALA F 50 -19.81 28.61 -22.90
CA ALA F 50 -18.41 28.96 -23.14
C ALA F 50 -17.50 27.87 -22.60
N ASN F 51 -16.63 27.35 -23.46
CA ASN F 51 -15.71 26.27 -23.10
C ASN F 51 -14.28 26.81 -23.12
N GLN F 52 -13.51 26.49 -22.08
CA GLN F 52 -12.14 26.95 -21.98
C GLN F 52 -11.24 26.12 -22.87
N GLY F 53 -10.51 26.78 -23.77
CA GLY F 53 -9.59 26.12 -24.66
C GLY F 53 -10.22 25.25 -25.73
N SER F 54 -11.54 25.22 -25.82
CA SER F 54 -12.25 24.48 -26.86
C SER F 54 -13.19 25.42 -27.60
N GLU F 55 -14.05 24.84 -28.43
CA GLU F 55 -15.09 25.59 -29.13
C GLU F 55 -16.37 25.57 -28.30
N ALA F 56 -17.11 26.68 -28.37
CA ALA F 56 -18.32 26.83 -27.58
C ALA F 56 -19.39 25.84 -28.05
N THR F 57 -20.20 25.39 -27.09
CA THR F 57 -21.31 24.48 -27.38
C THR F 57 -22.56 25.32 -27.60
N TYR F 58 -22.91 25.53 -28.86
CA TYR F 58 -24.02 26.40 -29.22
C TYR F 58 -25.33 25.63 -29.18
N GLU F 59 -26.38 26.32 -28.73
CA GLU F 59 -27.72 25.74 -28.78
C GLU F 59 -28.26 25.82 -30.21
N SER F 60 -29.35 25.11 -30.45
CA SER F 60 -29.91 25.04 -31.80
C SER F 60 -30.34 26.43 -32.27
N GLY F 61 -29.94 26.78 -33.49
CA GLY F 61 -30.25 28.05 -34.09
C GLY F 61 -29.13 29.07 -34.00
N PHE F 62 -28.30 28.98 -32.96
CA PHE F 62 -27.20 29.92 -32.78
C PHE F 62 -25.93 29.36 -33.42
N VAL F 63 -25.31 30.18 -34.27
CA VAL F 63 -24.17 29.75 -35.07
C VAL F 63 -22.95 30.55 -34.67
N ILE F 64 -21.78 29.91 -34.76
CA ILE F 64 -20.52 30.55 -34.40
C ILE F 64 -20.25 31.76 -35.28
N ASP F 65 -20.81 31.80 -36.49
CA ASP F 65 -20.53 32.89 -37.42
C ASP F 65 -21.08 34.21 -36.91
N LYS F 66 -22.23 34.18 -36.25
CA LYS F 66 -22.85 35.40 -35.73
C LYS F 66 -22.52 35.65 -34.26
N PHE F 67 -22.28 34.61 -33.47
CA PHE F 67 -21.97 34.73 -32.05
C PHE F 67 -20.65 34.05 -31.73
N PRO F 68 -19.53 34.61 -32.19
CA PRO F 68 -18.22 34.02 -31.84
C PRO F 68 -17.91 34.24 -30.37
N ILE F 69 -17.59 33.15 -29.67
CA ILE F 69 -17.36 33.17 -28.23
C ILE F 69 -15.95 32.67 -27.96
N SER F 70 -15.26 33.34 -27.04
CA SER F 70 -13.93 32.95 -26.61
C SER F 70 -13.84 32.99 -25.09
N ARG F 71 -13.02 32.11 -24.53
CA ARG F 71 -12.83 32.01 -23.09
C ARG F 71 -11.35 31.80 -22.81
N PRO F 72 -10.58 32.88 -22.68
CA PRO F 72 -9.13 32.72 -22.47
C PRO F 72 -8.80 32.04 -21.16
N ASN F 73 -9.49 32.37 -20.09
CA ASN F 73 -9.30 31.77 -18.78
C ASN F 73 -10.65 31.37 -18.23
N LEU F 74 -10.63 30.66 -17.10
CA LEU F 74 -11.88 30.26 -16.45
C LEU F 74 -12.70 31.45 -15.99
N THR F 75 -12.09 32.62 -15.83
CA THR F 75 -12.77 33.77 -15.23
C THR F 75 -13.22 34.82 -16.25
N PHE F 76 -12.89 34.66 -17.53
CA PHE F 76 -13.17 35.70 -18.52
C PHE F 76 -13.69 35.08 -19.80
N SER F 77 -14.72 35.71 -20.38
CA SER F 77 -15.30 35.27 -21.65
C SER F 77 -15.68 36.49 -22.47
N THR F 78 -15.78 36.29 -23.78
CA THR F 78 -16.13 37.34 -24.72
C THR F 78 -17.18 36.82 -25.69
N LEU F 79 -18.33 37.50 -25.73
CA LEU F 79 -19.38 37.22 -26.71
C LEU F 79 -19.47 38.37 -27.70
N THR F 80 -19.42 38.05 -28.99
CA THR F 80 -19.48 39.03 -30.06
C THR F 80 -20.74 38.80 -30.88
N VAL F 81 -21.41 39.90 -31.25
CA VAL F 81 -22.58 39.86 -32.12
C VAL F 81 -22.19 40.54 -33.42
N SER F 82 -21.89 39.74 -34.44
CA SER F 82 -21.45 40.27 -35.72
C SER F 82 -22.60 40.50 -36.69
N ASN F 83 -22.44 41.53 -37.54
CA ASN F 83 -23.45 41.95 -38.50
C ASN F 83 -24.82 42.05 -37.81
N MET F 84 -24.93 43.07 -36.96
CA MET F 84 -26.09 43.21 -36.11
C MET F 84 -27.32 43.64 -36.91
N SER F 85 -28.46 43.06 -36.58
CA SER F 85 -29.76 43.41 -37.11
C SER F 85 -30.68 43.83 -35.96
N PRO F 86 -31.77 44.58 -36.21
CA PRO F 86 -32.70 44.95 -35.15
C PRO F 86 -33.25 43.84 -34.29
N GLU F 87 -33.16 42.60 -34.74
CA GLU F 87 -33.65 41.41 -34.01
C GLU F 87 -32.80 41.20 -32.77
N ASP F 88 -31.52 41.47 -32.88
CA ASP F 88 -30.53 41.26 -31.80
C ASP F 88 -30.84 42.14 -30.59
N SER F 89 -31.58 43.22 -30.75
CA SER F 89 -31.84 44.11 -29.63
C SER F 89 -32.39 43.29 -28.47
N SER F 90 -31.60 43.15 -27.41
CA SER F 90 -31.92 42.25 -26.31
C SER F 90 -31.02 42.59 -25.13
N ILE F 91 -31.25 41.91 -24.01
CA ILE F 91 -30.38 41.99 -22.84
C ILE F 91 -29.55 40.71 -22.80
N TYR F 92 -28.24 40.85 -22.92
CA TYR F 92 -27.33 39.72 -22.98
C TYR F 92 -26.77 39.45 -21.60
N LEU F 93 -27.09 38.29 -21.06
CA LEU F 93 -26.66 37.87 -19.73
C LEU F 93 -25.61 36.78 -19.86
N CYS F 94 -24.70 36.74 -18.89
CA CYS F 94 -23.75 35.64 -18.76
C CYS F 94 -23.89 35.03 -17.36
N SER F 95 -24.10 33.73 -17.31
CA SER F 95 -24.26 33.02 -16.05
C SER F 95 -22.99 32.22 -15.76
N VAL F 96 -22.86 31.80 -14.51
CA VAL F 96 -21.63 31.16 -14.04
C VAL F 96 -21.97 30.13 -12.99
N ALA F 97 -21.29 28.99 -13.04
CA ALA F 97 -21.41 27.94 -12.05
C ALA F 97 -20.02 27.62 -11.52
N LEU F 98 -19.89 27.56 -10.19
CA LEU F 98 -18.58 27.31 -9.59
C LEU F 98 -18.10 25.91 -9.91
N GLY F 99 -18.94 24.90 -9.68
CA GLY F 99 -18.63 23.56 -10.10
C GLY F 99 -19.80 23.00 -10.91
N SER F 100 -19.50 22.04 -11.77
CA SER F 100 -20.53 21.47 -12.63
C SER F 100 -21.65 20.81 -11.82
N ASP F 101 -21.38 20.43 -10.57
CA ASP F 101 -22.38 19.85 -9.69
C ASP F 101 -22.93 20.88 -8.69
N THR F 102 -23.07 22.14 -9.09
CA THR F 102 -23.71 23.13 -8.25
C THR F 102 -25.11 23.41 -8.76
N GLY F 103 -25.97 23.89 -7.86
CA GLY F 103 -27.31 24.26 -8.25
C GLY F 103 -27.49 25.76 -8.39
N GLU F 104 -26.52 26.52 -7.89
CA GLU F 104 -26.58 27.97 -7.89
C GLU F 104 -25.87 28.52 -9.12
N LEU F 105 -26.62 29.19 -9.99
CA LEU F 105 -26.05 29.91 -11.12
C LEU F 105 -26.00 31.40 -10.77
N PHE F 106 -24.82 31.99 -10.89
CA PHE F 106 -24.66 33.43 -10.66
C PHE F 106 -24.77 34.15 -12.00
N PHE F 107 -25.71 35.09 -12.07
CA PHE F 107 -25.92 35.89 -13.27
C PHE F 107 -25.30 37.27 -13.10
N GLY F 108 -24.89 37.87 -14.22
CA GLY F 108 -24.37 39.22 -14.22
C GLY F 108 -25.51 40.22 -14.25
N GLU F 109 -25.17 41.49 -14.31
CA GLU F 109 -26.24 42.53 -14.28
C GLU F 109 -26.81 42.69 -15.67
N GLY F 110 -26.06 42.32 -16.71
CA GLY F 110 -26.60 42.30 -18.05
C GLY F 110 -26.04 43.39 -18.95
N SER F 111 -26.30 43.21 -20.24
CA SER F 111 -25.89 44.16 -21.28
C SER F 111 -27.11 44.48 -22.13
N ARG F 112 -27.63 45.69 -21.98
CA ARG F 112 -28.77 46.13 -22.79
C ARG F 112 -28.30 46.52 -24.18
N LEU F 113 -28.91 45.92 -25.20
CA LEU F 113 -28.57 46.17 -26.58
C LEU F 113 -29.82 46.59 -27.34
N THR F 114 -29.69 47.66 -28.13
CA THR F 114 -30.77 48.09 -29.01
C THR F 114 -30.14 48.42 -30.37
N VAL F 115 -30.44 47.59 -31.37
CA VAL F 115 -29.93 47.78 -32.72
C VAL F 115 -30.96 48.58 -33.51
N LEU F 116 -30.50 49.59 -34.23
CA LEU F 116 -31.40 50.48 -34.95
C LEU F 116 -31.08 50.48 -36.43
N GLU F 117 -32.13 50.55 -37.25
CA GLU F 117 -31.96 50.73 -38.69
C GLU F 117 -31.58 52.16 -39.01
N ASP F 118 -32.17 53.12 -38.31
CA ASP F 118 -31.84 54.53 -38.47
C ASP F 118 -31.46 55.09 -37.11
N LEU F 119 -30.30 55.73 -37.05
CA LEU F 119 -29.85 56.41 -35.85
C LEU F 119 -30.48 57.78 -35.69
N LYS F 120 -31.27 58.23 -36.67
CA LYS F 120 -31.87 59.55 -36.64
C LYS F 120 -33.16 59.61 -35.83
N ASN F 121 -33.65 58.48 -35.34
CA ASN F 121 -34.84 58.46 -34.50
C ASN F 121 -34.52 58.66 -33.02
N VAL F 122 -33.25 58.74 -32.63
CA VAL F 122 -32.90 58.90 -31.23
C VAL F 122 -33.24 60.32 -30.79
N PHE F 123 -33.99 60.39 -29.69
CA PHE F 123 -34.40 61.71 -29.15
C PHE F 123 -34.28 61.70 -27.60
N PRO F 124 -33.67 62.70 -26.93
CA PRO F 124 -33.61 62.74 -25.47
C PRO F 124 -34.99 63.00 -24.88
N PRO F 125 -35.18 62.71 -23.59
CA PRO F 125 -36.50 62.90 -22.99
C PRO F 125 -36.74 64.36 -22.58
N GLU F 126 -38.02 64.72 -22.55
CA GLU F 126 -38.48 66.04 -22.11
C GLU F 126 -39.16 65.88 -20.77
N VAL F 127 -38.48 66.30 -19.70
CA VAL F 127 -38.94 66.09 -18.33
C VAL F 127 -39.75 67.31 -17.87
N ALA F 128 -40.85 67.04 -17.16
CA ALA F 128 -41.70 68.09 -16.63
C ALA F 128 -42.36 67.58 -15.35
N VAL F 129 -42.22 68.34 -14.26
CA VAL F 129 -42.80 67.99 -12.97
C VAL F 129 -44.05 68.82 -12.74
N PHE F 130 -45.11 68.16 -12.25
CA PHE F 130 -46.40 68.80 -12.02
C PHE F 130 -46.63 68.96 -10.52
N GLU F 131 -46.98 70.18 -10.10
CA GLU F 131 -47.10 70.48 -8.68
C GLU F 131 -48.38 69.88 -8.11
N PRO F 132 -48.38 69.56 -6.81
CA PRO F 132 -49.55 68.91 -6.20
C PRO F 132 -50.80 69.77 -6.25
N SER F 133 -51.95 69.12 -6.23
CA SER F 133 -53.24 69.78 -6.23
C SER F 133 -53.67 70.14 -4.81
N GLU F 134 -54.27 71.33 -4.67
CA GLU F 134 -54.75 71.75 -3.36
C GLU F 134 -55.87 70.87 -2.86
N ALA F 135 -56.68 70.32 -3.78
CA ALA F 135 -57.72 69.37 -3.39
C ALA F 135 -57.13 68.15 -2.69
N GLU F 136 -56.05 67.59 -3.24
CA GLU F 136 -55.37 66.48 -2.59
C GLU F 136 -54.85 66.87 -1.22
N ILE F 137 -54.28 68.07 -1.10
CA ILE F 137 -53.76 68.53 0.18
C ILE F 137 -54.92 68.82 1.15
N SER F 138 -56.06 69.26 0.63
CA SER F 138 -57.17 69.63 1.49
C SER F 138 -57.81 68.40 2.14
N HIS F 139 -57.93 67.32 1.36
CA HIS F 139 -58.63 66.09 1.83
C HIS F 139 -57.67 65.08 2.43
N THR F 140 -56.62 64.73 1.68
CA THR F 140 -55.72 63.68 2.12
C THR F 140 -54.63 64.18 3.07
N GLN F 141 -54.40 65.49 3.11
CA GLN F 141 -53.30 66.08 3.88
C GLN F 141 -51.95 65.58 3.41
N LYS F 142 -51.85 65.23 2.12
CA LYS F 142 -50.63 64.77 1.51
C LYS F 142 -50.52 65.35 0.10
N ALA F 143 -49.29 65.65 -0.30
CA ALA F 143 -49.01 66.26 -1.59
C ALA F 143 -48.27 65.26 -2.47
N THR F 144 -48.75 65.07 -3.69
CA THR F 144 -48.18 64.08 -4.61
C THR F 144 -47.59 64.81 -5.82
N LEU F 145 -46.26 64.76 -5.94
CA LEU F 145 -45.59 65.23 -7.14
C LEU F 145 -45.66 64.16 -8.22
N VAL F 146 -45.91 64.59 -9.46
CA VAL F 146 -45.96 63.69 -10.61
C VAL F 146 -44.96 64.18 -11.63
N CYS F 147 -44.05 63.30 -12.04
CA CYS F 147 -43.07 63.59 -13.07
C CYS F 147 -43.47 62.90 -14.37
N LEU F 148 -43.00 63.47 -15.48
CA LEU F 148 -43.39 62.98 -16.80
C LEU F 148 -42.27 63.22 -17.78
N ALA F 149 -41.69 62.14 -18.29
CA ALA F 149 -40.65 62.20 -19.31
C ALA F 149 -41.22 61.64 -20.60
N THR F 150 -41.23 62.46 -21.65
CA THR F 150 -41.82 62.10 -22.93
C THR F 150 -40.81 62.29 -24.06
N GLY F 151 -41.19 61.80 -25.24
CA GLY F 151 -40.42 61.96 -26.45
C GLY F 151 -38.99 61.45 -26.45
N PHE F 152 -38.78 60.23 -25.97
CA PHE F 152 -37.50 59.55 -26.09
C PHE F 152 -37.71 58.23 -26.81
N PHE F 153 -36.78 57.91 -27.71
CA PHE F 153 -36.95 56.69 -28.53
C PHE F 153 -36.37 55.47 -27.84
N PRO F 154 -35.08 55.38 -27.50
CA PRO F 154 -34.65 54.16 -26.84
C PRO F 154 -35.29 54.05 -25.44
N ASP F 155 -35.53 52.82 -24.94
CA ASP F 155 -36.17 52.59 -23.67
C ASP F 155 -35.22 52.79 -22.49
N HIS F 156 -33.96 53.16 -22.77
CA HIS F 156 -32.93 53.30 -21.75
C HIS F 156 -33.14 54.61 -21.00
N VAL F 157 -33.77 54.54 -19.84
CA VAL F 157 -33.98 55.71 -18.98
C VAL F 157 -33.95 55.25 -17.54
N GLU F 158 -33.45 56.13 -16.67
CA GLU F 158 -33.48 55.92 -15.22
C GLU F 158 -34.02 57.18 -14.59
N LEU F 159 -35.04 57.02 -13.75
CA LEU F 159 -35.73 58.15 -13.13
C LEU F 159 -35.50 58.10 -11.63
N SER F 160 -35.05 59.23 -11.07
CA SER F 160 -34.79 59.33 -9.65
C SER F 160 -35.31 60.67 -9.14
N TRP F 161 -35.76 60.66 -7.89
CA TRP F 161 -36.25 61.85 -7.23
C TRP F 161 -35.20 62.38 -6.26
N TRP F 162 -34.99 63.69 -6.29
CA TRP F 162 -34.00 64.35 -5.44
C TRP F 162 -34.69 65.45 -4.66
N VAL F 163 -34.58 65.39 -3.34
CA VAL F 163 -35.18 66.37 -2.45
C VAL F 163 -34.06 67.06 -1.67
N ASN F 164 -33.95 68.37 -1.87
CA ASN F 164 -32.90 69.18 -1.23
C ASN F 164 -31.51 68.64 -1.54
N GLY F 165 -31.30 68.26 -2.80
CA GLY F 165 -30.01 67.75 -3.23
C GLY F 165 -29.68 66.35 -2.81
N LYS F 166 -30.62 65.62 -2.21
CA LYS F 166 -30.41 64.25 -1.77
C LYS F 166 -31.42 63.32 -2.44
N GLU F 167 -30.94 62.16 -2.88
CA GLU F 167 -31.82 61.19 -3.52
C GLU F 167 -32.72 60.54 -2.47
N VAL F 168 -34.01 60.47 -2.78
CA VAL F 168 -35.02 59.96 -1.85
C VAL F 168 -35.66 58.73 -2.46
N HIS F 169 -35.96 57.75 -1.60
CA HIS F 169 -36.64 56.52 -2.02
C HIS F 169 -37.99 56.30 -1.35
N SER F 170 -38.23 56.90 -0.19
CA SER F 170 -39.49 56.72 0.51
C SER F 170 -40.58 57.57 -0.16
N GLY F 171 -41.73 56.95 -0.41
CA GLY F 171 -42.82 57.65 -1.06
C GLY F 171 -42.62 57.86 -2.54
N VAL F 172 -41.84 57.01 -3.19
CA VAL F 172 -41.53 57.15 -4.61
C VAL F 172 -42.16 56.00 -5.38
N CYS F 173 -42.60 56.30 -6.60
CA CYS F 173 -43.27 55.33 -7.45
C CYS F 173 -42.91 55.63 -8.90
N THR F 174 -42.61 54.58 -9.66
CA THR F 174 -42.25 54.73 -11.07
C THR F 174 -42.81 53.54 -11.83
N ASP F 175 -43.35 53.81 -13.01
CA ASP F 175 -43.91 52.75 -13.83
C ASP F 175 -42.81 51.78 -14.24
N PRO F 176 -43.06 50.46 -14.16
CA PRO F 176 -42.00 49.50 -14.49
C PRO F 176 -41.63 49.49 -15.96
N GLN F 177 -42.57 49.75 -16.86
CA GLN F 177 -42.31 49.71 -18.29
C GLN F 177 -42.82 51.01 -18.91
N PRO F 178 -41.97 51.72 -19.66
CA PRO F 178 -42.44 52.94 -20.34
C PRO F 178 -43.36 52.60 -21.51
N LEU F 179 -44.47 53.33 -21.60
CA LEU F 179 -45.44 53.12 -22.66
C LEU F 179 -45.04 53.87 -23.92
N LYS F 180 -45.60 53.43 -25.05
CA LYS F 180 -45.35 54.06 -26.33
C LYS F 180 -46.35 55.19 -26.56
N GLU F 181 -45.84 56.32 -27.07
CA GLU F 181 -46.70 57.47 -27.31
C GLU F 181 -47.61 57.24 -28.51
N GLN F 182 -47.05 56.72 -29.60
CA GLN F 182 -47.81 56.45 -30.82
C GLN F 182 -47.71 54.97 -31.12
N PRO F 183 -48.53 54.14 -30.47
CA PRO F 183 -48.53 52.70 -30.76
C PRO F 183 -48.90 52.43 -32.21
N ALA F 184 -48.73 51.18 -32.62
CA ALA F 184 -48.87 50.75 -34.01
C ALA F 184 -47.89 51.45 -34.93
N LEU F 185 -46.78 51.97 -34.38
CA LEU F 185 -45.69 52.53 -35.14
C LEU F 185 -44.40 51.92 -34.63
N ASN F 186 -43.59 51.38 -35.56
CA ASN F 186 -42.36 50.71 -35.16
C ASN F 186 -41.39 51.69 -34.50
N ASP F 187 -41.35 52.93 -34.98
CA ASP F 187 -40.46 53.96 -34.46
C ASP F 187 -41.08 54.76 -33.33
N SER F 188 -42.02 54.18 -32.58
CA SER F 188 -42.78 54.95 -31.62
C SER F 188 -41.91 55.46 -30.48
N ARG F 189 -42.10 56.72 -30.11
CA ARG F 189 -41.44 57.30 -28.97
C ARG F 189 -42.09 56.82 -27.69
N TYR F 190 -41.33 56.84 -26.60
CA TYR F 190 -41.81 56.34 -25.32
C TYR F 190 -42.10 57.48 -24.36
N ALA F 191 -42.73 57.12 -23.24
CA ALA F 191 -43.11 58.07 -22.22
C ALA F 191 -43.12 57.34 -20.87
N LEU F 192 -42.65 58.02 -19.83
CA LEU F 192 -42.52 57.43 -18.51
C LEU F 192 -42.96 58.43 -17.46
N SER F 193 -43.72 57.96 -16.48
CA SER F 193 -44.22 58.79 -15.41
C SER F 193 -43.75 58.26 -14.06
N SER F 194 -43.66 59.15 -13.08
CA SER F 194 -43.22 58.79 -11.74
C SER F 194 -43.93 59.70 -10.75
N ARG F 195 -43.96 59.24 -9.49
CA ARG F 195 -44.70 59.94 -8.45
C ARG F 195 -43.86 60.04 -7.19
N LEU F 196 -44.00 61.17 -6.50
CA LEU F 196 -43.40 61.38 -5.19
C LEU F 196 -44.46 62.00 -4.28
N ARG F 197 -44.76 61.34 -3.18
CA ARG F 197 -45.76 61.80 -2.22
C ARG F 197 -45.08 62.19 -0.93
N VAL F 198 -45.46 63.35 -0.39
CA VAL F 198 -44.88 63.89 0.83
C VAL F 198 -46.00 64.46 1.69
N SER F 199 -45.64 64.85 2.92
CA SER F 199 -46.58 65.46 3.83
C SER F 199 -47.05 66.82 3.29
N ALA F 200 -48.24 67.22 3.73
CA ALA F 200 -48.79 68.50 3.30
C ALA F 200 -47.95 69.66 3.82
N THR F 201 -47.55 69.61 5.09
CA THR F 201 -46.74 70.68 5.66
C THR F 201 -45.36 70.75 5.02
N PHE F 202 -44.86 69.63 4.48
CA PHE F 202 -43.55 69.63 3.86
C PHE F 202 -43.57 70.28 2.48
N TRP F 203 -44.66 70.10 1.72
CA TRP F 203 -44.76 70.75 0.41
C TRP F 203 -45.08 72.23 0.54
N GLN F 204 -45.95 72.59 1.49
CA GLN F 204 -46.36 73.99 1.65
C GLN F 204 -45.22 74.88 2.12
N ASN F 205 -44.12 74.30 2.57
CA ASN F 205 -42.93 75.07 2.94
C ASN F 205 -42.14 75.43 1.68
N PRO F 206 -41.84 76.71 1.46
CA PRO F 206 -41.27 77.12 0.17
C PRO F 206 -39.77 76.91 0.02
N ARG F 207 -39.03 76.66 1.11
CA ARG F 207 -37.59 76.47 0.98
C ARG F 207 -37.21 75.06 0.57
N ASN F 208 -38.14 74.12 0.61
CA ASN F 208 -37.86 72.76 0.17
C ASN F 208 -37.80 72.71 -1.36
N HIS F 209 -36.85 71.93 -1.88
CA HIS F 209 -36.59 71.85 -3.31
C HIS F 209 -36.83 70.42 -3.77
N PHE F 210 -37.73 70.25 -4.73
CA PHE F 210 -38.05 68.95 -5.33
C PHE F 210 -37.60 68.96 -6.78
N ARG F 211 -36.88 67.91 -7.19
CA ARG F 211 -36.34 67.83 -8.55
C ARG F 211 -36.47 66.41 -9.06
N CYS F 212 -37.11 66.27 -10.21
CA CYS F 212 -37.21 64.99 -10.91
C CYS F 212 -36.05 64.86 -11.89
N GLN F 213 -35.23 63.84 -11.72
CA GLN F 213 -34.02 63.65 -12.52
C GLN F 213 -34.17 62.39 -13.36
N VAL F 214 -34.05 62.54 -14.68
CA VAL F 214 -34.17 61.44 -15.62
C VAL F 214 -32.83 61.25 -16.29
N GLN F 215 -32.22 60.09 -16.04
CA GLN F 215 -30.96 59.71 -16.70
C GLN F 215 -31.29 59.02 -18.02
N PHE F 216 -30.71 59.53 -19.10
CA PHE F 216 -30.97 59.01 -20.44
C PHE F 216 -29.67 58.53 -21.07
N TYR F 217 -29.72 57.34 -21.65
CA TYR F 217 -28.60 56.75 -22.38
C TYR F 217 -28.89 56.84 -23.86
N GLY F 218 -27.97 57.43 -24.61
CA GLY F 218 -28.17 57.62 -26.03
C GLY F 218 -27.00 57.23 -26.89
N LEU F 219 -26.63 58.10 -27.83
CA LEU F 219 -25.57 57.78 -28.79
C LEU F 219 -24.21 57.80 -28.10
N SER F 220 -23.35 56.88 -28.54
CA SER F 220 -21.99 56.78 -28.04
C SER F 220 -21.08 57.67 -28.89
N GLU F 221 -19.76 57.57 -28.66
CA GLU F 221 -18.81 58.38 -29.39
C GLU F 221 -18.56 57.85 -30.81
N ASN F 222 -18.79 56.56 -31.05
CA ASN F 222 -18.51 55.96 -32.35
C ASN F 222 -19.58 56.26 -33.37
N ASP F 223 -20.64 56.97 -33.00
CA ASP F 223 -21.74 57.26 -33.92
C ASP F 223 -21.57 58.64 -34.52
N GLU F 224 -22.00 58.77 -35.78
CA GLU F 224 -21.88 60.00 -36.53
C GLU F 224 -23.21 60.74 -36.50
N TRP F 225 -23.15 62.07 -36.52
CA TRP F 225 -24.35 62.90 -36.53
C TRP F 225 -24.13 64.06 -37.49
N THR F 226 -25.03 64.19 -38.47
CA THR F 226 -24.91 65.17 -39.54
C THR F 226 -26.22 65.93 -39.73
N GLN F 227 -27.00 66.10 -38.66
CA GLN F 227 -28.29 66.77 -38.74
C GLN F 227 -28.23 68.12 -38.04
N ASP F 228 -29.08 69.05 -38.50
CA ASP F 228 -29.09 70.39 -37.93
C ASP F 228 -29.49 70.35 -36.46
N ARG F 229 -30.15 69.25 -36.10
CA ARG F 229 -30.61 69.07 -34.70
C ARG F 229 -29.40 68.73 -33.84
N ALA F 230 -29.53 68.99 -32.54
CA ALA F 230 -28.43 68.63 -31.65
C ALA F 230 -28.31 67.11 -31.57
N LYS F 231 -27.09 66.64 -31.32
CA LYS F 231 -26.84 65.22 -31.27
C LYS F 231 -27.37 64.63 -29.95
N PRO F 232 -28.12 63.53 -30.00
CA PRO F 232 -28.69 62.94 -28.77
C PRO F 232 -27.66 62.19 -27.95
N VAL F 233 -26.77 62.95 -27.31
CA VAL F 233 -25.75 62.36 -26.46
C VAL F 233 -26.37 61.91 -25.14
N THR F 234 -25.74 60.93 -24.49
CA THR F 234 -26.14 60.52 -23.16
C THR F 234 -26.13 61.71 -22.21
N GLN F 235 -27.30 62.03 -21.65
CA GLN F 235 -27.46 63.26 -20.89
C GLN F 235 -28.46 63.04 -19.77
N ILE F 236 -28.47 63.97 -18.83
CA ILE F 236 -29.38 63.96 -17.69
C ILE F 236 -30.33 65.14 -17.85
N VAL F 237 -31.56 64.87 -18.26
CA VAL F 237 -32.61 65.88 -18.34
C VAL F 237 -33.39 65.85 -17.03
N SER F 238 -33.71 67.04 -16.51
CA SER F 238 -34.38 67.12 -15.21
C SER F 238 -35.31 68.33 -15.18
N ALA F 239 -36.31 68.22 -14.31
CA ALA F 239 -37.23 69.32 -14.00
C ALA F 239 -37.39 69.41 -12.49
N GLU F 240 -37.74 70.60 -12.00
CA GLU F 240 -37.79 70.84 -10.57
C GLU F 240 -38.96 71.77 -10.25
N ALA F 241 -39.24 71.88 -8.95
CA ALA F 241 -40.31 72.73 -8.44
C ALA F 241 -40.07 72.99 -6.96
N TRP F 242 -40.51 74.15 -6.50
CA TRP F 242 -40.33 74.57 -5.12
C TRP F 242 -41.66 74.56 -4.38
N GLY F 243 -41.56 74.57 -3.04
CA GLY F 243 -42.76 74.63 -2.23
C GLY F 243 -43.49 75.94 -2.37
N ARG F 244 -44.78 75.91 -2.07
CA ARG F 244 -45.63 77.09 -2.24
C ARG F 244 -46.52 77.32 -1.03
N GLN G 1 -26.25 8.43 -18.39
CA GLN G 1 -26.89 7.73 -17.29
C GLN G 1 -25.93 7.45 -16.12
N PRO G 2 -24.68 7.04 -16.41
CA PRO G 2 -23.68 7.02 -15.34
C PRO G 2 -23.41 8.42 -14.83
N PHE G 3 -23.50 8.60 -13.51
CA PHE G 3 -23.36 9.96 -12.99
C PHE G 3 -21.93 10.20 -12.54
N PRO G 4 -21.27 11.25 -13.05
CA PRO G 4 -19.83 11.43 -12.79
C PRO G 4 -19.50 12.31 -11.60
N GLN G 5 -18.26 12.23 -11.13
CA GLN G 5 -17.78 13.09 -10.06
C GLN G 5 -16.93 14.21 -10.65
N PRO G 6 -17.23 15.47 -10.39
CA PRO G 6 -16.43 16.56 -10.94
C PRO G 6 -15.33 16.99 -9.98
N GLU G 7 -14.39 17.75 -10.52
CA GLU G 7 -13.30 18.34 -9.73
C GLU G 7 -13.57 19.82 -9.54
N GLN G 8 -13.42 20.29 -8.31
CA GLN G 8 -13.67 21.69 -8.03
C GLN G 8 -12.43 22.52 -8.35
N PRO G 9 -12.61 23.76 -8.81
CA PRO G 9 -11.45 24.58 -9.17
C PRO G 9 -10.72 25.11 -7.95
N PHE G 10 -9.39 25.18 -8.06
CA PHE G 10 -8.58 25.81 -7.02
C PHE G 10 -8.71 27.33 -7.11
N PRO G 11 -8.55 28.04 -5.99
CA PRO G 11 -8.72 29.49 -6.00
C PRO G 11 -7.46 30.30 -6.34
N GLY G 12 -7.65 31.29 -7.21
CA GLY G 12 -6.68 32.35 -7.39
C GLY G 12 -5.46 32.10 -8.24
N SER G 13 -5.56 31.42 -9.39
CA SER G 13 -4.33 31.32 -10.23
C SER G 13 -4.60 31.22 -11.73
N GLN H 1 20.03 -14.51 24.70
CA GLN H 1 18.65 -14.83 25.07
C GLN H 1 17.63 -14.62 23.93
N PRO H 2 17.76 -13.56 23.13
CA PRO H 2 16.92 -13.45 21.93
C PRO H 2 17.21 -14.61 20.98
N PHE H 3 16.17 -15.33 20.60
CA PHE H 3 16.33 -16.53 19.78
C PHE H 3 16.11 -16.19 18.33
N PRO H 4 17.08 -16.48 17.45
CA PRO H 4 16.95 -16.06 16.05
C PRO H 4 16.42 -17.16 15.14
N GLN H 5 15.95 -16.77 13.95
CA GLN H 5 15.56 -17.73 12.94
C GLN H 5 16.63 -17.83 11.87
N PRO H 6 17.12 -19.03 11.55
CA PRO H 6 18.15 -19.18 10.55
C PRO H 6 17.55 -19.41 9.16
N GLU H 7 18.41 -19.30 8.15
CA GLU H 7 18.04 -19.55 6.77
C GLU H 7 18.58 -20.92 6.35
N GLN H 8 17.74 -21.71 5.71
CA GLN H 8 18.13 -23.04 5.28
C GLN H 8 18.88 -22.97 3.96
N PRO H 9 19.86 -23.85 3.75
CA PRO H 9 20.63 -23.81 2.50
C PRO H 9 19.81 -24.34 1.33
N PHE H 10 20.02 -23.73 0.17
CA PHE H 10 19.41 -24.22 -1.06
C PHE H 10 20.13 -25.47 -1.54
N PRO H 11 19.44 -26.30 -2.33
CA PRO H 11 20.07 -27.54 -2.80
C PRO H 11 20.95 -27.27 -4.01
N GLY H 12 22.14 -27.86 -3.99
CA GLY H 12 23.02 -27.81 -5.14
C GLY H 12 23.79 -26.51 -5.20
N SER H 13 24.98 -26.55 -5.79
CA SER H 13 25.81 -25.35 -5.94
C SER H 13 25.09 -24.25 -6.71
N THR I 4 24.70 -30.11 31.19
CA THR I 4 23.88 -31.28 31.49
C THR I 4 24.73 -32.39 32.12
N THR I 5 24.13 -33.12 33.07
CA THR I 5 24.79 -34.22 33.76
C THR I 5 23.95 -35.47 33.64
N GLN I 6 24.58 -36.56 33.22
CA GLN I 6 23.94 -37.86 33.08
C GLN I 6 24.82 -38.89 33.76
N PRO I 7 24.26 -40.04 34.16
CA PRO I 7 25.05 -41.05 34.87
C PRO I 7 26.27 -41.49 34.06
N ILE I 8 27.32 -41.87 34.79
CA ILE I 8 28.57 -42.25 34.15
C ILE I 8 28.46 -43.62 33.51
N SER I 9 27.83 -44.57 34.20
CA SER I 9 27.71 -45.93 33.69
C SER I 9 26.48 -46.59 34.28
N MET I 10 26.02 -47.64 33.60
CA MET I 10 24.86 -48.42 34.05
C MET I 10 25.08 -49.88 33.71
N ASP I 11 24.30 -50.74 34.37
CA ASP I 11 24.30 -52.17 34.11
C ASP I 11 22.87 -52.65 33.91
N SER I 12 22.71 -53.67 33.07
CA SER I 12 21.40 -54.22 32.80
C SER I 12 21.56 -55.58 32.13
N TYR I 13 20.55 -56.42 32.26
CA TYR I 13 20.49 -57.70 31.57
C TYR I 13 19.60 -57.58 30.34
N GLU I 14 19.79 -58.53 29.42
CA GLU I 14 19.02 -58.54 28.19
C GLU I 14 17.55 -58.80 28.47
N GLY I 15 16.68 -58.16 27.69
CA GLY I 15 15.26 -58.27 27.90
C GLY I 15 14.70 -57.37 28.99
N GLN I 16 15.45 -56.34 29.39
CA GLN I 16 15.05 -55.44 30.46
C GLN I 16 14.86 -54.02 29.91
N GLU I 17 13.83 -53.34 30.41
CA GLU I 17 13.65 -51.92 30.09
C GLU I 17 14.69 -51.10 30.83
N VAL I 18 15.44 -50.28 30.09
CA VAL I 18 16.51 -49.46 30.65
C VAL I 18 16.09 -47.99 30.56
N ASN I 19 16.14 -47.31 31.70
CA ASN I 19 15.75 -45.90 31.80
C ASN I 19 16.97 -45.09 32.19
N ILE I 20 17.55 -44.38 31.23
CA ILE I 20 18.66 -43.47 31.47
C ILE I 20 18.09 -42.07 31.67
N THR I 21 18.32 -41.51 32.85
CA THR I 21 17.76 -40.20 33.21
C THR I 21 18.84 -39.13 33.09
N CYS I 22 18.53 -38.07 32.34
CA CYS I 22 19.43 -36.93 32.17
C CYS I 22 19.00 -35.79 33.07
N SER I 23 19.95 -35.23 33.81
CA SER I 23 19.67 -34.13 34.73
C SER I 23 20.12 -32.81 34.10
N HIS I 24 19.16 -31.90 33.90
CA HIS I 24 19.47 -30.60 33.30
C HIS I 24 18.55 -29.55 33.92
N ASN I 25 18.95 -29.04 35.08
CA ASN I 25 18.28 -27.89 35.67
C ASN I 25 18.69 -26.63 34.92
N ASN I 26 18.12 -25.49 35.35
CA ASN I 26 18.31 -24.18 34.73
C ASN I 26 18.29 -24.25 33.20
N ILE I 27 17.49 -25.16 32.66
CA ILE I 27 17.36 -25.31 31.21
C ILE I 27 16.49 -24.17 30.68
N ALA I 28 16.89 -23.60 29.55
CA ALA I 28 16.15 -22.51 28.96
C ALA I 28 14.81 -23.00 28.42
N THR I 29 13.89 -22.05 28.24
CA THR I 29 12.56 -22.39 27.73
C THR I 29 12.63 -22.88 26.30
N ASN I 30 13.47 -22.26 25.47
CA ASN I 30 13.61 -22.63 24.07
C ASN I 30 14.58 -23.78 23.84
N ASP I 31 15.20 -24.32 24.89
CA ASP I 31 16.16 -25.39 24.71
C ASP I 31 15.47 -26.68 24.27
N TYR I 32 16.18 -27.45 23.44
CA TYR I 32 15.69 -28.69 22.87
C TYR I 32 16.50 -29.85 23.42
N ILE I 33 15.85 -31.01 23.54
CA ILE I 33 16.47 -32.20 24.11
C ILE I 33 16.82 -33.16 22.98
N THR I 34 18.04 -33.69 23.00
CA THR I 34 18.53 -34.58 21.97
C THR I 34 19.34 -35.69 22.61
N TRP I 35 19.30 -36.87 21.99
CA TRP I 35 20.01 -38.05 22.47
C TRP I 35 20.78 -38.69 21.33
N TYR I 36 21.96 -39.22 21.65
CA TYR I 36 22.80 -39.89 20.68
C TYR I 36 23.25 -41.24 21.21
N GLN I 37 23.53 -42.16 20.30
CA GLN I 37 23.93 -43.52 20.61
C GLN I 37 25.19 -43.86 19.82
N GLN I 38 26.30 -44.04 20.52
CA GLN I 38 27.59 -44.32 19.88
C GLN I 38 28.03 -45.74 20.23
N PHE I 39 28.14 -46.59 19.23
CA PHE I 39 28.71 -47.91 19.39
C PHE I 39 30.24 -47.81 19.41
N PRO I 40 30.93 -48.81 19.98
CA PRO I 40 32.38 -48.64 20.22
C PRO I 40 33.21 -48.31 18.99
N SER I 41 32.99 -48.99 17.87
CA SER I 41 33.76 -48.74 16.66
C SER I 41 33.17 -47.65 15.77
N GLN I 42 31.95 -47.21 16.04
CA GLN I 42 31.29 -46.22 15.22
C GLN I 42 31.29 -44.84 15.88
N GLY I 43 30.70 -43.88 15.17
CA GLY I 43 30.50 -42.55 15.69
C GLY I 43 29.11 -42.42 16.27
N PRO I 44 28.82 -41.29 16.93
CA PRO I 44 27.50 -41.12 17.53
C PRO I 44 26.40 -41.12 16.49
N ARG I 45 25.25 -41.69 16.85
CA ARG I 45 24.10 -41.77 15.98
C ARG I 45 22.90 -41.12 16.67
N PHE I 46 22.21 -40.24 15.94
CA PHE I 46 21.02 -39.60 16.46
C PHE I 46 19.90 -40.61 16.60
N ILE I 47 19.25 -40.65 17.76
CA ILE I 47 18.18 -41.61 18.04
C ILE I 47 16.83 -40.90 18.20
N ILE I 48 16.71 -40.01 19.18
CA ILE I 48 15.42 -39.39 19.50
C ILE I 48 15.62 -37.91 19.81
N GLN I 49 14.55 -37.14 19.60
CA GLN I 49 14.54 -35.70 19.79
C GLN I 49 13.24 -35.31 20.46
N GLY I 50 13.32 -34.45 21.47
CA GLY I 50 12.15 -34.06 22.23
C GLY I 50 12.22 -32.61 22.65
N TYR I 51 11.03 -32.00 22.78
CA TYR I 51 10.92 -30.61 23.19
C TYR I 51 10.20 -30.52 24.53
N LYS I 52 8.86 -30.59 24.51
CA LYS I 52 8.07 -30.54 25.73
C LYS I 52 7.09 -31.69 25.89
N THR I 53 6.91 -32.53 24.87
CA THR I 53 5.98 -33.65 24.94
C THR I 53 6.74 -34.96 24.81
N LYS I 54 6.08 -36.04 25.23
CA LYS I 54 6.68 -37.37 25.17
C LYS I 54 6.81 -37.84 23.73
N VAL I 55 7.96 -38.42 23.40
CA VAL I 55 8.26 -38.90 22.06
C VAL I 55 8.50 -40.40 22.10
N THR I 56 8.13 -41.08 21.02
CA THR I 56 8.31 -42.52 20.88
C THR I 56 8.86 -42.82 19.50
N ASN I 57 9.95 -43.58 19.45
CA ASN I 57 10.60 -43.99 18.22
C ASN I 57 10.56 -45.51 18.10
N GLU I 58 11.08 -46.00 16.97
CA GLU I 58 11.29 -47.44 16.82
C GLU I 58 12.48 -47.93 17.63
N VAL I 59 13.34 -47.02 18.08
CA VAL I 59 14.53 -47.37 18.85
C VAL I 59 14.30 -47.23 20.35
N ALA I 60 13.73 -46.10 20.78
CA ALA I 60 13.54 -45.85 22.20
C ALA I 60 12.37 -44.90 22.39
N SER I 61 12.23 -44.37 23.60
CA SER I 61 11.15 -43.47 23.95
C SER I 61 11.65 -42.47 24.98
N LEU I 62 11.27 -41.20 24.81
CA LEU I 62 11.75 -40.11 25.65
C LEU I 62 10.61 -39.58 26.51
N PHE I 63 10.88 -39.39 27.79
CA PHE I 63 9.92 -38.84 28.75
C PHE I 63 10.38 -37.46 29.18
N ILE I 64 9.47 -36.48 29.13
CA ILE I 64 9.77 -35.12 29.53
C ILE I 64 8.69 -34.63 30.50
N PRO I 65 9.02 -34.39 31.76
CA PRO I 65 8.01 -33.86 32.69
C PRO I 65 7.63 -32.43 32.32
N ALA I 66 6.63 -31.92 33.04
CA ALA I 66 6.17 -30.55 32.79
C ALA I 66 7.18 -29.53 33.30
N ASP I 67 7.91 -29.86 34.36
CA ASP I 67 8.91 -28.95 34.91
C ASP I 67 10.17 -28.89 34.06
N ARG I 68 10.41 -29.89 33.22
CA ARG I 68 11.56 -29.98 32.32
C ARG I 68 12.90 -29.96 33.06
N LYS I 69 12.90 -30.13 34.38
CA LYS I 69 14.14 -30.14 35.14
C LYS I 69 14.95 -31.40 34.91
N SER I 70 14.37 -32.43 34.31
CA SER I 70 15.08 -33.65 33.97
C SER I 70 14.40 -34.30 32.78
N SER I 71 15.02 -35.39 32.29
CA SER I 71 14.46 -36.15 31.19
C SER I 71 14.97 -37.58 31.30
N THR I 72 14.23 -38.51 30.69
CA THR I 72 14.55 -39.93 30.81
C THR I 72 14.35 -40.61 29.47
N LEU I 73 15.38 -41.31 29.01
CA LEU I 73 15.32 -42.13 27.81
C LEU I 73 15.05 -43.57 28.22
N SER I 74 14.07 -44.19 27.59
CA SER I 74 13.65 -45.55 27.93
C SER I 74 13.84 -46.45 26.71
N LEU I 75 14.66 -47.48 26.87
CA LEU I 75 14.87 -48.49 25.84
C LEU I 75 14.15 -49.76 26.23
N PRO I 76 13.17 -50.24 25.45
CA PRO I 76 12.46 -51.47 25.81
C PRO I 76 13.09 -52.71 25.23
N ARG I 77 13.08 -53.79 26.03
CA ARG I 77 13.63 -55.08 25.67
C ARG I 77 15.05 -54.93 25.12
N VAL I 78 15.93 -54.44 25.98
CA VAL I 78 17.31 -54.19 25.61
C VAL I 78 18.01 -55.51 25.29
N SER I 79 18.75 -55.52 24.18
CA SER I 79 19.48 -56.70 23.72
C SER I 79 20.98 -56.48 23.92
N LEU I 80 21.74 -57.55 23.70
CA LEU I 80 23.20 -57.46 23.84
C LEU I 80 23.80 -56.42 22.90
N SER I 81 23.18 -56.23 21.72
CA SER I 81 23.70 -55.27 20.74
C SER I 81 23.43 -53.83 21.12
N ASP I 82 22.70 -53.57 22.21
CA ASP I 82 22.41 -52.22 22.66
C ASP I 82 23.49 -51.66 23.57
N THR I 83 24.58 -52.40 23.79
CA THR I 83 25.68 -51.91 24.60
C THR I 83 26.40 -50.79 23.86
N ALA I 84 26.24 -49.56 24.35
CA ALA I 84 26.82 -48.39 23.68
C ALA I 84 26.89 -47.26 24.69
N VAL I 85 27.45 -46.14 24.25
CA VAL I 85 27.52 -44.92 25.04
C VAL I 85 26.39 -43.99 24.60
N TYR I 86 25.59 -43.54 25.56
CA TYR I 86 24.43 -42.71 25.28
C TYR I 86 24.69 -41.30 25.77
N TYR I 87 24.61 -40.33 24.86
CA TYR I 87 24.88 -38.94 25.17
C TYR I 87 23.58 -38.16 25.27
N CYS I 88 23.54 -37.21 26.20
CA CYS I 88 22.40 -36.33 26.40
C CYS I 88 22.82 -34.90 26.07
N LEU I 89 22.20 -34.32 25.05
CA LEU I 89 22.52 -32.97 24.59
C LEU I 89 21.29 -32.08 24.75
N VAL I 90 21.48 -30.90 25.34
CA VAL I 90 20.42 -29.93 25.53
C VAL I 90 20.94 -28.58 25.06
N GLY I 91 20.22 -27.96 24.13
CA GLY I 91 20.63 -26.66 23.63
C GLY I 91 19.57 -26.10 22.70
N GLY I 92 19.82 -24.86 22.26
CA GLY I 92 18.90 -24.19 21.36
C GLY I 92 19.21 -24.47 19.90
N LEU I 93 20.42 -24.12 19.47
CA LEU I 93 20.86 -24.33 18.10
C LEU I 93 21.88 -25.47 18.04
N ALA I 94 22.40 -25.71 16.83
CA ALA I 94 23.38 -26.78 16.65
C ALA I 94 24.71 -26.55 17.34
N ARG I 95 25.15 -25.30 17.48
CA ARG I 95 26.41 -25.04 18.17
C ARG I 95 26.32 -25.23 19.69
N ASP I 96 25.10 -25.33 20.22
CA ASP I 96 24.91 -25.52 21.63
C ASP I 96 24.95 -27.01 21.93
N MET I 97 25.09 -27.85 20.90
CA MET I 97 25.12 -29.29 21.08
C MET I 97 26.58 -29.69 21.22
N ARG I 98 27.06 -29.68 22.46
CA ARG I 98 28.41 -30.11 22.79
C ARG I 98 28.33 -31.42 23.55
N PHE I 99 29.24 -32.34 23.24
CA PHE I 99 29.16 -33.69 23.77
C PHE I 99 29.89 -33.80 25.10
N GLY I 100 29.35 -34.64 25.98
CA GLY I 100 29.90 -34.88 27.29
C GLY I 100 30.43 -36.29 27.44
N ALA I 101 30.56 -36.71 28.70
CA ALA I 101 31.08 -38.06 28.96
C ALA I 101 30.08 -39.14 28.55
N GLY I 102 28.79 -38.83 28.55
CA GLY I 102 27.78 -39.80 28.17
C GLY I 102 27.56 -40.84 29.25
N THR I 103 26.66 -41.77 28.95
CA THR I 103 26.34 -42.87 29.84
C THR I 103 26.72 -44.17 29.15
N ARG I 104 27.75 -44.83 29.67
CA ARG I 104 28.21 -46.11 29.11
C ARG I 104 27.33 -47.22 29.65
N LEU I 105 26.49 -47.78 28.78
CA LEU I 105 25.56 -48.83 29.16
C LEU I 105 26.09 -50.18 28.70
N THR I 106 26.21 -51.11 29.65
CA THR I 106 26.62 -52.48 29.37
C THR I 106 25.43 -53.41 29.58
N VAL I 107 25.22 -54.32 28.65
CA VAL I 107 24.09 -55.25 28.69
C VAL I 107 24.67 -56.64 28.92
N LYS I 108 24.46 -57.18 30.11
CA LYS I 108 24.95 -58.49 30.47
C LYS I 108 23.96 -59.58 30.04
N PRO I 109 24.45 -60.77 29.69
CA PRO I 109 23.54 -61.87 29.38
C PRO I 109 23.05 -62.57 30.64
N ASN I 110 21.84 -63.09 30.57
CA ASN I 110 21.24 -63.84 31.67
C ASN I 110 21.52 -65.32 31.44
N ILE I 111 22.47 -65.87 32.20
CA ILE I 111 22.87 -67.27 32.09
C ILE I 111 22.08 -68.04 33.14
N GLN I 112 21.18 -68.91 32.68
CA GLN I 112 20.35 -69.67 33.61
C GLN I 112 21.13 -70.78 34.30
N ASN I 113 22.04 -71.43 33.57
CA ASN I 113 22.84 -72.55 34.10
C ASN I 113 24.31 -72.17 34.04
N PRO I 114 24.86 -71.60 35.11
CA PRO I 114 26.30 -71.30 35.14
C PRO I 114 27.12 -72.52 35.53
N ASP I 115 28.39 -72.49 35.11
CA ASP I 115 29.33 -73.58 35.38
C ASP I 115 30.77 -73.07 35.29
N PRO I 116 31.22 -72.29 36.27
CA PRO I 116 32.57 -71.70 36.18
C PRO I 116 33.65 -72.77 36.13
N ALA I 117 34.66 -72.54 35.29
CA ALA I 117 35.76 -73.46 35.13
C ALA I 117 36.93 -72.74 34.50
N VAL I 118 38.11 -73.35 34.62
CA VAL I 118 39.35 -72.82 34.04
C VAL I 118 40.04 -73.95 33.30
N TYR I 119 40.23 -73.77 31.99
CA TYR I 119 40.84 -74.79 31.15
C TYR I 119 42.17 -74.28 30.59
N GLN I 120 42.96 -75.22 30.08
CA GLN I 120 44.25 -74.93 29.47
C GLN I 120 44.23 -75.40 28.03
N ASP I 123 48.71 -74.85 21.61
CA ASP I 123 48.79 -74.54 20.19
C ASP I 123 48.76 -75.82 19.36
N SER I 124 48.09 -75.73 18.21
CA SER I 124 48.00 -76.85 17.28
C SER I 124 49.29 -77.01 16.50
N SER I 130 50.98 -72.38 25.98
CA SER I 130 49.58 -72.66 26.29
C SER I 130 48.84 -71.41 26.74
N VAL I 131 47.51 -71.50 26.75
CA VAL I 131 46.64 -70.38 27.10
C VAL I 131 45.58 -70.88 28.07
N CYS I 132 45.28 -70.07 29.10
CA CYS I 132 44.28 -70.40 30.09
C CYS I 132 42.97 -69.73 29.75
N LEU I 133 41.88 -70.49 29.82
CA LEU I 133 40.55 -70.03 29.43
C LEU I 133 39.59 -70.20 30.60
N PHE I 134 39.11 -69.08 31.15
CA PHE I 134 38.14 -69.06 32.23
C PHE I 134 36.76 -68.72 31.65
N THR I 135 35.87 -69.71 31.60
CA THR I 135 34.60 -69.59 30.89
C THR I 135 33.42 -70.02 31.74
N ASP I 136 32.24 -69.80 31.19
CA ASP I 136 30.97 -70.31 31.72
C ASP I 136 30.68 -69.81 33.14
N PHE I 137 31.04 -68.56 33.40
CA PHE I 137 30.75 -67.93 34.68
C PHE I 137 29.61 -66.94 34.53
N ASP I 138 29.00 -66.59 35.66
CA ASP I 138 27.85 -65.70 35.65
C ASP I 138 28.28 -64.28 35.28
N SER I 139 27.27 -63.45 34.96
CA SER I 139 27.55 -62.10 34.49
C SER I 139 28.05 -61.20 35.61
N GLN I 140 27.86 -61.59 36.86
CA GLN I 140 28.28 -60.76 38.00
C GLN I 140 29.76 -60.88 38.32
N THR I 141 30.41 -61.96 37.90
CA THR I 141 31.83 -62.12 38.16
C THR I 141 32.64 -61.15 37.32
N ASN I 142 33.71 -60.63 37.91
CA ASN I 142 34.56 -59.63 37.26
C ASN I 142 35.97 -60.17 37.06
N VAL I 143 36.70 -59.51 36.18
CA VAL I 143 38.06 -59.88 35.83
C VAL I 143 38.98 -58.71 36.18
N SER I 144 40.08 -59.01 36.86
CA SER I 144 41.04 -58.00 37.29
C SER I 144 42.36 -58.18 36.54
N GLN I 145 43.04 -57.07 36.29
CA GLN I 145 44.31 -57.10 35.58
C GLN I 145 45.40 -57.70 36.46
N SER I 146 46.45 -58.17 35.80
CA SER I 146 47.54 -58.88 36.49
C SER I 146 48.56 -57.90 37.02
N LYS I 147 48.90 -58.04 38.31
CA LYS I 147 50.00 -57.27 38.88
C LYS I 147 51.32 -57.63 38.22
N ASP I 148 51.43 -58.86 37.73
CA ASP I 148 52.63 -59.29 37.02
C ASP I 148 52.64 -58.70 35.62
N SER I 149 53.74 -58.02 35.27
CA SER I 149 53.86 -57.43 33.95
C SER I 149 54.05 -58.48 32.86
N ASP I 150 54.48 -59.69 33.22
CA ASP I 150 54.70 -60.75 32.25
C ASP I 150 53.49 -61.66 32.07
N VAL I 151 52.38 -61.37 32.74
CA VAL I 151 51.15 -62.15 32.62
C VAL I 151 50.07 -61.25 32.05
N TYR I 152 49.43 -61.69 30.98
CA TYR I 152 48.40 -60.92 30.28
C TYR I 152 47.04 -61.54 30.53
N ILE I 153 46.05 -60.69 30.80
CA ILE I 153 44.68 -61.14 31.05
C ILE I 153 43.73 -60.18 30.34
N THR I 154 42.74 -60.74 29.67
CA THR I 154 41.79 -59.97 28.87
C THR I 154 40.48 -59.74 29.61
N ASP I 155 39.76 -58.70 29.19
CA ASP I 155 38.46 -58.39 29.75
C ASP I 155 37.42 -59.43 29.35
N LYS I 156 36.30 -59.42 30.06
CA LYS I 156 35.24 -60.37 29.80
C LYS I 156 34.49 -60.01 28.52
N CYS I 157 34.42 -60.98 27.60
CA CYS I 157 33.63 -60.85 26.39
C CYS I 157 32.50 -61.88 26.42
N VAL I 158 31.42 -61.59 25.69
CA VAL I 158 30.24 -62.45 25.64
C VAL I 158 30.04 -62.94 24.22
N LEU I 159 29.95 -64.27 24.06
CA LEU I 159 29.69 -64.89 22.78
C LEU I 159 28.28 -65.46 22.76
N ASP I 160 27.67 -65.49 21.59
CA ASP I 160 26.28 -65.89 21.43
C ASP I 160 26.18 -66.99 20.39
N MET I 161 25.56 -68.10 20.77
CA MET I 161 25.27 -69.22 19.86
C MET I 161 23.76 -69.27 19.69
N ARG I 162 23.26 -68.60 18.65
CA ARG I 162 21.82 -68.48 18.45
C ARG I 162 21.18 -69.78 17.96
N SER I 163 21.98 -70.75 17.49
CA SER I 163 21.43 -72.03 17.07
C SER I 163 20.86 -72.83 18.23
N MET I 164 21.33 -72.57 19.46
CA MET I 164 20.84 -73.26 20.64
C MET I 164 20.37 -72.28 21.72
N ASP I 165 20.32 -70.98 21.41
CA ASP I 165 19.92 -69.95 22.37
C ASP I 165 20.80 -69.98 23.62
N PHE I 166 22.09 -70.26 23.42
CA PHE I 166 23.05 -70.39 24.50
C PHE I 166 24.04 -69.24 24.44
N LYS I 167 24.24 -68.58 25.58
CA LYS I 167 25.22 -67.50 25.71
C LYS I 167 26.12 -67.80 26.90
N SER I 168 27.36 -67.33 26.83
CA SER I 168 28.31 -67.61 27.89
C SER I 168 29.39 -66.53 27.92
N ASN I 169 29.94 -66.30 29.10
CA ASN I 169 31.05 -65.37 29.29
C ASN I 169 32.37 -66.14 29.21
N SER I 170 33.46 -65.39 29.10
CA SER I 170 34.76 -66.02 28.89
C SER I 170 35.87 -65.01 29.15
N ALA I 171 37.04 -65.53 29.48
CA ALA I 171 38.24 -64.72 29.70
C ALA I 171 39.46 -65.54 29.30
N VAL I 172 40.47 -64.85 28.78
CA VAL I 172 41.69 -65.47 28.28
C VAL I 172 42.89 -64.88 29.00
N ALA I 173 43.81 -65.74 29.43
CA ALA I 173 45.06 -65.29 30.05
C ALA I 173 46.21 -66.18 29.60
N TRP I 174 47.29 -65.56 29.11
CA TRP I 174 48.46 -66.29 28.65
C TRP I 174 49.71 -65.64 29.22
N SER I 175 50.80 -66.41 29.22
CA SER I 175 52.10 -65.89 29.63
C SER I 175 53.18 -66.83 29.13
N ASN I 176 54.36 -66.28 28.90
CA ASN I 176 55.42 -67.01 28.21
C ASN I 176 56.48 -67.50 29.19
N ALA I 181 51.12 -71.70 35.29
CA ALA I 181 50.05 -72.67 35.44
C ALA I 181 48.69 -71.98 35.50
N CYS I 182 47.69 -72.60 34.90
CA CYS I 182 46.34 -72.03 34.85
C CYS I 182 45.65 -72.01 36.21
N ALA I 183 46.19 -72.71 37.21
CA ALA I 183 45.58 -72.67 38.54
C ALA I 183 45.67 -71.27 39.14
N ASN I 184 46.85 -70.68 39.12
CA ASN I 184 47.04 -69.33 39.64
C ASN I 184 47.06 -68.31 38.52
N ALA J 3 22.40 -37.26 5.53
CA ALA J 3 23.55 -36.72 4.81
C ALA J 3 24.72 -37.68 4.83
N VAL J 4 25.25 -37.99 3.65
CA VAL J 4 26.37 -38.92 3.52
C VAL J 4 27.66 -38.12 3.57
N ILE J 5 28.58 -38.53 4.44
CA ILE J 5 29.84 -37.85 4.66
C ILE J 5 30.98 -38.76 4.24
N SER J 6 31.95 -38.19 3.52
CA SER J 6 33.13 -38.92 3.06
C SER J 6 34.38 -38.29 3.66
N GLN J 7 35.16 -39.09 4.40
CA GLN J 7 36.47 -38.65 4.96
C GLN J 7 37.57 -39.16 4.02
N LYS J 8 38.62 -38.39 3.74
CA LYS J 8 39.66 -38.79 2.74
C LYS J 8 40.58 -39.87 3.33
N PRO J 9 41.41 -39.60 4.36
CA PRO J 9 42.40 -40.56 4.86
C PRO J 9 41.72 -41.59 5.78
N SER J 10 40.88 -42.47 5.21
CA SER J 10 40.17 -43.53 5.98
C SER J 10 41.10 -44.09 7.05
N ARG J 11 42.37 -44.35 6.72
CA ARG J 11 43.35 -44.85 7.71
C ARG J 11 44.69 -44.38 7.17
N ASP J 12 45.65 -44.15 8.06
CA ASP J 12 46.99 -43.79 7.57
C ASP J 12 47.98 -43.92 8.70
N ILE J 13 49.24 -44.08 8.35
CA ILE J 13 50.34 -44.17 9.31
C ILE J 13 51.40 -43.17 8.88
N CYS J 14 51.68 -42.20 9.74
CA CYS J 14 52.62 -41.14 9.42
C CYS J 14 53.76 -41.12 10.44
N GLN J 15 54.90 -40.63 9.98
CA GLN J 15 56.07 -40.49 10.85
C GLN J 15 56.08 -39.11 11.50
N ARG J 16 56.87 -38.98 12.57
CA ARG J 16 56.94 -37.73 13.30
C ARG J 16 57.51 -36.62 12.42
N GLY J 17 56.97 -35.41 12.60
CA GLY J 17 57.42 -34.26 11.85
C GLY J 17 56.73 -34.04 10.52
N THR J 18 55.84 -34.96 10.11
CA THR J 18 55.10 -34.80 8.87
C THR J 18 53.77 -34.09 9.13
N SER J 19 53.10 -33.70 8.05
CA SER J 19 51.81 -33.04 8.12
C SER J 19 50.84 -33.77 7.21
N LEU J 20 49.64 -34.03 7.73
CA LEU J 20 48.60 -34.74 6.99
C LEU J 20 47.33 -33.90 6.96
N THR J 21 46.68 -33.87 5.80
CA THR J 21 45.44 -33.12 5.60
C THR J 21 44.29 -34.11 5.44
N ILE J 22 43.25 -33.94 6.25
CA ILE J 22 42.06 -34.77 6.19
C ILE J 22 40.97 -34.00 5.47
N GLN J 23 40.19 -34.68 4.64
CA GLN J 23 39.11 -34.07 3.89
C GLN J 23 37.77 -34.57 4.38
N CYS J 24 36.76 -33.70 4.31
CA CYS J 24 35.41 -34.03 4.75
C CYS J 24 34.45 -33.50 3.69
N GLN J 25 33.93 -34.39 2.86
CA GLN J 25 33.03 -34.04 1.77
C GLN J 25 31.63 -34.54 2.10
N VAL J 26 30.63 -33.68 1.89
CA VAL J 26 29.25 -33.98 2.22
C VAL J 26 28.54 -33.96 0.87
N ASP J 27 27.53 -34.84 0.75
CA ASP J 27 26.78 -34.92 -0.50
C ASP J 27 25.67 -33.85 -0.66
N SER J 28 25.25 -33.28 0.46
CA SER J 28 24.22 -32.25 0.49
C SER J 28 24.81 -30.97 1.03
N GLN J 29 24.15 -29.85 0.73
CA GLN J 29 24.58 -28.55 1.21
C GLN J 29 24.14 -28.38 2.66
N VAL J 30 25.09 -28.03 3.53
CA VAL J 30 24.87 -28.04 4.96
C VAL J 30 25.36 -26.73 5.57
N THR J 31 24.67 -26.30 6.63
CA THR J 31 25.04 -25.07 7.31
C THR J 31 26.30 -25.26 8.16
N MET J 32 26.30 -26.27 9.02
CA MET J 32 27.34 -26.44 10.03
C MET J 32 28.21 -27.65 9.71
N MET J 33 29.49 -27.53 10.03
CA MET J 33 30.45 -28.61 9.80
C MET J 33 31.49 -28.55 10.90
N PHE J 34 31.58 -29.62 11.69
CA PHE J 34 32.46 -29.68 12.85
C PHE J 34 33.57 -30.68 12.62
N TRP J 35 34.61 -30.57 13.44
CA TRP J 35 35.73 -31.52 13.45
C TRP J 35 35.92 -32.03 14.86
N TYR J 36 35.81 -33.34 15.04
CA TYR J 36 35.94 -33.98 16.34
C TYR J 36 37.19 -34.82 16.40
N ARG J 37 37.46 -35.35 17.60
CA ARG J 37 38.65 -36.15 17.86
C ARG J 37 38.31 -37.12 18.97
N GLN J 38 38.51 -38.42 18.71
CA GLN J 38 38.22 -39.46 19.69
C GLN J 38 39.28 -40.53 19.63
N GLN J 39 39.93 -40.80 20.76
CA GLN J 39 40.84 -41.92 20.82
C GLN J 39 40.02 -43.21 20.75
N PRO J 40 40.66 -44.35 20.43
CA PRO J 40 39.88 -45.59 20.22
C PRO J 40 38.83 -45.86 21.28
N GLY J 41 39.18 -45.72 22.55
CA GLY J 41 38.21 -45.83 23.62
C GLY J 41 38.26 -44.68 24.60
N GLN J 42 37.72 -43.53 24.20
CA GLN J 42 37.81 -42.32 25.02
C GLN J 42 36.61 -41.44 24.68
N SER J 43 36.54 -40.28 25.34
CA SER J 43 35.43 -39.37 25.13
C SER J 43 35.61 -38.54 23.86
N LEU J 44 34.48 -38.09 23.31
CA LEU J 44 34.46 -37.31 22.08
C LEU J 44 34.77 -35.84 22.38
N THR J 45 35.97 -35.40 22.00
CA THR J 45 36.38 -34.01 22.22
C THR J 45 36.17 -33.21 20.94
N LEU J 46 35.49 -32.08 21.06
CA LEU J 46 35.29 -31.18 19.93
C LEU J 46 36.54 -30.35 19.69
N ILE J 47 37.03 -30.35 18.45
CA ILE J 47 38.24 -29.61 18.11
C ILE J 47 37.86 -28.17 17.73
N ALA J 48 37.12 -28.02 16.64
CA ALA J 48 36.76 -26.69 16.16
C ALA J 48 35.54 -26.80 15.25
N THR J 49 34.96 -25.65 14.93
CA THR J 49 33.84 -25.54 14.02
C THR J 49 34.32 -24.91 12.72
N ALA J 50 34.18 -25.62 11.61
CA ALA J 50 34.59 -25.10 10.32
C ALA J 50 33.61 -24.03 9.85
N ASN J 51 34.12 -22.84 9.55
CA ASN J 51 33.30 -21.72 9.13
C ASN J 51 33.63 -21.36 7.68
N GLN J 52 32.59 -21.17 6.87
CA GLN J 52 32.75 -20.83 5.47
C GLN J 52 33.09 -19.36 5.33
N GLY J 53 34.21 -19.07 4.64
CA GLY J 53 34.64 -17.71 4.42
C GLY J 53 35.15 -16.99 5.65
N SER J 54 35.21 -17.65 6.80
CA SER J 54 35.79 -17.06 8.01
C SER J 54 36.87 -17.99 8.56
N GLU J 55 37.35 -17.69 9.76
CA GLU J 55 38.29 -18.59 10.44
C GLU J 55 37.53 -19.52 11.37
N ALA J 56 38.04 -20.74 11.51
CA ALA J 56 37.38 -21.74 12.32
C ALA J 56 37.38 -21.33 13.79
N THR J 57 36.32 -21.70 14.49
CA THR J 57 36.17 -21.39 15.92
C THR J 57 36.72 -22.56 16.72
N TYR J 58 37.94 -22.40 17.21
CA TYR J 58 38.62 -23.50 17.91
C TYR J 58 38.24 -23.54 19.38
N GLU J 59 38.08 -24.74 19.94
CA GLU J 59 37.85 -24.94 21.35
C GLU J 59 39.14 -24.75 22.14
N SER J 60 39.01 -24.68 23.46
CA SER J 60 40.16 -24.42 24.32
C SER J 60 41.19 -25.53 24.18
N GLY J 61 42.46 -25.13 24.02
CA GLY J 61 43.57 -26.05 23.87
C GLY J 61 43.99 -26.28 22.43
N PHE J 62 43.07 -26.14 21.47
CA PHE J 62 43.38 -26.35 20.06
C PHE J 62 43.75 -25.02 19.41
N VAL J 63 44.88 -24.99 18.72
CA VAL J 63 45.45 -23.78 18.16
C VAL J 63 45.46 -23.90 16.64
N ILE J 64 45.30 -22.75 15.97
CA ILE J 64 45.26 -22.72 14.51
C ILE J 64 46.57 -23.22 13.91
N ASP J 65 47.68 -23.07 14.64
CA ASP J 65 48.98 -23.45 14.08
C ASP J 65 49.10 -24.95 13.89
N LYS J 66 48.51 -25.75 14.78
CA LYS J 66 48.61 -27.20 14.67
C LYS J 66 47.43 -27.82 13.93
N PHE J 67 46.24 -27.21 13.99
CA PHE J 67 45.05 -27.73 13.32
C PHE J 67 44.47 -26.67 12.38
N PRO J 68 45.18 -26.35 11.30
CA PRO J 68 44.62 -25.38 10.34
C PRO J 68 43.45 -25.99 9.59
N ILE J 69 42.33 -25.27 9.59
CA ILE J 69 41.08 -25.74 8.99
C ILE J 69 40.65 -24.76 7.91
N SER J 70 40.18 -25.29 6.79
CA SER J 70 39.67 -24.48 5.70
C SER J 70 38.35 -25.06 5.21
N ARG J 71 37.47 -24.17 4.74
CA ARG J 71 36.16 -24.57 4.24
C ARG J 71 35.85 -23.77 2.98
N PRO J 72 36.28 -24.25 1.81
CA PRO J 72 36.02 -23.49 0.58
C PRO J 72 34.55 -23.39 0.23
N ASN J 73 33.79 -24.47 0.44
CA ASN J 73 32.36 -24.51 0.15
C ASN J 73 31.64 -25.05 1.36
N LEU J 74 30.30 -24.97 1.32
CA LEU J 74 29.50 -25.52 2.42
C LEU J 74 29.64 -27.02 2.54
N THR J 75 30.07 -27.70 1.48
CA THR J 75 30.10 -29.16 1.43
C THR J 75 31.49 -29.76 1.63
N PHE J 76 32.53 -28.93 1.74
CA PHE J 76 33.90 -29.43 1.77
C PHE J 76 34.70 -28.70 2.83
N SER J 77 35.48 -29.46 3.60
CA SER J 77 36.37 -28.91 4.62
C SER J 77 37.66 -29.70 4.66
N THR J 78 38.70 -29.06 5.19
CA THR J 78 40.02 -29.67 5.28
C THR J 78 40.57 -29.44 6.68
N LEU J 79 40.91 -30.53 7.37
CA LEU J 79 41.59 -30.47 8.66
C LEU J 79 43.00 -30.99 8.46
N THR J 80 43.98 -30.20 8.91
CA THR J 80 45.39 -30.54 8.78
C THR J 80 46.01 -30.71 10.16
N VAL J 81 46.85 -31.73 10.29
CA VAL J 81 47.59 -31.99 11.51
C VAL J 81 49.06 -31.75 11.19
N SER J 82 49.57 -30.58 11.57
CA SER J 82 50.94 -30.18 11.28
C SER J 82 51.84 -30.50 12.47
N ASN J 83 53.10 -30.80 12.18
CA ASN J 83 54.09 -31.18 13.18
C ASN J 83 53.57 -32.30 14.08
N MET J 84 53.39 -33.46 13.44
CA MET J 84 52.76 -34.60 14.10
C MET J 84 53.67 -35.21 15.16
N SER J 85 53.06 -35.54 16.29
CA SER J 85 53.68 -36.29 17.38
C SER J 85 52.86 -37.55 17.65
N PRO J 86 53.43 -38.53 18.36
CA PRO J 86 52.65 -39.75 18.65
C PRO J 86 51.39 -39.50 19.46
N GLU J 87 51.26 -38.35 20.11
CA GLU J 87 50.06 -38.00 20.85
C GLU J 87 48.92 -37.52 19.96
N ASP J 88 49.19 -37.24 18.68
CA ASP J 88 48.13 -36.92 17.75
C ASP J 88 47.39 -38.14 17.25
N SER J 89 47.91 -39.34 17.54
CA SER J 89 47.28 -40.59 17.13
C SER J 89 45.89 -40.72 17.74
N SER J 90 44.87 -40.66 16.89
CA SER J 90 43.48 -40.65 17.32
C SER J 90 42.60 -40.90 16.10
N ILE J 91 41.29 -40.98 16.33
CA ILE J 91 40.32 -41.10 15.26
C ILE J 91 39.66 -39.74 15.07
N TYR J 92 39.87 -39.14 13.90
CA TYR J 92 39.38 -37.80 13.61
C TYR J 92 38.05 -37.89 12.88
N LEU J 93 36.99 -37.39 13.50
CA LEU J 93 35.64 -37.40 12.97
C LEU J 93 35.23 -36.00 12.55
N CYS J 94 34.39 -35.92 11.51
CA CYS J 94 33.76 -34.67 11.12
C CYS J 94 32.25 -34.86 11.09
N SER J 95 31.52 -34.01 11.82
CA SER J 95 30.08 -34.06 11.87
C SER J 95 29.50 -32.90 11.07
N VAL J 96 28.19 -32.98 10.79
CA VAL J 96 27.55 -32.04 9.89
C VAL J 96 26.12 -31.81 10.36
N ALA J 97 25.68 -30.56 10.27
CA ALA J 97 24.30 -30.17 10.57
C ALA J 97 23.72 -29.43 9.38
N LEU J 98 22.52 -29.82 8.96
CA LEU J 98 21.91 -29.21 7.78
C LEU J 98 21.52 -27.76 8.04
N GLY J 99 20.79 -27.50 9.13
CA GLY J 99 20.46 -26.16 9.52
C GLY J 99 20.84 -25.90 10.96
N SER J 100 21.03 -24.61 11.27
CA SER J 100 21.44 -24.22 12.63
C SER J 100 20.41 -24.63 13.68
N ASP J 101 19.16 -24.80 13.28
CA ASP J 101 18.10 -25.25 14.19
C ASP J 101 17.74 -26.72 14.00
N THR J 102 18.71 -27.57 13.68
CA THR J 102 18.45 -29.00 13.60
C THR J 102 18.99 -29.71 14.84
N GLY J 103 18.41 -30.86 15.15
CA GLY J 103 18.88 -31.65 16.27
C GLY J 103 19.70 -32.86 15.86
N GLU J 104 19.67 -33.20 14.58
CA GLU J 104 20.36 -34.38 14.07
C GLU J 104 21.72 -34.00 13.52
N LEU J 105 22.77 -34.52 14.15
CA LEU J 105 24.14 -34.39 13.65
C LEU J 105 24.54 -35.67 12.94
N PHE J 106 24.98 -35.54 11.69
CA PHE J 106 25.47 -36.68 10.91
C PHE J 106 26.98 -36.76 11.06
N PHE J 107 27.47 -37.92 11.51
CA PHE J 107 28.90 -38.15 11.67
C PHE J 107 29.43 -38.97 10.51
N GLY J 108 30.72 -38.78 10.20
CA GLY J 108 31.39 -39.55 9.17
C GLY J 108 31.88 -40.88 9.69
N GLU J 109 32.50 -41.65 8.78
CA GLU J 109 33.03 -42.95 9.14
C GLU J 109 34.26 -42.83 10.04
N GLY J 110 35.06 -41.79 9.87
CA GLY J 110 36.21 -41.54 10.70
C GLY J 110 37.52 -41.72 9.96
N SER J 111 38.57 -41.21 10.59
CA SER J 111 39.94 -41.32 10.06
C SER J 111 40.85 -41.83 11.17
N ARG J 112 41.29 -43.09 11.05
CA ARG J 112 42.22 -43.64 12.02
C ARG J 112 43.62 -43.14 11.72
N LEU J 113 44.25 -42.51 12.72
CA LEU J 113 45.59 -41.95 12.57
C LEU J 113 46.50 -42.51 13.67
N THR J 114 47.69 -42.94 13.29
CA THR J 114 48.71 -43.40 14.23
C THR J 114 50.05 -42.82 13.81
N VAL J 115 50.59 -41.92 14.61
CA VAL J 115 51.89 -41.30 14.33
C VAL J 115 52.98 -42.09 15.02
N LEU J 116 54.06 -42.38 14.29
CA LEU J 116 55.16 -43.20 14.76
C LEU J 116 56.46 -42.41 14.67
N GLU J 117 57.36 -42.67 15.61
CA GLU J 117 58.68 -42.03 15.56
C GLU J 117 59.56 -42.65 14.49
N ASP J 118 59.59 -43.98 14.43
CA ASP J 118 60.36 -44.72 13.43
C ASP J 118 59.48 -45.77 12.77
N LEU J 119 59.61 -45.90 11.44
CA LEU J 119 58.89 -46.95 10.74
C LEU J 119 59.55 -48.28 11.05
N LYS J 120 60.60 -48.26 11.88
CA LYS J 120 61.32 -49.50 12.22
C LYS J 120 60.51 -50.32 13.22
N ASN J 121 59.64 -49.66 13.95
CA ASN J 121 58.81 -50.32 14.94
C ASN J 121 57.59 -51.08 14.45
N VAL J 122 57.30 -51.03 13.15
CA VAL J 122 56.17 -51.74 12.59
C VAL J 122 56.49 -53.22 12.54
N PHE J 123 55.56 -54.06 13.00
CA PHE J 123 55.72 -55.50 12.98
C PHE J 123 54.37 -56.14 12.67
N PRO J 124 54.34 -57.16 11.81
CA PRO J 124 53.09 -57.86 11.52
C PRO J 124 52.67 -58.72 12.70
N PRO J 125 51.41 -59.13 12.77
CA PRO J 125 50.96 -59.93 13.90
C PRO J 125 51.31 -61.41 13.73
N GLU J 126 51.47 -62.08 14.87
CA GLU J 126 51.75 -63.51 14.92
C GLU J 126 50.50 -64.21 15.44
N VAL J 127 49.79 -64.87 14.54
CA VAL J 127 48.51 -65.51 14.86
C VAL J 127 48.76 -66.96 15.24
N ALA J 128 48.08 -67.41 16.28
CA ALA J 128 48.19 -68.78 16.75
C ALA J 128 46.87 -69.20 17.36
N VAL J 129 46.30 -70.30 16.88
CA VAL J 129 45.04 -70.83 17.37
C VAL J 129 45.34 -71.98 18.32
N PHE J 130 44.68 -72.00 19.47
CA PHE J 130 44.89 -73.01 20.49
C PHE J 130 43.70 -73.95 20.52
N GLU J 131 43.96 -75.26 20.46
CA GLU J 131 42.85 -76.26 20.41
C GLU J 131 41.93 -76.08 21.62
N PRO J 132 40.72 -76.65 21.57
CA PRO J 132 39.87 -76.66 22.75
C PRO J 132 40.44 -77.51 23.89
N SER J 133 39.64 -77.77 24.93
CA SER J 133 40.08 -78.54 26.12
C SER J 133 39.02 -78.42 27.22
N GLU J 134 38.48 -79.55 27.67
CA GLU J 134 37.46 -79.53 28.74
C GLU J 134 37.91 -80.40 29.92
N HIS J 139 32.36 -81.93 30.15
CA HIS J 139 31.20 -81.49 30.93
C HIS J 139 30.22 -80.66 30.10
N THR J 140 30.72 -79.65 29.39
CA THR J 140 29.84 -78.72 28.68
C THR J 140 29.36 -79.26 27.34
N GLN J 141 30.04 -80.26 26.77
CA GLN J 141 29.72 -80.78 25.44
C GLN J 141 29.83 -79.71 24.37
N LYS J 142 30.72 -78.74 24.57
CA LYS J 142 30.96 -77.66 23.62
C LYS J 142 32.45 -77.36 23.59
N ALA J 143 32.96 -77.02 22.41
CA ALA J 143 34.38 -76.77 22.20
C ALA J 143 34.59 -75.29 21.90
N THR J 144 35.55 -74.69 22.59
CA THR J 144 35.84 -73.26 22.45
C THR J 144 37.24 -73.10 21.89
N LEU J 145 37.33 -72.61 20.65
CA LEU J 145 38.61 -72.24 20.06
C LEU J 145 39.03 -70.87 20.57
N VAL J 146 40.32 -70.72 20.87
CA VAL J 146 40.87 -69.45 21.34
C VAL J 146 41.98 -69.04 20.38
N CYS J 147 41.86 -67.84 19.84
CA CYS J 147 42.86 -67.26 18.94
C CYS J 147 43.67 -66.20 19.68
N LEU J 148 44.88 -65.97 19.18
CA LEU J 148 45.81 -65.05 19.84
C LEU J 148 46.70 -64.41 18.78
N ALA J 149 46.56 -63.10 18.60
CA ALA J 149 47.41 -62.32 17.72
C ALA J 149 48.26 -61.39 18.56
N THR J 150 49.59 -61.55 18.46
CA THR J 150 50.51 -60.80 19.29
C THR J 150 51.54 -60.09 18.43
N GLY J 151 52.29 -59.19 19.07
CA GLY J 151 53.40 -58.49 18.43
C GLY J 151 53.05 -57.75 17.16
N PHE J 152 51.98 -56.96 17.18
CA PHE J 152 51.63 -56.11 16.05
C PHE J 152 51.55 -54.65 16.50
N PHE J 153 52.12 -53.77 15.67
CA PHE J 153 52.15 -52.33 15.89
C PHE J 153 52.17 -51.70 14.51
N PRO J 154 51.16 -50.90 14.13
CA PRO J 154 50.04 -50.25 14.82
C PRO J 154 48.87 -51.15 15.14
N ASP J 155 47.89 -50.56 15.81
CA ASP J 155 46.70 -51.25 16.28
C ASP J 155 45.69 -51.50 15.16
N HIS J 156 46.01 -51.16 13.91
CA HIS J 156 45.05 -51.33 12.82
C HIS J 156 44.98 -52.81 12.48
N VAL J 157 44.00 -53.50 13.03
CA VAL J 157 43.81 -54.93 12.79
C VAL J 157 42.32 -55.25 12.84
N GLU J 158 41.92 -56.26 12.06
CA GLU J 158 40.57 -56.80 12.08
C GLU J 158 40.65 -58.31 12.16
N LEU J 159 39.93 -58.90 13.12
CA LEU J 159 39.98 -60.33 13.37
C LEU J 159 38.63 -60.95 13.03
N SER J 160 38.64 -62.01 12.22
CA SER J 160 37.44 -62.70 11.80
C SER J 160 37.69 -64.20 11.83
N TRP J 161 36.62 -64.95 12.10
CA TRP J 161 36.67 -66.40 12.13
C TRP J 161 36.06 -66.98 10.86
N TRP J 162 36.72 -67.99 10.30
CA TRP J 162 36.27 -68.64 9.07
C TRP J 162 36.17 -70.14 9.32
N VAL J 163 34.99 -70.70 9.07
CA VAL J 163 34.73 -72.13 9.24
C VAL J 163 34.34 -72.70 7.89
N ASN J 164 35.14 -73.66 7.39
CA ASN J 164 34.91 -74.30 6.10
C ASN J 164 34.86 -73.27 4.98
N GLY J 165 35.77 -72.30 5.03
CA GLY J 165 35.86 -71.28 3.99
C GLY J 165 34.78 -70.23 4.02
N LYS J 166 33.94 -70.21 5.05
CA LYS J 166 32.88 -69.21 5.17
C LYS J 166 33.03 -68.47 6.50
N GLU J 167 32.86 -67.15 6.46
CA GLU J 167 32.97 -66.34 7.66
C GLU J 167 31.77 -66.58 8.56
N VAL J 168 32.03 -66.80 9.85
CA VAL J 168 31.00 -67.13 10.83
C VAL J 168 30.98 -66.05 11.90
N HIS J 169 29.78 -65.71 12.38
CA HIS J 169 29.61 -64.74 13.46
C HIS J 169 28.96 -65.33 14.70
N SER J 170 28.23 -66.43 14.58
CA SER J 170 27.59 -67.05 15.74
C SER J 170 28.62 -67.80 16.57
N GLY J 171 28.59 -67.58 17.87
CA GLY J 171 29.55 -68.22 18.76
C GLY J 171 30.93 -67.62 18.67
N VAL J 172 31.04 -66.35 18.29
CA VAL J 172 32.31 -65.68 18.11
C VAL J 172 32.44 -64.59 19.16
N CYS J 173 33.67 -64.37 19.64
CA CYS J 173 33.92 -63.41 20.70
C CYS J 173 35.29 -62.79 20.45
N THR J 174 35.37 -61.47 20.60
CA THR J 174 36.63 -60.76 20.39
C THR J 174 36.71 -59.60 21.37
N ASP J 175 37.89 -59.41 21.94
CA ASP J 175 38.10 -58.32 22.87
C ASP J 175 37.93 -56.98 22.15
N PRO J 176 37.22 -56.02 22.75
CA PRO J 176 37.00 -54.75 22.05
C PRO J 176 38.27 -53.92 21.87
N GLN J 177 39.21 -54.01 22.80
CA GLN J 177 40.43 -53.21 22.75
C GLN J 177 41.64 -54.13 22.91
N PRO J 178 42.60 -54.09 21.99
CA PRO J 178 43.81 -54.89 22.17
C PRO J 178 44.71 -54.30 23.25
N LEU J 179 45.22 -55.17 24.11
CA LEU J 179 46.08 -54.72 25.19
C LEU J 179 47.52 -54.56 24.71
N LYS J 180 48.27 -53.74 25.43
CA LYS J 180 49.67 -53.50 25.12
C LYS J 180 50.56 -54.49 25.84
N SER J 188 55.00 -49.52 21.86
CA SER J 188 54.70 -50.80 22.47
C SER J 188 53.88 -51.68 21.53
N ARG J 189 54.23 -52.95 21.46
CA ARG J 189 53.47 -53.90 20.66
C ARG J 189 52.17 -54.26 21.34
N TYR J 190 51.19 -54.67 20.54
CA TYR J 190 49.85 -54.97 21.01
C TYR J 190 49.60 -56.47 20.97
N ALA J 191 48.46 -56.87 21.54
CA ALA J 191 48.05 -58.26 21.58
C ALA J 191 46.53 -58.32 21.62
N LEU J 192 45.96 -59.28 20.90
CA LEU J 192 44.51 -59.40 20.78
C LEU J 192 44.12 -60.88 20.82
N SER J 193 43.05 -61.17 21.56
CA SER J 193 42.54 -62.53 21.69
C SER J 193 41.10 -62.60 21.19
N SER J 194 40.71 -63.78 20.73
CA SER J 194 39.36 -64.00 20.23
C SER J 194 38.96 -65.44 20.50
N ARG J 195 37.65 -65.69 20.49
CA ARG J 195 37.12 -66.99 20.83
C ARG J 195 36.04 -67.42 19.84
N LEU J 196 36.01 -68.72 19.54
CA LEU J 196 34.96 -69.32 18.73
C LEU J 196 34.51 -70.60 19.41
N ARG J 197 33.22 -70.69 19.72
CA ARG J 197 32.65 -71.85 20.39
C ARG J 197 31.71 -72.58 19.45
N VAL J 198 31.84 -73.91 19.39
CA VAL J 198 31.03 -74.76 18.54
C VAL J 198 30.62 -75.99 19.34
N SER J 199 29.74 -76.80 18.75
CA SER J 199 29.31 -78.04 19.37
C SER J 199 30.48 -79.02 19.47
N ALA J 200 30.37 -79.93 20.44
CA ALA J 200 31.41 -80.93 20.62
C ALA J 200 31.47 -81.88 19.43
N THR J 201 30.31 -82.34 18.96
CA THR J 201 30.29 -83.26 17.82
C THR J 201 30.78 -82.57 16.55
N PHE J 202 30.64 -81.24 16.47
CA PHE J 202 31.10 -80.52 15.28
C PHE J 202 32.60 -80.35 15.27
N TRP J 203 33.21 -80.18 16.44
CA TRP J 203 34.67 -80.07 16.51
C TRP J 203 35.34 -81.43 16.40
N GLN J 204 34.74 -82.46 17.00
CA GLN J 204 35.36 -83.80 16.98
C GLN J 204 35.38 -84.41 15.59
N ASN J 205 34.68 -83.84 14.62
CA ASN J 205 34.79 -84.31 13.25
C ASN J 205 36.06 -83.75 12.63
N PRO J 206 36.94 -84.59 12.08
CA PRO J 206 38.27 -84.12 11.66
C PRO J 206 38.27 -83.41 10.32
N ARG J 207 37.20 -83.52 9.53
CA ARG J 207 37.15 -82.89 8.23
C ARG J 207 36.75 -81.41 8.28
N ASN J 208 36.25 -80.93 9.42
CA ASN J 208 35.92 -79.52 9.56
C ASN J 208 37.18 -78.69 9.71
N HIS J 209 37.16 -77.50 9.11
CA HIS J 209 38.31 -76.61 9.07
C HIS J 209 37.98 -75.32 9.80
N PHE J 210 38.75 -75.01 10.85
CA PHE J 210 38.62 -73.79 11.62
C PHE J 210 39.88 -72.95 11.42
N ARG J 211 39.69 -71.67 11.09
CA ARG J 211 40.81 -70.79 10.79
C ARG J 211 40.55 -69.41 11.39
N CYS J 212 41.50 -68.94 12.20
CA CYS J 212 41.46 -67.58 12.73
C CYS J 212 42.23 -66.67 11.79
N GLN J 213 41.60 -65.60 11.29
CA GLN J 213 42.26 -64.73 10.29
C GLN J 213 42.38 -63.30 10.80
N VAL J 214 43.60 -62.77 10.77
CA VAL J 214 43.85 -61.41 11.32
C VAL J 214 44.22 -60.49 10.18
N GLN J 215 43.34 -59.55 9.86
CA GLN J 215 43.62 -58.55 8.83
C GLN J 215 44.52 -57.47 9.42
N PHE J 216 45.67 -57.23 8.79
CA PHE J 216 46.65 -56.27 9.29
C PHE J 216 46.95 -55.24 8.21
N TYR J 217 46.97 -53.96 8.61
CA TYR J 217 47.36 -52.86 7.73
C TYR J 217 48.75 -52.38 8.13
N GLY J 218 49.67 -52.37 7.19
CA GLY J 218 51.02 -51.93 7.48
C GLY J 218 51.61 -51.03 6.41
N LEU J 219 52.86 -51.28 6.05
CA LEU J 219 53.55 -50.45 5.08
C LEU J 219 53.05 -50.74 3.68
N SER J 220 53.00 -49.68 2.85
CA SER J 220 52.61 -49.82 1.46
C SER J 220 53.85 -50.13 0.63
N GLU J 221 53.69 -50.18 -0.70
CA GLU J 221 54.82 -50.45 -1.57
C GLU J 221 55.72 -49.24 -1.78
N ASN J 222 55.18 -48.04 -1.62
CA ASN J 222 55.95 -46.81 -1.85
C ASN J 222 56.83 -46.45 -0.67
N ASP J 223 56.79 -47.21 0.42
CA ASP J 223 57.57 -46.94 1.62
C ASP J 223 58.87 -47.74 1.58
N GLU J 224 59.90 -47.18 2.19
CA GLU J 224 61.24 -47.73 2.12
C GLU J 224 61.56 -48.61 3.32
N TRP J 225 62.34 -49.66 3.06
CA TRP J 225 62.81 -50.60 4.06
C TRP J 225 64.24 -50.99 3.75
N THR J 226 65.13 -50.84 4.74
CA THR J 226 66.55 -51.10 4.52
C THR J 226 67.12 -52.04 5.58
N GLN J 227 66.23 -52.81 6.21
CA GLN J 227 66.66 -53.74 7.29
C GLN J 227 66.54 -55.19 6.82
N ASP J 228 67.48 -56.05 7.23
CA ASP J 228 67.49 -57.47 6.81
C ASP J 228 66.10 -58.05 6.94
N ARG J 229 65.44 -57.77 8.06
CA ARG J 229 64.11 -58.37 8.34
C ARG J 229 63.13 -57.99 7.23
N ALA J 230 62.09 -58.80 7.06
CA ALA J 230 61.12 -58.57 6.01
C ALA J 230 60.34 -57.28 6.27
N LYS J 231 59.91 -56.64 5.19
CA LYS J 231 59.19 -55.38 5.30
C LYS J 231 57.75 -55.65 5.76
N PRO J 232 57.27 -54.94 6.78
CA PRO J 232 55.90 -55.18 7.31
C PRO J 232 54.83 -54.61 6.39
N VAL J 233 54.62 -55.29 5.26
CA VAL J 233 53.59 -54.88 4.31
C VAL J 233 52.22 -55.28 4.84
N THR J 234 51.19 -54.56 4.37
CA THR J 234 49.82 -54.92 4.67
C THR J 234 49.55 -56.37 4.25
N GLN J 235 49.18 -57.21 5.21
CA GLN J 235 49.10 -58.64 4.97
C GLN J 235 48.01 -59.24 5.84
N ILE J 236 47.63 -60.48 5.50
CA ILE J 236 46.64 -61.25 6.26
C ILE J 236 47.38 -62.42 6.86
N VAL J 237 47.66 -62.34 8.15
CA VAL J 237 48.26 -63.46 8.88
C VAL J 237 47.13 -64.27 9.51
N SER J 238 47.24 -65.60 9.43
CA SER J 238 46.19 -66.46 9.92
C SER J 238 46.78 -67.75 10.45
N ALA J 239 46.04 -68.38 11.36
CA ALA J 239 46.36 -69.69 11.88
C ALA J 239 45.10 -70.54 11.86
N GLU J 240 45.26 -71.85 11.77
CA GLU J 240 44.14 -72.75 11.59
C GLU J 240 44.38 -74.05 12.35
N ALA J 241 43.33 -74.84 12.45
CA ALA J 241 43.37 -76.13 13.13
C ALA J 241 42.20 -76.97 12.65
N TRP J 242 42.40 -78.28 12.62
CA TRP J 242 41.40 -79.22 12.15
C TRP J 242 40.85 -80.02 13.33
N GLY J 243 39.67 -80.60 13.11
CA GLY J 243 39.00 -81.39 14.16
C GLY J 243 39.81 -82.59 14.58
N ARG J 244 39.45 -83.20 15.70
CA ARG J 244 40.21 -84.34 16.24
C ARG J 244 39.26 -85.36 16.87
N ALA J 245 39.70 -86.61 17.04
CA ALA J 245 38.90 -87.68 17.67
C ALA J 245 37.53 -87.83 16.99
#